data_8TCY
#
_entry.id   8TCY
#
_cell.length_a   109.760
_cell.length_b   179.602
_cell.length_c   88.240
_cell.angle_alpha   90.00
_cell.angle_beta   106.90
_cell.angle_gamma   90.00
#
_symmetry.space_group_name_H-M   'C 1 2 1'
#
loop_
_entity.id
_entity.type
_entity.pdbx_description
1 polymer 'Pyrroline-5-carboxylate reductase 1, mitochondrial'
2 non-polymer '7-fluoro-2-oxo-1,2,3,4-tetrahydroquinoline-6-carboxylic acid'
3 non-polymer 'SULFATE ION'
4 non-polymer DI(HYDROXYETHYL)ETHER
5 water water
#
_entity_poly.entity_id   1
_entity_poly.type   'polypeptide(L)'
_entity_poly.pdbx_seq_one_letter_code
;MHHHHHHSSGVDLGTENLYFQSMSVGFIGAGQLAFALAKGFTAAGVLAAHKIMASSPDMDLATVSALRKMGVKLTPHNKE
TVQHSDVLFLAVKPHIIPFILDEIGADIEDRHIVVSCAAGVTISSIEKKLSAFRPAPRVIRCMTNTPVVVREGATVYATG
THAQVEDGRLMEQLLSSVGFCTEVEEDLIDAVTGLSGSGPAYAFTALDALADGGVKMGLPRRLAVRLGAQALLGAAKMLL
HSEQHPGQLKDNVSSPGGATIHALHVLESGGFRSLLINAVEASCIRTRELQSMADQEQVSPAAIKKTILDKVKLDS
;
_entity_poly.pdbx_strand_id   A,B,C,D,E
#
loop_
_chem_comp.id
_chem_comp.type
_chem_comp.name
_chem_comp.formula
PEG non-polymer DI(HYDROXYETHYL)ETHER 'C4 H10 O3'
SO4 non-polymer 'SULFATE ION' 'O4 S -2'
ZRE non-polymer '7-fluoro-2-oxo-1,2,3,4-tetrahydroquinoline-6-carboxylic acid' 'C10 H8 F N O3'
#
# COMPACT_ATOMS: atom_id res chain seq x y z
N GLU A 16 35.24 -6.96 -1.53
CA GLU A 16 36.35 -7.63 -2.22
C GLU A 16 36.80 -8.85 -1.44
N ASN A 17 36.79 -8.74 -0.10
CA ASN A 17 37.20 -9.86 0.73
C ASN A 17 36.30 -11.06 0.53
N LEU A 18 34.97 -10.84 0.50
CA LEU A 18 34.02 -11.94 0.34
C LEU A 18 34.19 -12.64 -1.01
N TYR A 19 34.35 -11.85 -2.08
CA TYR A 19 34.56 -12.41 -3.41
C TYR A 19 35.70 -13.43 -3.40
N PHE A 20 36.89 -13.00 -2.95
CA PHE A 20 38.06 -13.89 -2.90
C PHE A 20 37.88 -15.04 -1.91
N GLN A 21 36.87 -15.00 -1.05
CA GLN A 21 36.49 -16.20 -0.32
C GLN A 21 35.95 -17.27 -1.26
N SER A 22 35.49 -16.90 -2.46
CA SER A 22 35.00 -17.85 -3.46
C SER A 22 33.94 -18.76 -2.84
N MET A 23 32.97 -18.12 -2.20
CA MET A 23 31.94 -18.80 -1.45
C MET A 23 30.89 -19.41 -2.36
N SER A 24 30.47 -20.62 -2.04
CA SER A 24 29.35 -21.25 -2.72
C SER A 24 28.08 -21.04 -1.92
N VAL A 25 27.03 -20.59 -2.59
CA VAL A 25 25.76 -20.26 -1.95
C VAL A 25 24.67 -21.12 -2.58
N GLY A 26 23.80 -21.64 -1.73
CA GLY A 26 22.64 -22.38 -2.18
C GLY A 26 21.37 -21.74 -1.67
N PHE A 27 20.31 -21.90 -2.46
CA PHE A 27 18.96 -21.52 -2.06
C PHE A 27 18.08 -22.74 -2.23
N ILE A 28 17.46 -23.19 -1.15
CA ILE A 28 16.35 -24.13 -1.23
C ILE A 28 15.09 -23.27 -1.31
N GLY A 29 14.42 -23.32 -2.45
CA GLY A 29 13.41 -22.34 -2.82
C GLY A 29 13.97 -21.40 -3.87
N ALA A 30 13.23 -21.20 -4.96
CA ALA A 30 13.67 -20.37 -6.09
C ALA A 30 12.63 -19.30 -6.40
N GLY A 31 12.09 -18.66 -5.36
CA GLY A 31 11.03 -17.69 -5.51
C GLY A 31 11.55 -16.27 -5.54
N GLN A 32 10.66 -15.34 -5.19
CA GLN A 32 10.97 -13.91 -5.27
C GLN A 32 12.20 -13.54 -4.44
N LEU A 33 12.26 -14.03 -3.21
CA LEU A 33 13.36 -13.64 -2.32
C LEU A 33 14.68 -14.26 -2.77
N ALA A 34 14.64 -15.52 -3.22
CA ALA A 34 15.85 -16.13 -3.75
C ALA A 34 16.37 -15.35 -4.95
N PHE A 35 15.46 -14.97 -5.85
CA PHE A 35 15.87 -14.15 -6.99
C PHE A 35 16.41 -12.81 -6.54
N ALA A 36 15.70 -12.14 -5.61
CA ALA A 36 16.13 -10.83 -5.14
C ALA A 36 17.54 -10.88 -4.58
N LEU A 37 17.81 -11.85 -3.70
CA LEU A 37 19.13 -11.96 -3.08
C LEU A 37 20.19 -12.36 -4.09
N ALA A 38 19.90 -13.34 -4.94
CA ALA A 38 20.85 -13.69 -6.00
C ALA A 38 21.16 -12.49 -6.88
N LYS A 39 20.11 -11.77 -7.30
CA LYS A 39 20.34 -10.57 -8.09
C LYS A 39 21.17 -9.56 -7.32
N GLY A 40 20.85 -9.35 -6.04
CA GLY A 40 21.61 -8.39 -5.24
C GLY A 40 23.06 -8.78 -5.06
N PHE A 41 23.31 -10.04 -4.69
CA PHE A 41 24.66 -10.49 -4.42
C PHE A 41 25.54 -10.37 -5.65
N THR A 42 24.98 -10.69 -6.82
CA THR A 42 25.78 -10.65 -8.04
C THR A 42 26.04 -9.21 -8.44
N ALA A 43 25.00 -8.37 -8.40
CA ALA A 43 25.19 -6.94 -8.64
C ALA A 43 26.22 -6.36 -7.67
N ALA A 44 26.28 -6.88 -6.44
CA ALA A 44 27.28 -6.40 -5.50
C ALA A 44 28.68 -6.83 -5.88
N GLY A 45 28.81 -7.82 -6.75
CA GLY A 45 30.12 -8.39 -7.00
C GLY A 45 30.64 -9.32 -5.91
N VAL A 46 29.83 -9.60 -4.88
CA VAL A 46 30.34 -10.47 -3.82
C VAL A 46 30.31 -11.93 -4.22
N LEU A 47 29.48 -12.30 -5.18
CA LEU A 47 29.33 -13.68 -5.63
C LEU A 47 29.20 -13.71 -7.14
N ALA A 48 29.81 -14.70 -7.76
CA ALA A 48 29.51 -15.00 -9.16
C ALA A 48 28.19 -15.76 -9.24
N ALA A 49 27.37 -15.41 -10.25
CA ALA A 49 26.06 -16.05 -10.39
C ALA A 49 26.16 -17.58 -10.44
N HIS A 50 27.17 -18.11 -11.15
CA HIS A 50 27.31 -19.55 -11.28
C HIS A 50 27.88 -20.21 -10.02
N LYS A 51 28.27 -19.45 -9.00
CA LYS A 51 28.59 -20.04 -7.72
C LYS A 51 27.36 -20.15 -6.84
N ILE A 52 26.20 -19.75 -7.34
CA ILE A 52 24.91 -19.86 -6.68
C ILE A 52 24.15 -21.04 -7.28
N MET A 53 23.61 -21.91 -6.43
CA MET A 53 22.70 -22.97 -6.87
C MET A 53 21.35 -22.81 -6.19
N ALA A 54 20.28 -23.05 -6.95
CA ALA A 54 18.92 -22.93 -6.43
C ALA A 54 18.13 -24.16 -6.82
N SER A 55 17.31 -24.65 -5.89
CA SER A 55 16.42 -25.76 -6.20
C SER A 55 14.98 -25.33 -6.01
N SER A 56 14.10 -25.92 -6.83
CA SER A 56 12.67 -25.68 -6.79
C SER A 56 11.91 -26.94 -7.17
N PRO A 57 10.84 -27.29 -6.44
CA PRO A 57 9.95 -28.35 -6.92
C PRO A 57 9.20 -27.99 -8.19
N ASP A 58 9.09 -26.70 -8.53
CA ASP A 58 8.42 -26.23 -9.73
C ASP A 58 9.41 -25.41 -10.56
N MET A 59 9.75 -25.92 -11.75
CA MET A 59 10.71 -25.26 -12.63
C MET A 59 10.08 -24.26 -13.60
N ASP A 60 8.76 -24.13 -13.58
CA ASP A 60 8.06 -23.26 -14.52
C ASP A 60 7.83 -21.86 -13.97
N LEU A 61 8.34 -21.55 -12.78
CA LEU A 61 8.20 -20.22 -12.23
C LEU A 61 8.95 -19.21 -13.09
N ALA A 62 8.46 -17.96 -13.08
CA ALA A 62 9.17 -16.90 -13.78
C ALA A 62 10.49 -16.57 -13.08
N THR A 63 10.50 -16.63 -11.75
CA THR A 63 11.74 -16.39 -11.01
C THR A 63 12.80 -17.42 -11.39
N VAL A 64 12.39 -18.69 -11.56
CA VAL A 64 13.33 -19.73 -11.97
C VAL A 64 13.92 -19.40 -13.34
N SER A 65 13.16 -18.77 -14.21
CA SER A 65 13.65 -18.42 -15.55
C SER A 65 14.61 -17.24 -15.51
N ALA A 66 14.29 -16.22 -14.72
CA ALA A 66 15.24 -15.12 -14.52
C ALA A 66 16.52 -15.63 -13.86
N LEU A 67 16.40 -16.55 -12.90
CA LEU A 67 17.60 -17.13 -12.30
C LEU A 67 18.46 -17.80 -13.35
N ARG A 68 17.85 -18.60 -14.23
CA ARG A 68 18.61 -19.20 -15.34
C ARG A 68 19.37 -18.14 -16.12
N LYS A 69 18.67 -17.08 -16.55
CA LYS A 69 19.29 -16.10 -17.42
C LYS A 69 20.48 -15.43 -16.74
N MET A 70 20.38 -15.19 -15.43
CA MET A 70 21.52 -14.71 -14.65
C MET A 70 22.70 -15.66 -14.67
N GLY A 71 22.50 -16.93 -15.01
CA GLY A 71 23.54 -17.93 -14.89
C GLY A 71 23.63 -18.61 -13.54
N VAL A 72 22.60 -18.47 -12.70
CA VAL A 72 22.53 -19.23 -11.46
C VAL A 72 22.26 -20.70 -11.78
N LYS A 73 22.97 -21.60 -11.10
CA LYS A 73 22.72 -23.02 -11.29
C LYS A 73 21.37 -23.42 -10.73
N LEU A 74 20.64 -24.23 -11.47
CA LEU A 74 19.31 -24.69 -11.08
C LEU A 74 19.23 -26.20 -11.16
N THR A 75 18.52 -26.79 -10.19
CA THR A 75 18.38 -28.23 -10.09
C THR A 75 17.06 -28.50 -9.41
N PRO A 76 16.39 -29.61 -9.73
CA PRO A 76 15.19 -29.99 -8.97
C PRO A 76 15.49 -30.71 -7.67
N HIS A 77 16.77 -30.93 -7.34
CA HIS A 77 17.17 -31.78 -6.22
C HIS A 77 17.76 -30.94 -5.09
N ASN A 78 17.05 -30.87 -3.96
CA ASN A 78 17.55 -30.15 -2.79
C ASN A 78 18.90 -30.68 -2.31
N LYS A 79 19.13 -31.99 -2.42
CA LYS A 79 20.40 -32.56 -1.98
C LYS A 79 21.57 -31.96 -2.75
N GLU A 80 21.39 -31.73 -4.05
CA GLU A 80 22.45 -31.11 -4.84
C GLU A 80 22.72 -29.68 -4.36
N THR A 81 21.66 -28.90 -4.11
CA THR A 81 21.87 -27.57 -3.56
C THR A 81 22.67 -27.62 -2.26
N VAL A 82 22.32 -28.57 -1.38
CA VAL A 82 23.02 -28.69 -0.10
C VAL A 82 24.49 -29.03 -0.33
N GLN A 83 24.76 -30.01 -1.19
CA GLN A 83 26.14 -30.46 -1.38
C GLN A 83 26.99 -29.38 -2.04
N HIS A 84 26.38 -28.56 -2.90
CA HIS A 84 27.09 -27.46 -3.53
C HIS A 84 27.43 -26.37 -2.52
N SER A 85 26.53 -26.12 -1.58
CA SER A 85 26.56 -24.88 -0.81
CA SER A 85 26.57 -24.88 -0.82
C SER A 85 27.56 -24.90 0.33
N ASP A 86 28.06 -23.71 0.66
CA ASP A 86 28.76 -23.42 1.90
C ASP A 86 27.81 -22.71 2.86
N VAL A 87 27.18 -21.65 2.38
CA VAL A 87 26.07 -20.96 3.06
C VAL A 87 24.78 -21.38 2.37
N LEU A 88 23.84 -21.92 3.12
CA LEU A 88 22.61 -22.48 2.58
C LEU A 88 21.42 -21.65 3.05
N PHE A 89 20.76 -20.95 2.11
CA PHE A 89 19.58 -20.18 2.43
C PHE A 89 18.33 -21.06 2.32
N LEU A 90 17.48 -21.01 3.33
CA LEU A 90 16.17 -21.67 3.30
C LEU A 90 15.13 -20.61 2.96
N ALA A 91 14.58 -20.69 1.74
CA ALA A 91 13.69 -19.67 1.19
C ALA A 91 12.41 -20.31 0.66
N VAL A 92 11.69 -21.00 1.53
CA VAL A 92 10.43 -21.65 1.20
C VAL A 92 9.38 -21.19 2.19
N LYS A 93 8.13 -21.59 1.91
CA LYS A 93 7.03 -21.28 2.81
C LYS A 93 7.24 -21.99 4.15
N PRO A 94 6.74 -21.41 5.25
CA PRO A 94 7.03 -21.98 6.58
C PRO A 94 6.58 -23.41 6.77
N HIS A 95 5.57 -23.88 6.03
CA HIS A 95 5.06 -25.22 6.22
C HIS A 95 5.80 -26.28 5.43
N ILE A 96 6.69 -25.88 4.50
CA ILE A 96 7.56 -26.85 3.84
C ILE A 96 8.78 -27.18 4.67
N ILE A 97 9.17 -26.29 5.60
CA ILE A 97 10.44 -26.44 6.31
C ILE A 97 10.58 -27.79 7.00
N PRO A 98 9.60 -28.30 7.75
CA PRO A 98 9.76 -29.65 8.32
C PRO A 98 9.96 -30.72 7.27
N PHE A 99 9.22 -30.65 6.15
CA PHE A 99 9.46 -31.57 5.06
C PHE A 99 10.88 -31.41 4.51
N ILE A 100 11.37 -30.17 4.42
CA ILE A 100 12.69 -29.93 3.84
C ILE A 100 13.79 -30.45 4.78
N LEU A 101 13.71 -30.09 6.06
CA LEU A 101 14.75 -30.52 7.00
C LEU A 101 14.78 -32.04 7.15
N ASP A 102 13.62 -32.70 7.07
CA ASP A 102 13.60 -34.17 7.03
C ASP A 102 14.34 -34.68 5.80
N GLU A 103 14.15 -34.01 4.65
CA GLU A 103 14.71 -34.51 3.40
C GLU A 103 16.23 -34.41 3.38
N ILE A 104 16.77 -33.25 3.74
CA ILE A 104 18.20 -33.02 3.55
C ILE A 104 18.95 -32.87 4.87
N GLY A 105 18.30 -33.18 6.00
CA GLY A 105 18.99 -33.09 7.29
C GLY A 105 20.23 -33.97 7.36
N ALA A 106 20.17 -35.15 6.74
CA ALA A 106 21.33 -36.02 6.73
C ALA A 106 22.50 -35.40 5.97
N ASP A 107 22.21 -34.55 4.99
CA ASP A 107 23.24 -33.96 4.13
C ASP A 107 23.85 -32.69 4.68
N ILE A 108 23.33 -32.15 5.78
CA ILE A 108 23.93 -30.98 6.40
C ILE A 108 25.26 -31.37 7.04
N GLU A 109 26.32 -30.66 6.66
CA GLU A 109 27.65 -30.98 7.14
C GLU A 109 28.09 -29.95 8.19
N ASP A 110 29.14 -30.31 8.92
CA ASP A 110 29.69 -29.40 9.93
C ASP A 110 30.13 -28.08 9.30
N ARG A 111 30.51 -28.09 8.04
CA ARG A 111 30.99 -26.89 7.36
C ARG A 111 29.87 -25.94 6.95
N HIS A 112 28.61 -26.36 7.01
CA HIS A 112 27.50 -25.55 6.53
C HIS A 112 27.13 -24.48 7.53
N ILE A 113 26.74 -23.32 7.00
CA ILE A 113 25.94 -22.34 7.72
C ILE A 113 24.55 -22.36 7.10
N VAL A 114 23.54 -22.69 7.91
CA VAL A 114 22.17 -22.77 7.45
C VAL A 114 21.48 -21.45 7.81
N VAL A 115 21.01 -20.74 6.80
CA VAL A 115 20.38 -19.44 7.00
C VAL A 115 18.91 -19.59 6.63
N SER A 116 18.04 -19.48 7.62
CA SER A 116 16.62 -19.61 7.39
C SER A 116 16.05 -18.23 7.12
N CYS A 117 15.43 -18.08 5.96
CA CYS A 117 14.61 -16.92 5.73
C CYS A 117 13.11 -17.21 5.88
N ALA A 118 12.67 -18.46 5.89
CA ALA A 118 11.25 -18.76 5.97
C ALA A 118 10.59 -18.05 7.15
N ALA A 119 9.53 -17.29 6.86
CA ALA A 119 8.94 -16.38 7.85
C ALA A 119 8.42 -17.13 9.08
N GLY A 120 8.67 -16.55 10.25
CA GLY A 120 8.19 -17.12 11.49
C GLY A 120 8.92 -18.35 12.02
N VAL A 121 9.66 -19.07 11.17
CA VAL A 121 10.30 -20.32 11.58
C VAL A 121 11.42 -20.03 12.58
N THR A 122 11.37 -20.70 13.73
CA THR A 122 12.28 -20.37 14.82
C THR A 122 13.60 -21.14 14.73
N ILE A 123 14.66 -20.53 15.24
CA ILE A 123 15.95 -21.20 15.32
C ILE A 123 15.79 -22.53 16.05
N SER A 124 15.04 -22.52 17.16
CA SER A 124 14.79 -23.72 17.95
C SER A 124 14.19 -24.84 17.12
N SER A 125 13.24 -24.53 16.24
CA SER A 125 12.61 -25.59 15.46
C SER A 125 13.60 -26.17 14.46
N ILE A 126 14.44 -25.34 13.87
CA ILE A 126 15.41 -25.84 12.89
C ILE A 126 16.45 -26.72 13.58
N GLU A 127 16.99 -26.23 14.70
CA GLU A 127 18.01 -27.00 15.42
C GLU A 127 17.45 -28.30 15.97
N LYS A 128 16.17 -28.32 16.38
CA LYS A 128 15.57 -29.55 16.84
C LYS A 128 15.64 -30.63 15.75
N LYS A 129 15.23 -30.28 14.53
CA LYS A 129 15.32 -31.21 13.40
C LYS A 129 16.78 -31.58 13.10
N LEU A 130 17.63 -30.57 12.90
CA LEU A 130 18.98 -30.84 12.42
C LEU A 130 19.85 -31.52 13.48
N SER A 131 19.62 -31.24 14.77
CA SER A 131 20.40 -31.88 15.83
C SER A 131 20.24 -33.38 15.86
N ALA A 132 19.17 -33.93 15.27
CA ALA A 132 19.04 -35.36 15.21
C ALA A 132 20.10 -36.01 14.30
N PHE A 133 20.76 -35.22 13.44
CA PHE A 133 21.78 -35.76 12.53
C PHE A 133 23.14 -35.34 13.04
N ARG A 134 23.69 -34.21 12.62
CA ARG A 134 24.93 -33.76 13.22
C ARG A 134 24.64 -32.98 14.51
N PRO A 135 25.52 -33.05 15.51
CA PRO A 135 25.16 -32.53 16.84
C PRO A 135 25.16 -31.00 16.96
N ALA A 136 25.90 -30.27 16.15
CA ALA A 136 26.05 -28.83 16.34
C ALA A 136 25.77 -28.07 15.04
N PRO A 137 24.56 -28.15 14.50
CA PRO A 137 24.26 -27.43 13.26
C PRO A 137 24.39 -25.93 13.47
N ARG A 138 25.02 -25.26 12.51
CA ARG A 138 25.22 -23.80 12.56
C ARG A 138 24.05 -23.13 11.86
N VAL A 139 23.21 -22.45 12.63
CA VAL A 139 21.94 -21.94 12.13
C VAL A 139 21.88 -20.44 12.37
N ILE A 140 21.42 -19.71 11.38
CA ILE A 140 21.17 -18.28 11.49
C ILE A 140 19.78 -18.01 10.94
N ARG A 141 18.97 -17.27 11.69
CA ARG A 141 17.68 -16.83 11.21
C ARG A 141 17.79 -15.40 10.68
N CYS A 142 17.25 -15.17 9.48
CA CYS A 142 17.39 -13.94 8.73
C CYS A 142 16.00 -13.39 8.41
N MET A 143 15.85 -12.06 8.44
CA MET A 143 14.66 -11.39 7.92
C MET A 143 15.13 -10.24 7.04
N THR A 144 14.94 -10.38 5.73
CA THR A 144 15.41 -9.39 4.78
C THR A 144 14.23 -8.98 3.90
N ASN A 145 14.44 -8.18 2.85
CA ASN A 145 13.30 -7.77 2.03
C ASN A 145 13.75 -7.66 0.57
N THR A 146 12.79 -7.37 -0.30
CA THR A 146 13.07 -7.43 -1.74
C THR A 146 14.01 -6.33 -2.26
N PRO A 147 14.12 -5.15 -1.63
CA PRO A 147 15.06 -4.14 -2.17
C PRO A 147 16.55 -4.50 -2.06
N VAL A 148 16.90 -5.67 -1.52
CA VAL A 148 18.25 -6.17 -1.73
C VAL A 148 18.55 -6.22 -3.21
N VAL A 149 17.52 -6.38 -4.04
CA VAL A 149 17.71 -6.44 -5.49
C VAL A 149 18.35 -5.17 -6.06
N VAL A 150 18.15 -4.02 -5.40
CA VAL A 150 18.84 -2.79 -5.78
C VAL A 150 19.86 -2.38 -4.72
N ARG A 151 20.30 -3.36 -3.91
CA ARG A 151 21.30 -3.19 -2.85
C ARG A 151 20.89 -2.13 -1.84
N GLU A 152 19.60 -2.01 -1.56
CA GLU A 152 19.11 -1.15 -0.49
C GLU A 152 18.17 -1.92 0.42
N GLY A 153 18.49 -3.20 0.66
CA GLY A 153 17.69 -3.99 1.56
C GLY A 153 17.79 -3.50 3.00
N ALA A 154 16.88 -4.02 3.82
CA ALA A 154 16.94 -3.90 5.26
C ALA A 154 16.97 -5.30 5.83
N THR A 155 18.07 -5.67 6.49
CA THR A 155 18.24 -7.04 6.95
C THR A 155 18.57 -7.09 8.43
N VAL A 156 17.94 -8.05 9.14
CA VAL A 156 18.35 -8.41 10.49
C VAL A 156 18.55 -9.92 10.52
N TYR A 157 19.33 -10.36 11.50
CA TYR A 157 19.64 -11.78 11.63
C TYR A 157 19.90 -12.06 13.10
N ALA A 158 19.60 -13.30 13.50
CA ALA A 158 19.93 -13.78 14.85
C ALA A 158 20.68 -15.10 14.74
N THR A 159 21.72 -15.23 15.54
CA THR A 159 22.61 -16.38 15.48
C THR A 159 22.11 -17.47 16.42
N GLY A 160 22.21 -18.72 15.96
CA GLY A 160 21.72 -19.86 16.71
C GLY A 160 22.71 -20.33 17.77
N THR A 161 22.36 -21.46 18.39
CA THR A 161 23.15 -22.00 19.49
C THR A 161 24.59 -22.32 19.08
N HIS A 162 24.77 -22.86 17.88
CA HIS A 162 26.09 -23.34 17.48
C HIS A 162 26.78 -22.44 16.47
N ALA A 163 26.18 -21.30 16.10
CA ALA A 163 26.83 -20.38 15.17
C ALA A 163 28.07 -19.78 15.80
N GLN A 164 29.21 -19.91 15.13
CA GLN A 164 30.43 -19.29 15.66
C GLN A 164 30.33 -17.77 15.55
N VAL A 165 31.17 -17.07 16.31
CA VAL A 165 31.19 -15.61 16.22
C VAL A 165 31.55 -15.19 14.81
N GLU A 166 32.45 -15.95 14.16
CA GLU A 166 32.78 -15.65 12.77
C GLU A 166 31.60 -15.90 11.83
N ASP A 167 30.70 -16.82 12.20
CA ASP A 167 29.52 -17.07 11.37
C ASP A 167 28.64 -15.83 11.29
N GLY A 168 28.46 -15.14 12.42
CA GLY A 168 27.63 -13.94 12.42
C GLY A 168 28.27 -12.80 11.67
N ARG A 169 29.60 -12.65 11.79
CA ARG A 169 30.31 -11.60 11.07
C ARG A 169 30.27 -11.84 9.56
N LEU A 170 30.48 -13.10 9.17
CA LEU A 170 30.37 -13.45 7.75
C LEU A 170 28.98 -13.13 7.22
N MET A 171 27.95 -13.51 7.97
CA MET A 171 26.58 -13.21 7.57
CA MET A 171 26.61 -13.20 7.51
C MET A 171 26.38 -11.70 7.45
N GLU A 172 26.83 -10.95 8.47
CA GLU A 172 26.69 -9.52 8.41
C GLU A 172 27.43 -8.94 7.21
N GLN A 173 28.64 -9.44 6.92
CA GLN A 173 29.36 -8.90 5.77
C GLN A 173 28.63 -9.20 4.47
N LEU A 174 28.13 -10.44 4.32
CA LEU A 174 27.39 -10.82 3.13
C LEU A 174 26.12 -9.97 2.97
N LEU A 175 25.32 -9.86 4.01
CA LEU A 175 24.06 -9.14 3.87
C LEU A 175 24.26 -7.64 3.81
N SER A 176 25.37 -7.12 4.37
CA SER A 176 25.64 -5.69 4.24
C SER A 176 25.95 -5.27 2.82
N SER A 177 26.35 -6.22 1.97
CA SER A 177 26.65 -5.86 0.59
C SER A 177 25.39 -5.49 -0.19
N VAL A 178 24.21 -5.82 0.31
CA VAL A 178 22.98 -5.54 -0.44
C VAL A 178 22.02 -4.63 0.34
N GLY A 179 22.50 -3.99 1.41
CA GLY A 179 21.65 -3.07 2.15
C GLY A 179 22.12 -2.90 3.60
N PHE A 180 21.23 -2.35 4.42
CA PHE A 180 21.45 -2.28 5.85
C PHE A 180 21.38 -3.68 6.46
N CYS A 181 22.25 -3.96 7.42
CA CYS A 181 22.19 -5.26 8.09
C CYS A 181 22.67 -5.10 9.53
N THR A 182 21.97 -5.72 10.46
CA THR A 182 22.41 -5.70 11.85
C THR A 182 21.90 -6.94 12.58
N GLU A 183 22.59 -7.31 13.64
CA GLU A 183 22.19 -8.44 14.46
C GLU A 183 21.08 -8.00 15.42
N VAL A 184 20.08 -8.87 15.61
CA VAL A 184 19.06 -8.66 16.64
C VAL A 184 18.94 -9.93 17.47
N GLU A 185 18.42 -9.80 18.69
CA GLU A 185 17.90 -10.96 19.40
C GLU A 185 16.71 -11.53 18.63
N GLU A 186 16.55 -12.85 18.69
CA GLU A 186 15.58 -13.49 17.81
C GLU A 186 14.15 -13.05 18.11
N ASP A 187 13.86 -12.66 19.36
CA ASP A 187 12.48 -12.32 19.68
C ASP A 187 12.01 -11.03 19.05
N LEU A 188 12.90 -10.30 18.37
CA LEU A 188 12.54 -9.09 17.64
C LEU A 188 12.16 -9.35 16.19
N ILE A 189 12.38 -10.56 15.66
CA ILE A 189 12.32 -10.74 14.21
C ILE A 189 10.88 -10.65 13.68
N ASP A 190 9.90 -11.14 14.43
CA ASP A 190 8.55 -11.01 13.90
C ASP A 190 8.14 -9.53 13.79
N ALA A 191 8.59 -8.68 14.73
CA ALA A 191 8.29 -7.26 14.65
C ALA A 191 9.01 -6.59 13.49
N VAL A 192 10.25 -6.99 13.22
CA VAL A 192 10.95 -6.46 12.05
C VAL A 192 10.22 -6.87 10.79
N THR A 193 9.77 -8.13 10.76
CA THR A 193 8.96 -8.60 9.64
C THR A 193 7.80 -7.65 9.37
N GLY A 194 7.11 -7.23 10.44
CA GLY A 194 5.99 -6.33 10.26
C GLY A 194 6.39 -4.96 9.78
N LEU A 195 7.64 -4.57 10.02
CA LEU A 195 8.10 -3.23 9.67
C LEU A 195 8.84 -3.24 8.33
N SER A 196 10.06 -3.76 8.30
CA SER A 196 10.83 -3.70 7.06
C SER A 196 10.62 -4.89 6.14
N GLY A 197 10.29 -6.08 6.66
CA GLY A 197 9.93 -7.18 5.79
C GLY A 197 8.75 -6.84 4.89
N SER A 198 7.62 -6.45 5.51
CA SER A 198 6.43 -6.06 4.76
C SER A 198 6.46 -4.62 4.28
N GLY A 199 7.31 -3.78 4.87
CA GLY A 199 7.40 -2.37 4.52
C GLY A 199 7.39 -2.00 3.04
N PRO A 200 8.18 -2.67 2.21
CA PRO A 200 8.18 -2.30 0.79
C PRO A 200 6.81 -2.40 0.16
N ALA A 201 5.99 -3.36 0.58
CA ALA A 201 4.63 -3.48 0.05
C ALA A 201 3.75 -2.30 0.47
N TYR A 202 3.88 -1.84 1.72
CA TYR A 202 3.18 -0.62 2.13
C TYR A 202 3.57 0.54 1.22
N ALA A 203 4.88 0.63 0.89
CA ALA A 203 5.38 1.73 0.08
C ALA A 203 4.89 1.63 -1.35
N PHE A 204 4.86 0.41 -1.93
CA PHE A 204 4.34 0.26 -3.29
C PHE A 204 2.87 0.64 -3.34
N THR A 205 2.11 0.26 -2.30
CA THR A 205 0.71 0.68 -2.21
C THR A 205 0.59 2.20 -2.13
N ALA A 206 1.37 2.83 -1.25
CA ALA A 206 1.36 4.29 -1.15
C ALA A 206 1.72 4.97 -2.47
N LEU A 207 2.69 4.41 -3.21
CA LEU A 207 3.13 5.04 -4.45
C LEU A 207 2.07 4.93 -5.54
N ASP A 208 1.40 3.78 -5.60
CA ASP A 208 0.29 3.63 -6.53
C ASP A 208 -0.81 4.64 -6.21
N ALA A 209 -1.07 4.87 -4.92
CA ALA A 209 -2.14 5.79 -4.51
C ALA A 209 -1.77 7.24 -4.76
N LEU A 210 -0.52 7.61 -4.42
CA LEU A 210 -0.04 8.97 -4.71
C LEU A 210 -0.09 9.26 -6.20
N ALA A 211 0.28 8.28 -7.04
CA ALA A 211 0.20 8.47 -8.48
C ALA A 211 -1.25 8.70 -8.92
N ASP A 212 -2.19 7.91 -8.38
CA ASP A 212 -3.61 8.15 -8.64
C ASP A 212 -3.99 9.58 -8.28
N GLY A 213 -3.50 10.06 -7.15
CA GLY A 213 -3.79 11.43 -6.75
C GLY A 213 -3.20 12.43 -7.73
N GLY A 214 -1.96 12.19 -8.17
CA GLY A 214 -1.36 13.07 -9.16
C GLY A 214 -2.14 13.08 -10.45
N VAL A 215 -2.55 11.89 -10.93
CA VAL A 215 -3.35 11.81 -12.14
C VAL A 215 -4.71 12.50 -11.95
N LYS A 216 -5.30 12.36 -10.77
CA LYS A 216 -6.57 13.03 -10.54
C LYS A 216 -6.43 14.54 -10.69
N MET A 217 -5.31 15.09 -10.24
CA MET A 217 -5.10 16.53 -10.30
C MET A 217 -4.45 17.01 -11.60
N GLY A 218 -4.27 16.15 -12.59
CA GLY A 218 -3.89 16.60 -13.93
C GLY A 218 -2.55 16.12 -14.44
N LEU A 219 -1.74 15.34 -13.65
CA LEU A 219 -0.43 14.89 -14.12
C LEU A 219 -0.55 13.64 -14.99
N PRO A 220 0.28 13.51 -16.02
CA PRO A 220 0.44 12.20 -16.66
C PRO A 220 0.89 11.16 -15.64
N ARG A 221 0.37 9.94 -15.81
CA ARG A 221 0.71 8.82 -14.92
C ARG A 221 2.22 8.62 -14.80
N ARG A 222 2.91 8.57 -15.93
CA ARG A 222 4.35 8.31 -15.91
C ARG A 222 5.08 9.30 -15.00
N LEU A 223 4.85 10.61 -15.21
CA LEU A 223 5.46 11.64 -14.38
C LEU A 223 5.03 11.52 -12.92
N ALA A 224 3.75 11.22 -12.67
CA ALA A 224 3.28 11.11 -11.30
C ALA A 224 3.93 9.95 -10.57
N VAL A 225 4.14 8.82 -11.26
CA VAL A 225 4.87 7.70 -10.66
C VAL A 225 6.31 8.12 -10.31
N ARG A 226 6.99 8.74 -11.26
CA ARG A 226 8.36 9.21 -11.07
C ARG A 226 8.46 10.18 -9.90
N LEU A 227 7.58 11.18 -9.86
CA LEU A 227 7.65 12.22 -8.82
C LEU A 227 7.36 11.65 -7.45
N GLY A 228 6.36 10.79 -7.34
CA GLY A 228 6.03 10.24 -6.05
C GLY A 228 7.16 9.36 -5.53
N ALA A 229 7.75 8.56 -6.42
CA ALA A 229 8.85 7.69 -6.02
C ALA A 229 10.06 8.49 -5.62
N GLN A 230 10.40 9.53 -6.40
CA GLN A 230 11.51 10.41 -6.04
C GLN A 230 11.27 11.08 -4.69
N ALA A 231 10.02 11.52 -4.44
CA ALA A 231 9.65 12.16 -3.17
C ALA A 231 9.90 11.23 -2.00
N LEU A 232 9.42 9.99 -2.11
CA LEU A 232 9.60 9.03 -1.03
C LEU A 232 11.08 8.71 -0.82
N LEU A 233 11.81 8.51 -1.91
CA LEU A 233 13.23 8.20 -1.81
C LEU A 233 13.99 9.32 -1.13
N GLY A 234 13.77 10.57 -1.55
CA GLY A 234 14.53 11.67 -0.97
C GLY A 234 14.16 11.89 0.48
N ALA A 235 12.90 11.67 0.82
CA ALA A 235 12.49 11.87 2.21
C ALA A 235 13.11 10.80 3.12
N ALA A 236 13.09 9.55 2.67
CA ALA A 236 13.75 8.47 3.41
C ALA A 236 15.23 8.75 3.59
N LYS A 237 15.89 9.16 2.50
CA LYS A 237 17.31 9.50 2.59
C LYS A 237 17.54 10.66 3.56
N MET A 238 16.67 11.67 3.50
CA MET A 238 16.76 12.79 4.42
C MET A 238 16.74 12.32 5.87
N LEU A 239 15.75 11.48 6.21
CA LEU A 239 15.65 10.94 7.57
C LEU A 239 16.90 10.15 7.95
N LEU A 240 17.37 9.27 7.06
CA LEU A 240 18.54 8.45 7.36
C LEU A 240 19.78 9.30 7.58
N HIS A 241 19.90 10.44 6.90
CA HIS A 241 21.09 11.28 7.01
C HIS A 241 20.99 12.35 8.09
N SER A 242 19.83 12.55 8.70
CA SER A 242 19.68 13.52 9.77
C SER A 242 19.60 12.82 11.12
N GLU A 243 20.08 13.50 12.16
CA GLU A 243 19.85 13.05 13.52
C GLU A 243 18.48 13.47 14.04
N GLN A 244 17.59 13.89 13.15
CA GLN A 244 16.37 14.59 13.51
C GLN A 244 15.19 13.64 13.62
N HIS A 245 14.28 13.97 14.51
CA HIS A 245 13.04 13.21 14.63
C HIS A 245 12.20 13.42 13.37
N PRO A 246 11.53 12.37 12.89
CA PRO A 246 10.68 12.57 11.69
C PRO A 246 9.61 13.63 11.89
N GLY A 247 9.08 13.81 13.09
CA GLY A 247 8.17 14.92 13.34
C GLY A 247 8.82 16.28 13.19
N GLN A 248 10.10 16.39 13.57
CA GLN A 248 10.83 17.63 13.34
C GLN A 248 10.99 17.91 11.85
N LEU A 249 11.35 16.88 11.05
CA LEU A 249 11.42 17.10 9.61
C LEU A 249 10.05 17.51 9.06
N LYS A 250 8.98 16.86 9.53
CA LYS A 250 7.64 17.25 9.13
C LYS A 250 7.38 18.70 9.47
N ASP A 251 7.67 19.11 10.71
CA ASP A 251 7.54 20.51 11.09
C ASP A 251 8.32 21.41 10.15
N ASN A 252 9.57 21.03 9.87
CA ASN A 252 10.46 21.91 9.12
C ASN A 252 9.92 22.20 7.72
N VAL A 253 9.17 21.27 7.13
CA VAL A 253 8.75 21.49 5.74
C VAL A 253 7.30 21.97 5.61
N SER A 254 6.56 22.08 6.71
CA SER A 254 5.16 22.51 6.63
C SER A 254 5.03 24.00 6.96
N SER A 255 5.01 24.85 5.91
CA SER A 255 4.90 26.27 6.14
C SER A 255 3.49 26.66 6.64
N PRO A 256 3.37 27.71 7.44
CA PRO A 256 2.07 28.09 7.99
C PRO A 256 1.03 28.40 6.92
N GLY A 257 -0.17 27.84 7.08
CA GLY A 257 -1.23 28.05 6.12
C GLY A 257 -1.03 27.38 4.77
N GLY A 258 0.06 26.63 4.62
CA GLY A 258 0.48 26.12 3.33
C GLY A 258 -0.26 24.90 2.83
N ALA A 259 0.10 24.51 1.60
CA ALA A 259 -0.50 23.34 0.98
C ALA A 259 -0.18 22.06 1.76
N THR A 260 1.04 21.96 2.29
CA THR A 260 1.46 20.73 2.93
C THR A 260 0.69 20.48 4.23
N ILE A 261 0.57 21.51 5.08
CA ILE A 261 -0.17 21.34 6.34
C ILE A 261 -1.66 21.04 6.06
N HIS A 262 -2.23 21.62 4.99
CA HIS A 262 -3.60 21.25 4.63
C HIS A 262 -3.68 19.76 4.29
N ALA A 263 -2.69 19.24 3.57
CA ALA A 263 -2.71 17.84 3.18
C ALA A 263 -2.49 16.94 4.38
N LEU A 264 -1.60 17.35 5.30
CA LEU A 264 -1.41 16.56 6.52
C LEU A 264 -2.73 16.44 7.31
N HIS A 265 -3.53 17.49 7.36
CA HIS A 265 -4.78 17.43 8.12
C HIS A 265 -5.69 16.34 7.57
N VAL A 266 -5.87 16.31 6.25
CA VAL A 266 -6.73 15.26 5.70
C VAL A 266 -6.15 13.87 5.94
N LEU A 267 -4.82 13.71 5.98
CA LEU A 267 -4.28 12.40 6.36
C LEU A 267 -4.66 12.06 7.81
N GLU A 268 -4.44 13.02 8.71
CA GLU A 268 -4.81 12.80 10.10
C GLU A 268 -6.28 12.43 10.24
N SER A 269 -7.15 13.11 9.47
CA SER A 269 -8.58 12.92 9.62
C SER A 269 -9.02 11.52 9.24
N GLY A 270 -8.24 10.84 8.41
CA GLY A 270 -8.53 9.45 8.12
C GLY A 270 -7.79 8.46 8.99
N GLY A 271 -7.03 8.94 9.98
CA GLY A 271 -6.28 8.03 10.82
C GLY A 271 -5.15 7.33 10.10
N PHE A 272 -4.56 7.96 9.08
CA PHE A 272 -3.34 7.53 8.39
C PHE A 272 -2.31 6.84 9.28
N ARG A 273 -1.89 7.54 10.33
CA ARG A 273 -0.91 6.96 11.26
C ARG A 273 -1.40 5.63 11.82
N SER A 274 -2.65 5.57 12.30
CA SER A 274 -3.14 4.33 12.88
C SER A 274 -3.14 3.18 11.88
N LEU A 275 -3.33 3.47 10.59
CA LEU A 275 -3.37 2.40 9.60
C LEU A 275 -2.03 1.72 9.46
N LEU A 276 -0.96 2.51 9.43
CA LEU A 276 0.40 1.96 9.35
C LEU A 276 0.78 1.22 10.63
N ILE A 277 0.36 1.73 11.79
CA ILE A 277 0.54 0.94 13.01
C ILE A 277 -0.24 -0.38 12.91
N ASN A 278 -1.49 -0.31 12.45
CA ASN A 278 -2.29 -1.52 12.27
C ASN A 278 -1.56 -2.51 11.38
N ALA A 279 -0.92 -2.01 10.33
CA ALA A 279 -0.27 -2.87 9.35
C ALA A 279 0.92 -3.61 9.98
N VAL A 280 1.87 -2.86 10.56
CA VAL A 280 3.00 -3.48 11.25
C VAL A 280 2.51 -4.54 12.23
N GLU A 281 1.48 -4.21 13.00
CA GLU A 281 0.96 -5.14 14.01
C GLU A 281 0.37 -6.39 13.36
N ALA A 282 -0.38 -6.22 12.27
CA ALA A 282 -1.03 -7.36 11.64
C ALA A 282 0.01 -8.30 11.03
N SER A 283 1.05 -7.74 10.41
CA SER A 283 2.12 -8.54 9.83
C SER A 283 2.91 -9.28 10.90
N CYS A 284 3.25 -8.58 11.99
CA CYS A 284 3.91 -9.23 13.13
C CYS A 284 3.07 -10.36 13.69
N ILE A 285 1.79 -10.09 13.96
CA ILE A 285 0.94 -11.12 14.56
C ILE A 285 0.82 -12.33 13.64
N ARG A 286 0.62 -12.09 12.35
CA ARG A 286 0.57 -13.19 11.39
C ARG A 286 1.85 -14.02 11.44
N THR A 287 3.00 -13.35 11.49
CA THR A 287 4.27 -14.06 11.56
C THR A 287 4.31 -14.95 12.80
N ARG A 288 3.82 -14.44 13.94
CA ARG A 288 3.72 -15.25 15.15
C ARG A 288 2.79 -16.44 14.96
N GLU A 289 1.70 -16.27 14.21
CA GLU A 289 0.79 -17.40 13.96
C GLU A 289 1.46 -18.48 13.14
N LEU A 290 2.29 -18.08 12.17
CA LEU A 290 3.06 -19.06 11.39
C LEU A 290 4.15 -19.72 12.25
N GLN A 291 4.70 -19.00 13.23
CA GLN A 291 5.67 -19.59 14.14
C GLN A 291 5.00 -20.53 15.14
N SER A 292 3.73 -20.26 15.47
CA SER A 292 2.93 -21.11 16.35
C SER A 292 2.44 -22.37 15.63
N MET A 293 2.72 -22.50 14.35
CA MET A 293 2.58 -23.79 13.69
C MET A 293 3.94 -24.41 13.39
N ALA A 294 5.01 -23.61 13.35
CA ALA A 294 6.36 -24.16 13.30
C ALA A 294 6.72 -24.83 14.62
N ASP A 295 6.35 -24.22 15.75
CA ASP A 295 6.62 -24.81 17.05
C ASP A 295 5.63 -25.92 17.38
N GLN A 296 4.34 -25.68 17.17
CA GLN A 296 3.32 -26.68 17.48
C GLN A 296 2.51 -27.06 16.24
N ASN B 17 31.01 15.85 -14.20
CA ASN B 17 31.94 16.89 -13.80
C ASN B 17 31.45 18.29 -14.16
N LEU B 18 30.27 18.62 -13.64
CA LEU B 18 29.59 19.88 -13.91
C LEU B 18 30.07 20.98 -12.95
N TYR B 19 30.19 22.21 -13.48
CA TYR B 19 30.54 23.37 -12.66
C TYR B 19 30.32 24.69 -13.39
N PHE B 20 29.53 25.59 -12.81
CA PHE B 20 29.15 26.85 -13.45
C PHE B 20 30.15 27.93 -13.07
N GLN B 21 31.18 28.11 -13.90
CA GLN B 21 32.27 29.01 -13.56
C GLN B 21 31.81 30.47 -13.50
N SER B 22 30.90 30.88 -14.38
CA SER B 22 30.53 32.28 -14.49
C SER B 22 29.15 32.57 -13.92
N MET B 23 28.64 31.75 -13.01
CA MET B 23 27.31 31.92 -12.45
C MET B 23 27.40 32.35 -11.00
N SER B 24 26.69 33.42 -10.66
CA SER B 24 26.54 33.87 -9.27
C SER B 24 25.08 33.70 -8.87
N VAL B 25 24.83 32.97 -7.78
CA VAL B 25 23.47 32.64 -7.36
C VAL B 25 23.09 33.46 -6.14
N GLY B 26 21.87 33.98 -6.14
CA GLY B 26 21.31 34.68 -5.00
C GLY B 26 20.02 34.05 -4.51
N PHE B 27 19.81 34.13 -3.20
CA PHE B 27 18.56 33.73 -2.55
C PHE B 27 17.98 34.92 -1.82
N ILE B 28 16.77 35.28 -2.17
CA ILE B 28 15.96 36.19 -1.37
C ILE B 28 15.07 35.33 -0.49
N GLY B 29 15.31 35.39 0.82
CA GLY B 29 14.81 34.39 1.73
C GLY B 29 15.94 33.47 2.14
N ALA B 30 16.08 33.19 3.43
CA ALA B 30 17.10 32.27 3.92
C ALA B 30 16.47 31.21 4.81
N GLY B 31 15.27 30.77 4.43
CA GLY B 31 14.55 29.75 5.16
C GLY B 31 15.03 28.36 4.80
N GLN B 32 14.13 27.39 4.98
CA GLN B 32 14.53 25.99 4.83
C GLN B 32 14.87 25.65 3.38
N LEU B 33 14.09 26.15 2.42
CA LEU B 33 14.34 25.82 1.01
C LEU B 33 15.62 26.47 0.49
N ALA B 34 15.90 27.70 0.89
CA ALA B 34 17.16 28.33 0.49
C ALA B 34 18.35 27.55 1.04
N PHE B 35 18.30 27.15 2.32
CA PHE B 35 19.39 26.36 2.87
C PHE B 35 19.52 25.02 2.15
N ALA B 36 18.39 24.36 1.88
CA ALA B 36 18.44 23.04 1.27
C ALA B 36 19.12 23.09 -0.10
N LEU B 37 18.71 24.05 -0.93
CA LEU B 37 19.28 24.22 -2.26
C LEU B 37 20.75 24.62 -2.21
N ALA B 38 21.10 25.57 -1.33
CA ALA B 38 22.49 25.99 -1.23
C ALA B 38 23.37 24.83 -0.78
N LYS B 39 22.88 24.04 0.18
CA LYS B 39 23.60 22.86 0.64
C LYS B 39 23.71 21.82 -0.47
N GLY B 40 22.62 21.56 -1.17
CA GLY B 40 22.68 20.62 -2.28
C GLY B 40 23.67 21.05 -3.36
N PHE B 41 23.57 22.32 -3.79
CA PHE B 41 24.44 22.81 -4.85
C PHE B 41 25.90 22.71 -4.45
N THR B 42 26.21 23.03 -3.18
CA THR B 42 27.61 22.98 -2.75
C THR B 42 28.08 21.55 -2.61
N ALA B 43 27.28 20.69 -2.00
CA ALA B 43 27.63 19.28 -1.94
C ALA B 43 27.84 18.70 -3.33
N ALA B 44 27.06 19.16 -4.30
CA ALA B 44 27.16 18.60 -5.65
C ALA B 44 28.43 19.03 -6.36
N GLY B 45 29.09 20.09 -5.87
CA GLY B 45 30.29 20.63 -6.47
C GLY B 45 30.06 21.53 -7.65
N VAL B 46 28.79 21.83 -7.98
CA VAL B 46 28.48 22.67 -9.13
C VAL B 46 28.64 24.15 -8.82
N LEU B 47 28.84 24.50 -7.56
CA LEU B 47 28.79 25.89 -7.13
C LEU B 47 29.59 26.01 -5.85
N ALA B 48 30.57 26.90 -5.84
CA ALA B 48 31.29 27.21 -4.61
C ALA B 48 30.40 28.02 -3.68
N ALA B 49 30.55 27.80 -2.38
CA ALA B 49 29.65 28.45 -1.42
C ALA B 49 29.77 29.97 -1.48
N HIS B 50 30.98 30.49 -1.72
CA HIS B 50 31.16 31.94 -1.69
C HIS B 50 30.59 32.63 -2.92
N LYS B 51 30.29 31.89 -3.98
CA LYS B 51 29.61 32.44 -5.14
C LYS B 51 28.08 32.41 -4.97
N ILE B 52 27.62 32.14 -3.74
CA ILE B 52 26.21 32.17 -3.38
C ILE B 52 26.02 33.25 -2.32
N MET B 53 24.95 34.03 -2.46
CA MET B 53 24.58 35.05 -1.48
C MET B 53 23.10 34.93 -1.16
N ALA B 54 22.75 35.03 0.12
CA ALA B 54 21.36 34.98 0.54
C ALA B 54 21.03 36.15 1.44
N SER B 55 19.75 36.55 1.44
CA SER B 55 19.29 37.67 2.25
C SER B 55 18.02 37.28 2.99
N SER B 56 17.89 37.79 4.21
CA SER B 56 16.75 37.52 5.07
C SER B 56 16.50 38.72 5.96
N PRO B 57 15.24 39.02 6.30
CA PRO B 57 14.97 40.08 7.27
C PRO B 57 15.29 39.68 8.70
N ASP B 58 15.57 38.40 8.95
CA ASP B 58 15.82 37.87 10.29
C ASP B 58 17.19 37.19 10.26
N MET B 59 18.23 37.92 10.67
CA MET B 59 19.59 37.40 10.70
C MET B 59 19.88 36.49 11.90
N ASP B 60 18.85 36.01 12.60
CA ASP B 60 19.01 35.11 13.74
C ASP B 60 18.24 33.81 13.55
N LEU B 61 18.10 33.38 12.30
CA LEU B 61 17.46 32.10 12.01
C LEU B 61 18.48 30.97 12.16
N ALA B 62 17.97 29.77 12.45
CA ALA B 62 18.86 28.60 12.50
C ALA B 62 19.52 28.36 11.15
N THR B 63 18.75 28.51 10.07
CA THR B 63 19.29 28.36 8.72
C THR B 63 20.35 29.42 8.42
N VAL B 64 20.15 30.64 8.91
CA VAL B 64 21.13 31.69 8.68
C VAL B 64 22.44 31.36 9.39
N SER B 65 22.36 30.77 10.59
CA SER B 65 23.57 30.32 11.26
C SER B 65 24.25 29.20 10.49
N ALA B 66 23.45 28.33 9.83
CA ALA B 66 24.01 27.23 9.06
C ALA B 66 24.65 27.70 7.75
N LEU B 67 23.99 28.61 7.02
CA LEU B 67 24.57 29.13 5.78
C LEU B 67 25.94 29.76 6.02
N ARG B 68 26.11 30.43 7.16
CA ARG B 68 27.39 31.09 7.42
C ARG B 68 28.51 30.07 7.58
N LYS B 69 28.23 28.94 8.23
CA LYS B 69 29.24 27.90 8.35
C LYS B 69 29.67 27.40 6.97
N MET B 70 28.70 27.20 6.06
CA MET B 70 29.02 26.78 4.70
C MET B 70 29.86 27.81 3.96
N GLY B 71 29.83 29.07 4.35
CA GLY B 71 30.53 30.12 3.64
C GLY B 71 29.69 30.89 2.65
N VAL B 72 28.37 30.73 2.68
CA VAL B 72 27.49 31.52 1.83
C VAL B 72 27.51 32.96 2.31
N LYS B 73 27.65 33.90 1.38
CA LYS B 73 27.63 35.31 1.76
C LYS B 73 26.22 35.66 2.25
N LEU B 74 26.14 36.32 3.40
CA LEU B 74 24.88 36.71 4.00
C LEU B 74 24.79 38.24 4.04
N THR B 75 23.59 38.76 3.81
CA THR B 75 23.34 40.20 3.88
C THR B 75 21.89 40.41 4.26
N PRO B 76 21.58 41.50 4.98
CA PRO B 76 20.17 41.79 5.25
C PRO B 76 19.44 42.50 4.11
N HIS B 77 20.13 42.95 3.07
CA HIS B 77 19.54 43.81 2.06
C HIS B 77 19.29 43.03 0.76
N ASN B 78 18.03 42.98 0.36
CA ASN B 78 17.66 42.28 -0.87
C ASN B 78 18.35 42.88 -2.08
N LYS B 79 18.48 44.21 -2.14
CA LYS B 79 19.16 44.82 -3.29
C LYS B 79 20.60 44.31 -3.39
N GLU B 80 21.24 44.06 -2.26
CA GLU B 80 22.59 43.51 -2.27
C GLU B 80 22.61 42.13 -2.93
N THR B 81 21.64 41.28 -2.59
CA THR B 81 21.52 39.98 -3.25
C THR B 81 21.32 40.14 -4.76
N VAL B 82 20.42 41.04 -5.16
CA VAL B 82 20.12 41.21 -6.58
C VAL B 82 21.34 41.69 -7.34
N GLN B 83 22.12 42.60 -6.75
CA GLN B 83 23.26 43.13 -7.45
C GLN B 83 24.42 42.15 -7.51
N HIS B 84 24.49 41.20 -6.59
CA HIS B 84 25.52 40.16 -6.64
C HIS B 84 25.18 39.05 -7.64
N SER B 85 23.91 38.81 -7.90
CA SER B 85 23.48 37.54 -8.48
C SER B 85 23.23 37.62 -9.97
N ASP B 86 23.34 36.46 -10.62
CA ASP B 86 22.86 36.22 -11.97
C ASP B 86 21.55 35.44 -11.94
N VAL B 87 21.55 34.31 -11.26
CA VAL B 87 20.36 33.52 -11.01
C VAL B 87 19.85 33.91 -9.62
N LEU B 88 18.61 34.35 -9.54
CA LEU B 88 18.02 34.90 -8.32
C LEU B 88 16.84 34.04 -7.93
N PHE B 89 16.99 33.26 -6.85
CA PHE B 89 15.92 32.43 -6.33
C PHE B 89 15.05 33.24 -5.38
N LEU B 90 13.74 33.17 -5.55
CA LEU B 90 12.80 33.79 -4.62
C LEU B 90 12.27 32.68 -3.72
N ALA B 91 12.81 32.59 -2.50
CA ALA B 91 12.39 31.55 -1.58
C ALA B 91 11.81 32.18 -0.31
N VAL B 92 10.71 32.91 -0.48
CA VAL B 92 10.02 33.56 0.62
C VAL B 92 8.55 33.17 0.58
N LYS B 93 7.83 33.55 1.63
CA LYS B 93 6.40 33.32 1.71
C LYS B 93 5.70 34.13 0.61
N PRO B 94 4.57 33.63 0.09
CA PRO B 94 3.94 34.29 -1.06
C PRO B 94 3.45 35.70 -0.78
N HIS B 95 3.02 36.01 0.45
CA HIS B 95 2.47 37.33 0.72
C HIS B 95 3.54 38.42 0.68
N ILE B 96 4.82 38.06 0.83
CA ILE B 96 5.88 39.06 0.75
C ILE B 96 6.30 39.35 -0.68
N ILE B 97 6.06 38.41 -1.60
CA ILE B 97 6.52 38.56 -2.99
C ILE B 97 6.16 39.91 -3.60
N PRO B 98 4.91 40.39 -3.54
CA PRO B 98 4.62 41.71 -4.14
C PRO B 98 5.45 42.83 -3.54
N PHE B 99 5.79 42.73 -2.25
CA PHE B 99 6.62 43.76 -1.64
C PHE B 99 8.09 43.59 -2.01
N ILE B 100 8.54 42.34 -2.15
CA ILE B 100 9.90 42.07 -2.63
C ILE B 100 10.10 42.62 -4.03
N LEU B 101 9.20 42.26 -4.95
CA LEU B 101 9.36 42.69 -6.34
C LEU B 101 9.30 44.20 -6.46
N ASP B 102 8.46 44.86 -5.65
CA ASP B 102 8.50 46.32 -5.61
C ASP B 102 9.84 46.81 -5.11
N GLU B 103 10.42 46.12 -4.12
CA GLU B 103 11.66 46.59 -3.52
C GLU B 103 12.84 46.50 -4.50
N ILE B 104 13.00 45.36 -5.16
CA ILE B 104 14.15 45.14 -6.03
C ILE B 104 13.80 45.25 -7.50
N GLY B 105 12.55 45.61 -7.84
CA GLY B 105 12.15 45.65 -9.24
C GLY B 105 13.02 46.56 -10.09
N ALA B 106 13.31 47.76 -9.59
CA ALA B 106 14.22 48.67 -10.28
C ALA B 106 15.63 48.11 -10.43
N ASP B 107 15.98 47.05 -9.70
CA ASP B 107 17.34 46.53 -9.74
C ASP B 107 17.49 45.31 -10.64
N ILE B 108 16.43 44.85 -11.28
CA ILE B 108 16.50 43.70 -12.18
C ILE B 108 17.08 44.13 -13.52
N GLU B 109 18.15 43.46 -13.95
CA GLU B 109 18.84 43.75 -15.21
C GLU B 109 18.54 42.66 -16.25
N ASP B 110 19.06 42.86 -17.46
CA ASP B 110 18.86 41.89 -18.53
C ASP B 110 19.53 40.56 -18.19
N ARG B 111 20.64 40.58 -17.46
CA ARG B 111 21.37 39.35 -17.16
C ARG B 111 20.62 38.44 -16.19
N HIS B 112 19.62 38.96 -15.48
CA HIS B 112 19.00 38.26 -14.37
C HIS B 112 18.04 37.19 -14.85
N ILE B 113 18.12 36.01 -14.25
CA ILE B 113 17.07 35.01 -14.36
C ILE B 113 16.43 34.93 -12.98
N VAL B 114 15.13 35.22 -12.92
CA VAL B 114 14.38 35.19 -11.67
C VAL B 114 13.67 33.84 -11.59
N VAL B 115 13.99 33.07 -10.56
CA VAL B 115 13.44 31.74 -10.34
C VAL B 115 12.58 31.80 -9.08
N SER B 116 11.25 31.77 -9.24
CA SER B 116 10.37 31.86 -8.10
C SER B 116 10.05 30.47 -7.56
N CYS B 117 10.38 30.24 -6.29
CA CYS B 117 9.91 29.06 -5.56
C CYS B 117 8.81 29.41 -4.57
N ALA B 118 8.27 30.62 -4.62
CA ALA B 118 7.25 31.03 -3.66
C ALA B 118 5.96 30.29 -3.96
N ALA B 119 5.24 29.92 -2.89
CA ALA B 119 4.14 28.96 -3.01
C ALA B 119 2.96 29.56 -3.76
N GLY B 120 2.62 28.98 -4.91
CA GLY B 120 1.49 29.42 -5.70
C GLY B 120 1.63 30.76 -6.39
N VAL B 121 2.81 31.37 -6.36
CA VAL B 121 2.99 32.65 -7.05
C VAL B 121 3.19 32.38 -8.54
N THR B 122 2.29 32.87 -9.37
CA THR B 122 2.27 32.58 -10.79
C THR B 122 3.30 33.43 -11.56
N ILE B 123 3.68 32.91 -12.73
CA ILE B 123 4.59 33.63 -13.62
C ILE B 123 3.98 34.95 -14.03
N SER B 124 2.67 34.95 -14.30
CA SER B 124 1.97 36.17 -14.70
C SER B 124 2.12 37.27 -13.66
N SER B 125 1.92 36.93 -12.37
CA SER B 125 1.98 37.98 -11.36
C SER B 125 3.38 38.55 -11.25
N ILE B 126 4.41 37.70 -11.37
CA ILE B 126 5.78 38.21 -11.26
C ILE B 126 6.14 39.05 -12.48
N GLU B 127 5.81 38.56 -13.68
CA GLU B 127 6.12 39.33 -14.88
C GLU B 127 5.38 40.66 -14.91
N LYS B 128 4.13 40.67 -14.45
CA LYS B 128 3.36 41.92 -14.46
C LYS B 128 4.02 42.96 -13.57
N LYS B 129 4.43 42.57 -12.36
CA LYS B 129 5.08 43.51 -11.45
C LYS B 129 6.45 43.94 -11.97
N LEU B 130 7.26 42.98 -12.44
CA LEU B 130 8.62 43.31 -12.90
C LEU B 130 8.62 44.08 -14.22
N SER B 131 7.64 43.83 -15.10
CA SER B 131 7.62 44.54 -16.38
C SER B 131 7.33 46.02 -16.22
N ALA B 132 6.83 46.45 -15.05
CA ALA B 132 6.62 47.87 -14.81
C ALA B 132 7.95 48.62 -14.74
N PHE B 133 9.03 47.92 -14.39
CA PHE B 133 10.36 48.52 -14.26
C PHE B 133 11.21 48.33 -15.50
N ARG B 134 11.12 47.18 -16.16
CA ARG B 134 11.96 46.87 -17.29
C ARG B 134 11.26 45.79 -18.11
N PRO B 135 11.08 45.97 -19.40
CA PRO B 135 10.36 44.95 -20.18
C PRO B 135 11.18 43.67 -20.27
N ALA B 136 10.47 42.60 -20.58
CA ALA B 136 11.06 41.29 -20.82
C ALA B 136 11.87 40.74 -19.63
N PRO B 137 11.35 40.74 -18.40
CA PRO B 137 12.06 40.03 -17.32
C PRO B 137 12.04 38.53 -17.58
N ARG B 138 13.19 37.89 -17.36
CA ARG B 138 13.35 36.44 -17.58
C ARG B 138 12.94 35.71 -16.31
N VAL B 139 11.80 35.00 -16.34
CA VAL B 139 11.19 34.43 -15.15
C VAL B 139 11.01 32.94 -15.34
N ILE B 140 11.34 32.19 -14.30
CA ILE B 140 11.13 30.75 -14.26
C ILE B 140 10.44 30.42 -12.94
N ARG B 141 9.38 29.60 -13.02
CA ARG B 141 8.69 29.15 -11.85
C ARG B 141 9.18 27.76 -11.50
N CYS B 142 9.51 27.54 -10.25
CA CYS B 142 10.16 26.32 -9.79
C CYS B 142 9.31 25.71 -8.68
N MET B 143 9.18 24.39 -8.71
CA MET B 143 8.57 23.67 -7.58
C MET B 143 9.52 22.54 -7.21
N THR B 144 10.14 22.67 -6.06
CA THR B 144 11.14 21.71 -5.63
C THR B 144 10.79 21.30 -4.20
N ASN B 145 11.61 20.44 -3.58
CA ASN B 145 11.33 19.99 -2.23
C ASN B 145 12.63 19.90 -1.43
N THR B 146 12.48 19.66 -0.13
CA THR B 146 13.65 19.78 0.72
C THR B 146 14.70 18.68 0.51
N PRO B 147 14.35 17.45 0.01
CA PRO B 147 15.41 16.45 -0.19
C PRO B 147 16.51 16.83 -1.19
N VAL B 148 16.43 18.02 -1.82
CA VAL B 148 17.59 18.55 -2.54
C VAL B 148 18.77 18.66 -1.59
N VAL B 149 18.49 18.78 -0.29
CA VAL B 149 19.56 18.91 0.70
C VAL B 149 20.43 17.66 0.72
N VAL B 150 19.90 16.51 0.32
CA VAL B 150 20.69 15.29 0.17
C VAL B 150 20.81 14.90 -1.31
N ARG B 151 20.59 15.87 -2.20
CA ARG B 151 20.70 15.69 -3.66
C ARG B 151 19.76 14.60 -4.17
N GLU B 152 18.57 14.50 -3.57
CA GLU B 152 17.53 13.59 -4.05
C GLU B 152 16.20 14.30 -4.11
N GLY B 153 16.23 15.59 -4.43
CA GLY B 153 15.01 16.34 -4.61
C GLY B 153 14.27 15.88 -5.85
N ALA B 154 13.04 16.37 -5.95
CA ALA B 154 12.25 16.24 -7.15
C ALA B 154 11.84 17.66 -7.51
N THR B 155 12.20 18.10 -8.71
CA THR B 155 12.00 19.49 -9.09
C THR B 155 11.31 19.55 -10.45
N VAL B 156 10.30 20.41 -10.57
CA VAL B 156 9.80 20.77 -11.88
C VAL B 156 9.92 22.29 -12.03
N TYR B 157 9.91 22.74 -13.27
CA TYR B 157 10.03 24.17 -13.54
C TYR B 157 9.23 24.48 -14.80
N ALA B 158 8.76 25.73 -14.90
CA ALA B 158 8.06 26.22 -16.06
C ALA B 158 8.68 27.55 -16.47
N THR B 159 8.91 27.73 -17.77
CA THR B 159 9.60 28.93 -18.26
C THR B 159 8.63 30.05 -18.60
N GLY B 160 9.04 31.28 -18.28
CA GLY B 160 8.19 32.43 -18.50
C GLY B 160 8.22 32.92 -19.94
N THR B 161 7.48 34.01 -20.16
CA THR B 161 7.35 34.60 -21.50
C THR B 161 8.70 34.90 -22.13
N HIS B 162 9.62 35.46 -21.34
CA HIS B 162 10.84 36.03 -21.90
C HIS B 162 12.09 35.23 -21.59
N ALA B 163 11.96 34.08 -20.94
CA ALA B 163 13.12 33.24 -20.68
C ALA B 163 13.60 32.61 -21.97
N GLN B 164 14.89 32.72 -22.25
CA GLN B 164 15.46 32.11 -23.44
C GLN B 164 15.46 30.58 -23.31
N VAL B 165 15.62 29.93 -24.47
CA VAL B 165 15.79 28.48 -24.47
C VAL B 165 16.92 28.08 -23.53
N GLU B 166 18.04 28.80 -23.61
CA GLU B 166 19.20 28.51 -22.77
C GLU B 166 18.94 28.75 -21.28
N ASP B 167 17.95 29.58 -20.92
CA ASP B 167 17.66 29.81 -19.51
C ASP B 167 17.08 28.56 -18.86
N GLY B 168 16.11 27.91 -19.53
CA GLY B 168 15.54 26.70 -18.97
C GLY B 168 16.53 25.55 -18.94
N ARG B 169 17.32 25.39 -20.01
CA ARG B 169 18.34 24.35 -20.03
C ARG B 169 19.34 24.55 -18.90
N LEU B 170 19.77 25.79 -18.68
CA LEU B 170 20.67 26.08 -17.57
C LEU B 170 20.03 25.73 -16.23
N MET B 171 18.76 26.13 -16.05
CA MET B 171 18.09 25.81 -14.79
C MET B 171 17.92 24.30 -14.62
N GLU B 172 17.62 23.58 -15.70
CA GLU B 172 17.54 22.14 -15.58
C GLU B 172 18.89 21.54 -15.23
N GLN B 173 19.96 22.06 -15.81
CA GLN B 173 21.30 21.58 -15.47
C GLN B 173 21.58 21.75 -13.98
N LEU B 174 21.30 22.95 -13.46
CA LEU B 174 21.59 23.25 -12.06
C LEU B 174 20.73 22.41 -11.11
N LEU B 175 19.42 22.31 -11.38
CA LEU B 175 18.55 21.59 -10.47
C LEU B 175 18.66 20.08 -10.63
N SER B 176 19.11 19.59 -11.79
CA SER B 176 19.44 18.18 -11.93
C SER B 176 20.58 17.77 -11.03
N SER B 177 21.43 18.71 -10.60
CA SER B 177 22.56 18.32 -9.75
C SER B 177 22.12 17.98 -8.34
N VAL B 178 20.87 18.26 -7.96
CA VAL B 178 20.38 18.02 -6.60
C VAL B 178 19.16 17.12 -6.58
N GLY B 179 18.84 16.46 -7.71
CA GLY B 179 17.80 15.47 -7.75
C GLY B 179 17.19 15.39 -9.14
N PHE B 180 15.99 14.80 -9.20
CA PHE B 180 15.26 14.75 -10.46
C PHE B 180 14.78 16.16 -10.82
N CYS B 181 14.78 16.48 -12.12
CA CYS B 181 14.31 17.78 -12.56
C CYS B 181 13.77 17.65 -13.99
N THR B 182 12.61 18.23 -14.25
CA THR B 182 12.10 18.25 -15.63
C THR B 182 11.24 19.48 -15.85
N GLU B 183 11.02 19.81 -17.12
CA GLU B 183 10.18 20.95 -17.47
C GLU B 183 8.73 20.50 -17.52
N VAL B 184 7.83 21.33 -16.98
CA VAL B 184 6.40 21.11 -17.13
C VAL B 184 5.73 22.40 -17.58
N GLU B 185 4.51 22.25 -18.10
CA GLU B 185 3.60 23.37 -18.25
C GLU B 185 3.22 23.92 -16.87
N GLU B 186 3.05 25.24 -16.79
CA GLU B 186 2.87 25.88 -15.48
C GLU B 186 1.60 25.41 -14.80
N ASP B 187 0.57 25.06 -15.56
CA ASP B 187 -0.68 24.64 -14.92
C ASP B 187 -0.61 23.23 -14.33
N LEU B 188 0.56 22.59 -14.36
CA LEU B 188 0.78 21.34 -13.65
C LEU B 188 1.48 21.52 -12.30
N ILE B 189 1.95 22.74 -11.99
CA ILE B 189 2.75 22.93 -10.78
C ILE B 189 1.92 22.77 -9.51
N ASP B 190 0.65 23.16 -9.53
CA ASP B 190 -0.20 22.91 -8.37
C ASP B 190 -0.30 21.42 -8.07
N ALA B 191 -0.45 20.59 -9.11
CA ALA B 191 -0.56 19.14 -8.92
C ALA B 191 0.77 18.56 -8.46
N VAL B 192 1.89 19.03 -9.03
CA VAL B 192 3.19 18.56 -8.58
C VAL B 192 3.42 18.92 -7.11
N THR B 193 2.99 20.12 -6.70
CA THR B 193 3.07 20.49 -5.28
C THR B 193 2.39 19.46 -4.40
N GLY B 194 1.18 19.05 -4.76
CA GLY B 194 0.45 18.09 -3.96
C GLY B 194 1.12 16.74 -3.92
N LEU B 195 1.88 16.40 -4.96
CA LEU B 195 2.55 15.10 -5.06
C LEU B 195 3.96 15.16 -4.47
N SER B 196 4.89 15.81 -5.17
CA SER B 196 6.28 15.76 -4.70
C SER B 196 6.69 16.94 -3.83
N GLY B 197 6.00 18.08 -3.91
CA GLY B 197 6.30 19.16 -2.97
C GLY B 197 5.95 18.78 -1.54
N SER B 198 4.71 18.33 -1.31
CA SER B 198 4.25 17.91 0.01
C SER B 198 4.62 16.46 0.31
N GLY B 199 4.98 15.66 -0.71
CA GLY B 199 5.32 14.26 -0.52
C GLY B 199 6.24 13.89 0.63
N PRO B 200 7.34 14.63 0.80
CA PRO B 200 8.24 14.30 1.91
C PRO B 200 7.58 14.38 3.28
N ALA B 201 6.68 15.35 3.48
CA ALA B 201 5.93 15.42 4.74
C ALA B 201 5.03 14.21 4.92
N TYR B 202 4.39 13.74 3.84
CA TYR B 202 3.60 12.52 3.94
C TYR B 202 4.48 11.36 4.40
N ALA B 203 5.70 11.29 3.87
CA ALA B 203 6.63 10.22 4.21
C ALA B 203 7.14 10.33 5.64
N PHE B 204 7.45 11.56 6.10
CA PHE B 204 7.87 11.71 7.49
C PHE B 204 6.76 11.27 8.44
N THR B 205 5.51 11.64 8.12
CA THR B 205 4.35 11.16 8.88
C THR B 205 4.28 9.63 8.87
N ALA B 206 4.40 9.02 7.68
CA ALA B 206 4.39 7.56 7.58
C ALA B 206 5.52 6.94 8.38
N LEU B 207 6.72 7.49 8.31
CA LEU B 207 7.86 6.92 9.01
C LEU B 207 7.68 6.99 10.52
N ASP B 208 7.14 8.09 11.03
CA ASP B 208 6.85 8.20 12.46
C ASP B 208 5.84 7.13 12.90
N ALA B 209 4.80 6.91 12.10
CA ALA B 209 3.76 5.94 12.44
C ALA B 209 4.28 4.52 12.33
N LEU B 210 5.03 4.20 11.26
CA LEU B 210 5.64 2.89 11.16
C LEU B 210 6.54 2.61 12.35
N ALA B 211 7.30 3.62 12.78
CA ALA B 211 8.18 3.41 13.93
C ALA B 211 7.37 3.16 15.20
N ASP B 212 6.24 3.88 15.35
CA ASP B 212 5.32 3.63 16.46
C ASP B 212 4.83 2.20 16.43
N GLY B 213 4.48 1.70 15.23
CA GLY B 213 4.08 0.31 15.09
C GLY B 213 5.20 -0.65 15.44
N GLY B 214 6.42 -0.35 14.98
CA GLY B 214 7.56 -1.15 15.39
C GLY B 214 7.74 -1.17 16.89
N VAL B 215 7.68 0.00 17.54
CA VAL B 215 7.80 0.07 18.99
C VAL B 215 6.68 -0.73 19.66
N LYS B 216 5.45 -0.62 19.14
CA LYS B 216 4.35 -1.35 19.79
C LYS B 216 4.64 -2.84 19.82
N MET B 217 5.15 -3.39 18.72
CA MET B 217 5.45 -4.82 18.61
C MET B 217 6.79 -5.20 19.25
N GLY B 218 7.49 -4.29 19.91
CA GLY B 218 8.64 -4.67 20.74
C GLY B 218 10.00 -4.15 20.26
N LEU B 219 10.10 -3.33 19.15
CA LEU B 219 11.42 -2.86 18.71
C LEU B 219 11.86 -1.61 19.45
N PRO B 220 13.18 -1.47 19.68
CA PRO B 220 13.70 -0.16 20.10
C PRO B 220 13.37 0.90 19.06
N ARG B 221 13.03 2.09 19.57
CA ARG B 221 12.63 3.21 18.71
C ARG B 221 13.66 3.50 17.62
N ARG B 222 14.94 3.60 17.99
CA ARG B 222 15.97 3.95 17.03
C ARG B 222 16.03 2.95 15.88
N LEU B 223 16.13 1.66 16.20
CA LEU B 223 16.10 0.59 15.20
C LEU B 223 14.83 0.66 14.37
N ALA B 224 13.69 0.96 14.99
CA ALA B 224 12.45 0.99 14.21
C ALA B 224 12.45 2.15 13.22
N VAL B 225 12.99 3.31 13.61
CA VAL B 225 13.10 4.43 12.67
C VAL B 225 14.04 4.05 11.52
N ARG B 226 15.18 3.43 11.84
CA ARG B 226 16.16 3.08 10.82
C ARG B 226 15.57 2.11 9.80
N LEU B 227 14.97 1.01 10.29
CA LEU B 227 14.42 -0.01 9.42
C LEU B 227 13.29 0.53 8.55
N GLY B 228 12.39 1.31 9.14
CA GLY B 228 11.28 1.84 8.39
C GLY B 228 11.76 2.79 7.31
N ALA B 229 12.76 3.61 7.62
CA ALA B 229 13.31 4.50 6.61
C ALA B 229 14.01 3.72 5.52
N GLN B 230 14.79 2.70 5.91
CA GLN B 230 15.47 1.87 4.92
C GLN B 230 14.47 1.18 4.00
N ALA B 231 13.34 0.72 4.56
CA ALA B 231 12.34 0.01 3.78
C ALA B 231 11.74 0.93 2.72
N LEU B 232 11.41 2.15 3.12
CA LEU B 232 10.85 3.13 2.20
C LEU B 232 11.86 3.53 1.14
N LEU B 233 13.10 3.77 1.54
CA LEU B 233 14.13 4.14 0.58
C LEU B 233 14.33 3.03 -0.45
N GLY B 234 14.41 1.77 0.02
CA GLY B 234 14.62 0.67 -0.89
C GLY B 234 13.46 0.46 -1.84
N ALA B 235 12.23 0.57 -1.33
CA ALA B 235 11.06 0.40 -2.19
C ALA B 235 11.03 1.47 -3.27
N ALA B 236 11.25 2.73 -2.89
CA ALA B 236 11.29 3.82 -3.86
C ALA B 236 12.38 3.58 -4.89
N LYS B 237 13.56 3.14 -4.45
CA LYS B 237 14.62 2.86 -5.41
C LYS B 237 14.24 1.73 -6.34
N MET B 238 13.64 0.65 -5.79
CA MET B 238 13.19 -0.44 -6.65
C MET B 238 12.29 0.07 -7.77
N LEU B 239 11.26 0.84 -7.42
CA LEU B 239 10.33 1.36 -8.41
C LEU B 239 11.07 2.21 -9.44
N LEU B 240 11.89 3.16 -8.99
CA LEU B 240 12.61 4.03 -9.92
C LEU B 240 13.45 3.23 -10.87
N HIS B 241 14.06 2.14 -10.39
CA HIS B 241 14.94 1.34 -11.24
C HIS B 241 14.22 0.21 -11.96
N SER B 242 12.94 0.03 -11.70
CA SER B 242 12.13 -0.98 -12.38
C SER B 242 11.34 -0.32 -13.51
N GLU B 243 10.99 -1.12 -14.50
CA GLU B 243 10.01 -0.69 -15.49
C GLU B 243 8.60 -1.03 -15.06
N GLN B 244 8.43 -1.82 -14.00
CA GLN B 244 7.18 -2.47 -13.66
C GLN B 244 6.25 -1.56 -12.86
N HIS B 245 4.98 -1.92 -12.89
CA HIS B 245 3.95 -1.19 -12.16
C HIS B 245 4.15 -1.37 -10.65
N PRO B 246 3.88 -0.34 -9.84
CA PRO B 246 3.95 -0.53 -8.37
C PRO B 246 3.06 -1.66 -7.88
N GLY B 247 1.92 -1.90 -8.53
CA GLY B 247 1.12 -3.06 -8.17
C GLY B 247 1.87 -4.37 -8.40
N GLN B 248 2.63 -4.45 -9.48
CA GLN B 248 3.39 -5.67 -9.76
C GLN B 248 4.46 -5.90 -8.71
N LEU B 249 5.16 -4.83 -8.30
CA LEU B 249 6.17 -4.98 -7.27
C LEU B 249 5.52 -5.38 -5.94
N LYS B 250 4.35 -4.82 -5.64
CA LYS B 250 3.60 -5.22 -4.45
C LYS B 250 3.24 -6.71 -4.51
N ASP B 251 2.85 -7.19 -5.69
CA ASP B 251 2.54 -8.61 -5.85
C ASP B 251 3.75 -9.48 -5.51
N ASN B 252 4.95 -9.04 -5.90
CA ASN B 252 6.17 -9.84 -5.69
C ASN B 252 6.52 -10.00 -4.21
N VAL B 253 6.20 -9.01 -3.37
CA VAL B 253 6.50 -9.10 -1.94
C VAL B 253 5.47 -9.93 -1.18
N SER B 254 4.26 -10.07 -1.71
CA SER B 254 3.14 -10.64 -0.96
C SER B 254 3.04 -12.13 -1.25
N SER B 255 3.73 -12.94 -0.45
CA SER B 255 3.61 -14.38 -0.56
C SER B 255 2.23 -14.87 -0.11
N PRO B 256 1.70 -15.90 -0.76
CA PRO B 256 0.35 -16.38 -0.41
C PRO B 256 0.19 -16.70 1.07
N GLY B 257 -0.89 -16.17 1.66
CA GLY B 257 -1.20 -16.41 3.05
C GLY B 257 -0.29 -15.75 4.07
N GLY B 258 0.66 -14.94 3.62
CA GLY B 258 1.76 -14.49 4.47
C GLY B 258 1.45 -13.25 5.27
N ALA B 259 2.49 -12.79 5.97
CA ALA B 259 2.39 -11.63 6.84
C ALA B 259 2.05 -10.37 6.06
N THR B 260 2.67 -10.19 4.90
CA THR B 260 2.53 -8.94 4.16
C THR B 260 1.11 -8.77 3.62
N ILE B 261 0.55 -9.81 2.97
CA ILE B 261 -0.82 -9.71 2.45
C ILE B 261 -1.81 -9.48 3.59
N HIS B 262 -1.55 -10.03 4.78
CA HIS B 262 -2.40 -9.72 5.92
C HIS B 262 -2.33 -8.23 6.29
N ALA B 263 -1.14 -7.66 6.31
CA ALA B 263 -1.02 -6.24 6.65
C ALA B 263 -1.61 -5.36 5.55
N LEU B 264 -1.45 -5.75 4.28
CA LEU B 264 -2.05 -4.97 3.21
C LEU B 264 -3.57 -4.91 3.36
N HIS B 265 -4.19 -6.00 3.83
CA HIS B 265 -5.64 -6.01 3.98
C HIS B 265 -6.08 -4.97 4.99
N VAL B 266 -5.39 -4.86 6.13
CA VAL B 266 -5.80 -3.85 7.10
C VAL B 266 -5.54 -2.43 6.57
N LEU B 267 -4.50 -2.21 5.75
CA LEU B 267 -4.38 -0.91 5.07
C LEU B 267 -5.61 -0.63 4.22
N GLU B 268 -5.98 -1.59 3.37
CA GLU B 268 -7.14 -1.42 2.50
C GLU B 268 -8.41 -1.15 3.30
N SER B 269 -8.56 -1.84 4.44
CA SER B 269 -9.80 -1.71 5.21
C SER B 269 -9.99 -0.30 5.75
N GLY B 270 -8.89 0.43 6.00
CA GLY B 270 -8.94 1.82 6.40
C GLY B 270 -8.97 2.81 5.25
N GLY B 271 -9.02 2.36 4.01
CA GLY B 271 -8.97 3.28 2.89
C GLY B 271 -7.64 4.00 2.76
N PHE B 272 -6.54 3.36 3.15
CA PHE B 272 -5.18 3.92 3.01
C PHE B 272 -4.97 4.63 1.69
N ARG B 273 -5.30 3.96 0.58
CA ARG B 273 -5.06 4.55 -0.72
C ARG B 273 -5.77 5.90 -0.85
N SER B 274 -7.05 5.94 -0.47
CA SER B 274 -7.84 7.16 -0.64
C SER B 274 -7.29 8.32 0.20
N LEU B 275 -6.69 8.02 1.35
CA LEU B 275 -6.14 9.09 2.18
C LEU B 275 -5.01 9.83 1.45
N LEU B 276 -4.14 9.07 0.77
CA LEU B 276 -3.08 9.68 -0.01
C LEU B 276 -3.62 10.43 -1.22
N ILE B 277 -4.65 9.90 -1.90
CA ILE B 277 -5.28 10.67 -2.97
C ILE B 277 -5.87 11.96 -2.41
N ASN B 278 -6.60 11.84 -1.29
CA ASN B 278 -7.12 13.00 -0.57
C ASN B 278 -6.02 14.03 -0.34
N ALA B 279 -4.86 13.58 0.12
CA ALA B 279 -3.76 14.47 0.47
C ALA B 279 -3.24 15.22 -0.75
N VAL B 280 -2.87 14.48 -1.81
CA VAL B 280 -2.43 15.12 -3.05
C VAL B 280 -3.46 16.17 -3.49
N GLU B 281 -4.74 15.79 -3.48
CA GLU B 281 -5.78 16.70 -3.89
C GLU B 281 -5.83 17.95 -3.00
N ALA B 282 -5.81 17.76 -1.68
CA ALA B 282 -5.95 18.89 -0.76
C ALA B 282 -4.80 19.87 -0.91
N SER B 283 -3.57 19.35 -1.10
CA SER B 283 -2.40 20.21 -1.28
C SER B 283 -2.47 20.97 -2.61
N CYS B 284 -2.91 20.30 -3.69
CA CYS B 284 -3.05 20.98 -4.97
C CYS B 284 -4.13 22.06 -4.90
N ILE B 285 -5.27 21.74 -4.29
CA ILE B 285 -6.34 22.74 -4.20
C ILE B 285 -5.91 23.95 -3.38
N ARG B 286 -5.20 23.72 -2.27
CA ARG B 286 -4.70 24.84 -1.48
C ARG B 286 -3.74 25.69 -2.30
N THR B 287 -2.87 25.04 -3.08
CA THR B 287 -1.97 25.76 -3.95
C THR B 287 -2.74 26.65 -4.94
N ARG B 288 -3.86 26.15 -5.47
CA ARG B 288 -4.68 26.98 -6.36
C ARG B 288 -5.29 28.16 -5.62
N GLU B 289 -5.72 27.96 -4.38
CA GLU B 289 -6.21 29.10 -3.60
C GLU B 289 -5.12 30.15 -3.45
N LEU B 290 -3.86 29.72 -3.28
CA LEU B 290 -2.76 30.66 -3.19
C LEU B 290 -2.44 31.30 -4.56
N GLN B 291 -2.53 30.52 -5.64
CA GLN B 291 -2.37 31.11 -6.99
C GLN B 291 -3.45 32.15 -7.25
N SER B 292 -4.64 31.97 -6.68
CA SER B 292 -5.71 32.95 -6.86
C SER B 292 -5.39 34.24 -6.13
N MET B 293 -4.88 34.15 -4.90
CA MET B 293 -4.52 35.38 -4.19
C MET B 293 -3.37 36.09 -4.89
N ALA B 294 -2.44 35.33 -5.50
CA ALA B 294 -1.39 35.93 -6.31
C ALA B 294 -1.96 36.67 -7.50
N ASP B 295 -2.97 36.09 -8.17
CA ASP B 295 -3.56 36.70 -9.35
C ASP B 295 -4.68 37.70 -9.02
N GLN B 296 -5.00 37.87 -7.73
CA GLN B 296 -6.02 38.84 -7.31
C GLN B 296 -5.37 40.02 -6.61
N SER C 22 -18.26 -41.25 -26.76
CA SER C 22 -17.87 -42.60 -26.35
C SER C 22 -17.97 -42.77 -24.84
N MET C 23 -18.08 -41.64 -24.13
CA MET C 23 -18.06 -41.60 -22.68
C MET C 23 -19.46 -41.38 -22.12
N SER C 24 -19.71 -41.98 -20.95
CA SER C 24 -21.01 -41.89 -20.29
C SER C 24 -20.86 -41.14 -18.97
N VAL C 25 -21.69 -40.12 -18.77
CA VAL C 25 -21.59 -39.21 -17.64
C VAL C 25 -22.88 -39.24 -16.84
N GLY C 26 -22.77 -39.23 -15.51
CA GLY C 26 -23.93 -39.23 -14.67
C GLY C 26 -23.88 -38.07 -13.68
N PHE C 27 -25.07 -37.71 -13.18
CA PHE C 27 -25.21 -36.63 -12.22
C PHE C 27 -26.12 -37.11 -11.08
N ILE C 28 -25.55 -37.24 -9.88
CA ILE C 28 -26.34 -37.33 -8.66
C ILE C 28 -26.66 -35.90 -8.22
N GLY C 29 -27.92 -35.51 -8.35
CA GLY C 29 -28.30 -34.12 -8.17
C GLY C 29 -28.70 -33.56 -9.53
N ALA C 30 -29.72 -32.71 -9.54
CA ALA C 30 -30.25 -32.14 -10.78
C ALA C 30 -30.60 -30.68 -10.59
N GLY C 31 -29.72 -29.95 -9.91
CA GLY C 31 -29.94 -28.56 -9.59
C GLY C 31 -29.12 -27.63 -10.46
N GLN C 32 -28.90 -26.42 -9.95
CA GLN C 32 -28.25 -25.37 -10.72
C GLN C 32 -26.94 -25.85 -11.34
N LEU C 33 -26.09 -26.49 -10.54
CA LEU C 33 -24.78 -26.89 -11.05
C LEU C 33 -24.86 -28.10 -11.97
N ALA C 34 -25.82 -29.00 -11.74
CA ALA C 34 -25.99 -30.13 -12.65
C ALA C 34 -26.46 -29.65 -14.01
N PHE C 35 -27.46 -28.77 -14.04
CA PHE C 35 -27.93 -28.24 -15.31
C PHE C 35 -26.84 -27.45 -16.01
N ALA C 36 -26.09 -26.62 -15.28
CA ALA C 36 -25.09 -25.77 -15.92
C ALA C 36 -24.03 -26.61 -16.62
N LEU C 37 -23.56 -27.66 -15.95
CA LEU C 37 -22.54 -28.53 -16.54
C LEU C 37 -23.08 -29.29 -17.75
N ALA C 38 -24.28 -29.87 -17.63
CA ALA C 38 -24.82 -30.64 -18.76
C ALA C 38 -25.07 -29.72 -19.95
N LYS C 39 -25.67 -28.55 -19.72
CA LYS C 39 -25.86 -27.59 -20.80
C LYS C 39 -24.51 -27.18 -21.40
N GLY C 40 -23.52 -26.90 -20.55
CA GLY C 40 -22.21 -26.55 -21.06
C GLY C 40 -21.60 -27.67 -21.89
N PHE C 41 -21.61 -28.89 -21.37
CA PHE C 41 -20.98 -30.02 -22.06
C PHE C 41 -21.63 -30.27 -23.41
N THR C 42 -22.96 -30.31 -23.45
CA THR C 42 -23.65 -30.56 -24.71
C THR C 42 -23.49 -29.39 -25.66
N ALA C 43 -23.52 -28.16 -25.15
CA ALA C 43 -23.23 -27.02 -26.01
C ALA C 43 -21.82 -27.10 -26.58
N ALA C 44 -20.91 -27.75 -25.86
CA ALA C 44 -19.51 -27.83 -26.29
C ALA C 44 -19.26 -28.91 -27.33
N GLY C 45 -20.21 -29.82 -27.55
CA GLY C 45 -19.96 -30.94 -28.44
C GLY C 45 -19.08 -32.03 -27.87
N VAL C 46 -18.78 -32.01 -26.56
CA VAL C 46 -18.01 -33.09 -25.98
C VAL C 46 -18.88 -34.25 -25.50
N LEU C 47 -20.13 -33.98 -25.13
CA LEU C 47 -21.06 -34.98 -24.63
C LEU C 47 -22.38 -34.86 -25.35
N ALA C 48 -22.95 -36.01 -25.70
CA ALA C 48 -24.30 -36.06 -26.24
C ALA C 48 -25.30 -36.04 -25.10
N ALA C 49 -26.37 -35.26 -25.25
CA ALA C 49 -27.35 -35.16 -24.17
C ALA C 49 -27.88 -36.52 -23.76
N HIS C 50 -28.07 -37.43 -24.73
CA HIS C 50 -28.63 -38.73 -24.40
C HIS C 50 -27.62 -39.67 -23.76
N LYS C 51 -26.34 -39.32 -23.74
CA LYS C 51 -25.36 -40.12 -23.00
C LYS C 51 -25.13 -39.57 -21.61
N ILE C 52 -26.05 -38.75 -21.12
CA ILE C 52 -26.01 -38.17 -19.77
C ILE C 52 -27.28 -38.56 -19.04
N MET C 53 -27.13 -39.04 -17.82
CA MET C 53 -28.27 -39.35 -16.94
C MET C 53 -28.12 -38.54 -15.66
N ALA C 54 -29.25 -38.08 -15.12
CA ALA C 54 -29.26 -37.31 -13.86
C ALA C 54 -30.36 -37.83 -12.94
N SER C 55 -30.07 -37.81 -11.63
CA SER C 55 -30.97 -38.31 -10.60
C SER C 55 -31.33 -37.20 -9.61
N SER C 56 -32.56 -37.25 -9.10
CA SER C 56 -33.04 -36.24 -8.16
C SER C 56 -34.20 -36.81 -7.36
N PRO C 57 -34.32 -36.48 -6.06
CA PRO C 57 -35.53 -36.86 -5.31
C PRO C 57 -36.73 -36.00 -5.70
N ASP C 58 -36.69 -34.70 -5.34
CA ASP C 58 -37.70 -33.75 -5.77
C ASP C 58 -37.65 -33.59 -7.29
N MET C 59 -38.21 -34.55 -8.01
CA MET C 59 -38.23 -34.52 -9.47
C MET C 59 -39.20 -33.46 -9.98
N ASP C 60 -39.29 -32.33 -9.27
CA ASP C 60 -40.17 -31.24 -9.63
C ASP C 60 -39.46 -29.89 -9.64
N LEU C 61 -38.12 -29.89 -9.58
CA LEU C 61 -37.37 -28.65 -9.72
C LEU C 61 -37.45 -28.14 -11.16
N ALA C 62 -37.34 -26.83 -11.32
CA ALA C 62 -37.31 -26.27 -12.67
C ALA C 62 -36.11 -26.81 -13.45
N THR C 63 -34.96 -26.92 -12.77
CA THR C 63 -33.76 -27.46 -13.40
C THR C 63 -33.99 -28.90 -13.87
N VAL C 64 -34.78 -29.68 -13.13
CA VAL C 64 -35.12 -31.03 -13.58
C VAL C 64 -35.86 -30.97 -14.92
N SER C 65 -36.93 -30.16 -14.98
CA SER C 65 -37.68 -30.04 -16.23
C SER C 65 -36.80 -29.46 -17.33
N ALA C 66 -35.82 -28.64 -16.98
CA ALA C 66 -34.92 -28.07 -17.97
C ALA C 66 -34.00 -29.14 -18.58
N LEU C 67 -33.41 -29.99 -17.73
CA LEU C 67 -32.61 -31.11 -18.23
C LEU C 67 -33.43 -32.03 -19.13
N ARG C 68 -34.74 -32.13 -18.84
CA ARG C 68 -35.61 -32.97 -19.66
C ARG C 68 -35.67 -32.46 -21.09
N LYS C 69 -35.97 -31.17 -21.26
CA LYS C 69 -36.05 -30.58 -22.59
C LYS C 69 -34.72 -30.65 -23.34
N MET C 70 -33.61 -30.75 -22.60
CA MET C 70 -32.27 -30.75 -23.20
C MET C 70 -31.89 -32.11 -23.80
N GLY C 71 -32.57 -33.17 -23.41
CA GLY C 71 -32.25 -34.51 -23.87
C GLY C 71 -31.59 -35.39 -22.84
N VAL C 72 -31.37 -34.88 -21.62
CA VAL C 72 -30.72 -35.67 -20.58
C VAL C 72 -31.71 -36.70 -20.06
N LYS C 73 -31.26 -37.95 -19.95
CA LYS C 73 -32.06 -38.99 -19.31
C LYS C 73 -32.19 -38.70 -17.83
N LEU C 74 -33.40 -38.87 -17.30
CA LEU C 74 -33.68 -38.56 -15.91
C LEU C 74 -34.25 -39.79 -15.21
N THR C 75 -33.81 -40.02 -13.98
CA THR C 75 -34.25 -41.11 -13.14
C THR C 75 -34.36 -40.61 -11.71
N PRO C 76 -35.29 -41.17 -10.91
CA PRO C 76 -35.31 -40.84 -9.49
C PRO C 76 -34.42 -41.73 -8.63
N HIS C 77 -33.86 -42.79 -9.21
CA HIS C 77 -33.03 -43.75 -8.48
C HIS C 77 -31.55 -43.40 -8.69
N ASN C 78 -30.87 -43.06 -7.60
CA ASN C 78 -29.43 -42.78 -7.69
C ASN C 78 -28.64 -43.98 -8.20
N LYS C 79 -29.07 -45.21 -7.85
CA LYS C 79 -28.33 -46.39 -8.30
C LYS C 79 -28.34 -46.53 -9.81
N GLU C 80 -29.43 -46.11 -10.45
CA GLU C 80 -29.49 -46.21 -11.91
C GLU C 80 -28.49 -45.28 -12.57
N THR C 81 -28.32 -44.06 -12.02
CA THR C 81 -27.30 -43.15 -12.52
C THR C 81 -25.91 -43.79 -12.40
N VAL C 82 -25.63 -44.40 -11.25
CA VAL C 82 -24.35 -45.08 -11.05
C VAL C 82 -24.17 -46.20 -12.07
N GLN C 83 -25.20 -47.03 -12.25
CA GLN C 83 -25.11 -48.12 -13.20
C GLN C 83 -24.90 -47.61 -14.62
N HIS C 84 -25.45 -46.44 -14.93
CA HIS C 84 -25.35 -45.86 -16.28
C HIS C 84 -24.00 -45.21 -16.55
N SER C 85 -23.34 -44.69 -15.52
CA SER C 85 -22.28 -43.71 -15.70
C SER C 85 -20.89 -44.32 -15.60
N ASP C 86 -19.95 -43.69 -16.32
CA ASP C 86 -18.52 -43.90 -16.12
C ASP C 86 -17.96 -42.83 -15.19
N VAL C 87 -18.17 -41.57 -15.54
CA VAL C 87 -17.84 -40.42 -14.70
C VAL C 87 -19.10 -39.99 -13.97
N LEU C 88 -19.03 -39.93 -12.65
CA LEU C 88 -20.19 -39.69 -11.80
C LEU C 88 -19.98 -38.40 -11.01
N PHE C 89 -20.68 -37.35 -11.43
CA PHE C 89 -20.62 -36.07 -10.74
C PHE C 89 -21.55 -36.08 -9.52
N LEU C 90 -21.04 -35.62 -8.37
CA LEU C 90 -21.86 -35.43 -7.17
C LEU C 90 -22.21 -33.95 -7.08
N ALA C 91 -23.41 -33.60 -7.53
CA ALA C 91 -23.84 -32.21 -7.48
C ALA C 91 -25.03 -32.06 -6.55
N VAL C 92 -24.83 -32.43 -5.29
CA VAL C 92 -25.84 -32.29 -4.25
C VAL C 92 -25.31 -31.36 -3.18
N LYS C 93 -26.19 -30.96 -2.27
CA LYS C 93 -25.77 -30.21 -1.10
C LYS C 93 -24.88 -31.09 -0.22
N PRO C 94 -23.95 -30.48 0.52
CA PRO C 94 -22.98 -31.31 1.27
C PRO C 94 -23.58 -32.13 2.38
N HIS C 95 -24.67 -31.68 3.00
CA HIS C 95 -25.27 -32.49 4.05
C HIS C 95 -25.89 -33.77 3.52
N ILE C 96 -26.04 -33.91 2.19
CA ILE C 96 -26.61 -35.12 1.61
C ILE C 96 -25.54 -36.12 1.19
N ILE C 97 -24.27 -35.72 1.14
CA ILE C 97 -23.21 -36.61 0.66
C ILE C 97 -23.15 -37.92 1.45
N PRO C 98 -23.11 -37.91 2.80
CA PRO C 98 -23.05 -39.19 3.51
C PRO C 98 -24.20 -40.11 3.18
N PHE C 99 -25.44 -39.61 3.21
CA PHE C 99 -26.60 -40.40 2.86
C PHE C 99 -26.55 -40.93 1.43
N ILE C 100 -25.69 -40.34 0.59
CA ILE C 100 -25.58 -40.78 -0.79
C ILE C 100 -24.45 -41.79 -0.97
N LEU C 101 -23.29 -41.55 -0.34
CA LEU C 101 -22.21 -42.51 -0.47
C LEU C 101 -22.58 -43.85 0.18
N ASP C 102 -23.50 -43.84 1.14
CA ASP C 102 -24.01 -45.09 1.70
C ASP C 102 -24.95 -45.78 0.72
N GLU C 103 -25.82 -45.00 0.06
CA GLU C 103 -26.82 -45.60 -0.81
C GLU C 103 -26.18 -46.32 -1.99
N ILE C 104 -25.15 -45.73 -2.58
CA ILE C 104 -24.57 -46.25 -3.81
C ILE C 104 -23.18 -46.83 -3.63
N GLY C 105 -22.58 -46.69 -2.45
CA GLY C 105 -21.20 -47.12 -2.27
C GLY C 105 -20.95 -48.56 -2.68
N ALA C 106 -21.94 -49.42 -2.49
CA ALA C 106 -21.79 -50.81 -2.94
C ALA C 106 -21.90 -50.95 -4.45
N ASP C 107 -22.33 -49.91 -5.16
CA ASP C 107 -22.49 -49.97 -6.60
C ASP C 107 -21.33 -49.33 -7.36
N ILE C 108 -20.37 -48.72 -6.66
CA ILE C 108 -19.18 -48.20 -7.32
C ILE C 108 -18.30 -49.35 -7.80
N GLU C 109 -17.85 -49.27 -9.04
CA GLU C 109 -17.01 -50.30 -9.64
C GLU C 109 -15.61 -49.75 -9.91
N ASP C 110 -14.76 -50.62 -10.47
CA ASP C 110 -13.42 -50.19 -10.85
C ASP C 110 -13.48 -49.06 -11.87
N ARG C 111 -14.41 -49.14 -12.82
CA ARG C 111 -14.46 -48.19 -13.94
C ARG C 111 -14.85 -46.78 -13.52
N HIS C 112 -15.36 -46.57 -12.31
CA HIS C 112 -15.96 -45.29 -11.95
C HIS C 112 -14.92 -44.26 -11.56
N ILE C 113 -15.13 -43.03 -12.04
CA ILE C 113 -14.47 -41.85 -11.51
C ILE C 113 -15.52 -41.03 -10.78
N VAL C 114 -15.37 -40.87 -9.47
CA VAL C 114 -16.30 -40.08 -8.68
C VAL C 114 -15.75 -38.66 -8.59
N VAL C 115 -16.51 -37.70 -9.13
CA VAL C 115 -16.14 -36.29 -9.13
C VAL C 115 -17.07 -35.55 -8.19
N SER C 116 -16.54 -35.05 -7.08
CA SER C 116 -17.37 -34.38 -6.08
C SER C 116 -17.36 -32.88 -6.31
N CYS C 117 -18.55 -32.29 -6.47
CA CYS C 117 -18.70 -30.84 -6.53
C CYS C 117 -19.35 -30.25 -5.29
N ALA C 118 -19.69 -31.07 -4.30
CA ALA C 118 -20.44 -30.59 -3.15
C ALA C 118 -19.56 -29.73 -2.26
N ALA C 119 -20.13 -28.64 -1.74
CA ALA C 119 -19.37 -27.60 -1.04
C ALA C 119 -18.65 -28.14 0.20
N GLY C 120 -17.32 -28.01 0.19
CA GLY C 120 -16.50 -28.33 1.33
C GLY C 120 -16.40 -29.81 1.68
N VAL C 121 -16.75 -30.70 0.77
CA VAL C 121 -16.66 -32.13 1.05
C VAL C 121 -15.28 -32.62 0.64
N THR C 122 -14.52 -33.13 1.60
CA THR C 122 -13.11 -33.43 1.38
C THR C 122 -12.94 -34.77 0.68
N ILE C 123 -11.81 -34.91 -0.04
CA ILE C 123 -11.49 -36.19 -0.66
C ILE C 123 -11.40 -37.28 0.40
N SER C 124 -10.81 -36.95 1.55
CA SER C 124 -10.73 -37.87 2.68
C SER C 124 -12.09 -38.45 3.03
N SER C 125 -13.09 -37.59 3.22
CA SER C 125 -14.37 -38.10 3.68
C SER C 125 -15.03 -39.01 2.64
N ILE C 126 -14.83 -38.72 1.35
CA ILE C 126 -15.44 -39.56 0.31
C ILE C 126 -14.71 -40.90 0.21
N GLU C 127 -13.38 -40.88 0.19
CA GLU C 127 -12.63 -42.13 0.09
C GLU C 127 -12.84 -43.01 1.30
N LYS C 128 -12.96 -42.39 2.49
CA LYS C 128 -13.19 -43.18 3.69
C LYS C 128 -14.54 -43.87 3.66
N LYS C 129 -15.59 -43.17 3.18
CA LYS C 129 -16.91 -43.79 3.14
C LYS C 129 -16.98 -44.86 2.06
N LEU C 130 -16.41 -44.59 0.87
CA LEU C 130 -16.47 -45.55 -0.24
C LEU C 130 -15.50 -46.72 -0.05
N SER C 131 -14.35 -46.52 0.64
CA SER C 131 -13.42 -47.61 0.84
C SER C 131 -14.01 -48.71 1.73
N ALA C 132 -15.07 -48.41 2.47
CA ALA C 132 -15.77 -49.44 3.23
C ALA C 132 -16.50 -50.43 2.34
N PHE C 133 -16.61 -50.15 1.05
CA PHE C 133 -17.25 -51.02 0.09
C PHE C 133 -16.27 -51.67 -0.88
N ARG C 134 -15.38 -50.87 -1.48
CA ARG C 134 -14.38 -51.39 -2.40
C ARG C 134 -13.12 -50.56 -2.16
N PRO C 135 -11.95 -51.20 -2.08
CA PRO C 135 -10.71 -50.44 -1.95
C PRO C 135 -10.44 -49.66 -3.21
N ALA C 136 -9.59 -48.65 -3.06
CA ALA C 136 -9.13 -47.83 -4.18
C ALA C 136 -10.23 -47.16 -5.01
N PRO C 137 -11.22 -46.51 -4.39
CA PRO C 137 -12.15 -45.72 -5.19
C PRO C 137 -11.41 -44.55 -5.81
N ARG C 138 -11.74 -44.25 -7.07
CA ARG C 138 -11.12 -43.15 -7.80
C ARG C 138 -11.97 -41.91 -7.58
N VAL C 139 -11.43 -40.95 -6.83
CA VAL C 139 -12.19 -39.77 -6.42
C VAL C 139 -11.46 -38.52 -6.90
N ILE C 140 -12.21 -37.58 -7.44
CA ILE C 140 -11.69 -36.26 -7.81
C ILE C 140 -12.59 -35.20 -7.19
N ARG C 141 -11.99 -34.19 -6.59
CA ARG C 141 -12.72 -33.07 -6.02
C ARG C 141 -12.62 -31.90 -6.99
N CYS C 142 -13.75 -31.30 -7.28
CA CYS C 142 -13.80 -30.26 -8.29
C CYS C 142 -14.55 -29.06 -7.73
N MET C 143 -14.06 -27.88 -8.07
CA MET C 143 -14.70 -26.62 -7.69
C MET C 143 -14.89 -25.82 -8.98
N THR C 144 -16.14 -25.72 -9.42
CA THR C 144 -16.52 -25.05 -10.64
C THR C 144 -17.56 -23.98 -10.29
N ASN C 145 -18.06 -23.27 -11.31
CA ASN C 145 -19.05 -22.23 -11.06
C ASN C 145 -20.07 -22.23 -12.19
N THR C 146 -21.14 -21.47 -12.00
CA THR C 146 -22.26 -21.54 -12.93
C THR C 146 -21.94 -21.10 -14.36
N PRO C 147 -20.99 -20.15 -14.63
CA PRO C 147 -20.78 -19.75 -16.03
C PRO C 147 -20.31 -20.84 -16.97
N VAL C 148 -20.11 -22.07 -16.46
CA VAL C 148 -19.94 -23.22 -17.34
C VAL C 148 -21.13 -23.34 -18.28
N VAL C 149 -22.28 -22.81 -17.86
CA VAL C 149 -23.49 -22.87 -18.68
C VAL C 149 -23.32 -22.10 -19.99
N VAL C 150 -22.41 -21.12 -20.03
CA VAL C 150 -22.08 -20.42 -21.27
C VAL C 150 -20.64 -20.71 -21.68
N ARG C 151 -20.09 -21.82 -21.16
CA ARG C 151 -18.76 -22.29 -21.51
C ARG C 151 -17.65 -21.31 -21.15
N GLU C 152 -17.88 -20.50 -20.10
CA GLU C 152 -16.86 -19.62 -19.58
C GLU C 152 -16.70 -19.81 -18.08
N GLY C 153 -16.80 -21.06 -17.63
CA GLY C 153 -16.60 -21.34 -16.23
C GLY C 153 -15.14 -21.22 -15.81
N ALA C 154 -14.95 -21.24 -14.50
CA ALA C 154 -13.63 -21.35 -13.88
C ALA C 154 -13.64 -22.60 -13.02
N THR C 155 -12.75 -23.55 -13.32
CA THR C 155 -12.75 -24.84 -12.64
C THR C 155 -11.35 -25.18 -12.16
N VAL C 156 -11.26 -25.69 -10.94
CA VAL C 156 -10.04 -26.34 -10.46
C VAL C 156 -10.48 -27.68 -9.92
N TYR C 157 -9.56 -28.64 -9.95
CA TYR C 157 -9.84 -29.97 -9.44
C TYR C 157 -8.60 -30.46 -8.70
N ALA C 158 -8.81 -31.40 -7.79
CA ALA C 158 -7.73 -32.11 -7.10
C ALA C 158 -8.00 -33.60 -7.19
N THR C 159 -6.95 -34.36 -7.46
CA THR C 159 -7.08 -35.80 -7.62
C THR C 159 -6.93 -36.51 -6.28
N GLY C 160 -7.67 -37.60 -6.11
CA GLY C 160 -7.65 -38.36 -4.88
C GLY C 160 -6.51 -39.35 -4.84
N THR C 161 -6.52 -40.19 -3.81
CA THR C 161 -5.41 -41.12 -3.58
C THR C 161 -5.29 -42.12 -4.71
N HIS C 162 -6.41 -42.60 -5.24
CA HIS C 162 -6.42 -43.72 -6.16
C HIS C 162 -6.78 -43.30 -7.58
N ALA C 163 -6.84 -42.00 -7.86
CA ALA C 163 -7.05 -41.52 -9.21
C ALA C 163 -5.80 -41.79 -10.04
N GLN C 164 -5.97 -42.51 -11.16
CA GLN C 164 -4.86 -42.71 -12.08
C GLN C 164 -4.58 -41.42 -12.84
N VAL C 165 -3.45 -41.41 -13.56
CA VAL C 165 -3.03 -40.20 -14.27
C VAL C 165 -4.06 -39.82 -15.33
N GLU C 166 -4.52 -40.81 -16.08
CA GLU C 166 -5.55 -40.54 -17.08
C GLU C 166 -6.83 -39.98 -16.47
N ASP C 167 -7.08 -40.22 -15.18
CA ASP C 167 -8.27 -39.68 -14.55
C ASP C 167 -8.23 -38.15 -14.53
N GLY C 168 -7.11 -37.58 -14.10
CA GLY C 168 -7.00 -36.14 -14.02
C GLY C 168 -6.88 -35.50 -15.39
N ARG C 169 -6.18 -36.17 -16.32
CA ARG C 169 -6.09 -35.67 -17.69
C ARG C 169 -7.47 -35.66 -18.35
N LEU C 170 -8.23 -36.74 -18.15
CA LEU C 170 -9.59 -36.82 -18.67
C LEU C 170 -10.47 -35.72 -18.09
N MET C 171 -10.37 -35.51 -16.79
CA MET C 171 -11.13 -34.44 -16.13
C MET C 171 -10.81 -33.08 -16.74
N GLU C 172 -9.51 -32.78 -16.91
CA GLU C 172 -9.14 -31.47 -17.44
C GLU C 172 -9.65 -31.29 -18.86
N GLN C 173 -9.65 -32.34 -19.66
CA GLN C 173 -10.19 -32.23 -21.01
C GLN C 173 -11.70 -31.98 -20.97
N LEU C 174 -12.42 -32.72 -20.13
CA LEU C 174 -13.86 -32.51 -20.05
C LEU C 174 -14.19 -31.10 -19.57
N LEU C 175 -13.54 -30.66 -18.49
CA LEU C 175 -13.91 -29.39 -17.88
C LEU C 175 -13.37 -28.20 -18.66
N SER C 176 -12.25 -28.38 -19.39
CA SER C 176 -11.72 -27.30 -20.23
C SER C 176 -12.67 -26.94 -21.36
N SER C 177 -13.60 -27.83 -21.71
CA SER C 177 -14.54 -27.53 -22.77
C SER C 177 -15.60 -26.51 -22.33
N VAL C 178 -15.73 -26.24 -21.02
CA VAL C 178 -16.72 -25.28 -20.54
C VAL C 178 -16.09 -24.13 -19.77
N GLY C 179 -14.79 -23.92 -19.90
CA GLY C 179 -14.13 -22.76 -19.34
C GLY C 179 -12.68 -23.07 -19.01
N PHE C 180 -12.09 -22.22 -18.15
CA PHE C 180 -10.73 -22.47 -17.68
C PHE C 180 -10.71 -23.66 -16.71
N CYS C 181 -9.63 -24.44 -16.76
CA CYS C 181 -9.53 -25.58 -15.86
C CYS C 181 -8.06 -25.87 -15.57
N THR C 182 -7.74 -26.11 -14.30
CA THR C 182 -6.38 -26.48 -13.94
C THR C 182 -6.41 -27.32 -12.67
N GLU C 183 -5.35 -28.09 -12.48
CA GLU C 183 -5.22 -28.89 -11.27
C GLU C 183 -4.64 -28.05 -10.14
N VAL C 184 -5.12 -28.27 -8.91
CA VAL C 184 -4.55 -27.65 -7.71
C VAL C 184 -4.39 -28.72 -6.63
N GLU C 185 -3.56 -28.41 -5.64
CA GLU C 185 -3.58 -29.19 -4.40
C GLU C 185 -4.90 -28.92 -3.69
N GLU C 186 -5.44 -29.98 -3.07
CA GLU C 186 -6.80 -29.90 -2.53
C GLU C 186 -6.94 -28.78 -1.51
N ASP C 187 -5.84 -28.43 -0.83
CA ASP C 187 -5.93 -27.40 0.21
C ASP C 187 -6.00 -25.99 -0.34
N LEU C 188 -6.01 -25.81 -1.67
CA LEU C 188 -6.29 -24.51 -2.27
C LEU C 188 -7.76 -24.32 -2.63
N ILE C 189 -8.57 -25.37 -2.52
CA ILE C 189 -9.94 -25.35 -3.08
C ILE C 189 -10.85 -24.42 -2.29
N ASP C 190 -10.62 -24.30 -0.97
CA ASP C 190 -11.42 -23.36 -0.19
C ASP C 190 -11.17 -21.93 -0.64
N ALA C 191 -9.92 -21.58 -0.91
CA ALA C 191 -9.60 -20.25 -1.41
C ALA C 191 -10.20 -20.02 -2.79
N VAL C 192 -10.10 -21.02 -3.67
CA VAL C 192 -10.71 -20.87 -5.00
C VAL C 192 -12.21 -20.65 -4.88
N THR C 193 -12.87 -21.37 -3.95
CA THR C 193 -14.30 -21.15 -3.71
C THR C 193 -14.57 -19.69 -3.40
N GLY C 194 -13.75 -19.08 -2.54
CA GLY C 194 -13.97 -17.69 -2.19
C GLY C 194 -13.79 -16.77 -3.36
N LEU C 195 -12.95 -17.16 -4.32
CA LEU C 195 -12.61 -16.30 -5.44
C LEU C 195 -13.53 -16.57 -6.62
N SER C 196 -13.32 -17.68 -7.34
CA SER C 196 -14.11 -17.91 -8.55
C SER C 196 -15.39 -18.72 -8.32
N GLY C 197 -15.49 -19.47 -7.21
CA GLY C 197 -16.74 -20.16 -6.91
C GLY C 197 -17.85 -19.19 -6.54
N SER C 198 -17.56 -18.25 -5.64
CA SER C 198 -18.50 -17.19 -5.26
C SER C 198 -18.43 -15.96 -6.15
N GLY C 199 -17.36 -15.80 -6.95
CA GLY C 199 -17.18 -14.60 -7.75
C GLY C 199 -18.30 -14.19 -8.68
N PRO C 200 -18.96 -15.12 -9.38
CA PRO C 200 -20.10 -14.69 -10.19
C PRO C 200 -21.16 -13.95 -9.39
N ALA C 201 -21.44 -14.38 -8.14
CA ALA C 201 -22.40 -13.65 -7.30
C ALA C 201 -21.96 -12.22 -7.01
N TYR C 202 -20.64 -12.01 -6.77
CA TYR C 202 -20.13 -10.65 -6.57
C TYR C 202 -20.34 -9.81 -7.83
N ALA C 203 -20.10 -10.40 -9.01
CA ALA C 203 -20.30 -9.69 -10.26
C ALA C 203 -21.78 -9.38 -10.52
N PHE C 204 -22.67 -10.31 -10.18
CA PHE C 204 -24.10 -10.03 -10.33
C PHE C 204 -24.53 -8.88 -9.42
N THR C 205 -24.08 -8.89 -8.16
CA THR C 205 -24.34 -7.76 -7.26
C THR C 205 -23.80 -6.47 -7.83
N ALA C 206 -22.55 -6.49 -8.30
CA ALA C 206 -21.92 -5.30 -8.87
C ALA C 206 -22.67 -4.80 -10.10
N LEU C 207 -23.13 -5.71 -10.96
CA LEU C 207 -23.84 -5.33 -12.17
C LEU C 207 -25.19 -4.69 -11.84
N ASP C 208 -25.91 -5.25 -10.87
CA ASP C 208 -27.15 -4.64 -10.43
C ASP C 208 -26.91 -3.21 -9.90
N ALA C 209 -25.81 -3.03 -9.16
CA ALA C 209 -25.51 -1.72 -8.57
C ALA C 209 -25.09 -0.73 -9.66
N LEU C 210 -24.19 -1.15 -10.55
CA LEU C 210 -23.80 -0.29 -11.65
C LEU C 210 -25.01 0.12 -12.47
N ALA C 211 -25.94 -0.81 -12.68
CA ALA C 211 -27.14 -0.47 -13.43
C ALA C 211 -27.98 0.55 -12.66
N ASP C 212 -28.07 0.39 -11.33
CA ASP C 212 -28.75 1.40 -10.52
C ASP C 212 -28.12 2.76 -10.70
N GLY C 213 -26.78 2.82 -10.72
CA GLY C 213 -26.11 4.09 -10.92
C GLY C 213 -26.38 4.67 -12.29
N GLY C 214 -26.39 3.83 -13.33
CA GLY C 214 -26.74 4.31 -14.65
C GLY C 214 -28.14 4.86 -14.71
N VAL C 215 -29.07 4.20 -13.98
CA VAL C 215 -30.45 4.67 -13.98
C VAL C 215 -30.56 5.99 -13.22
N LYS C 216 -29.81 6.13 -12.12
CA LYS C 216 -29.86 7.40 -11.38
C LYS C 216 -29.42 8.56 -12.28
N MET C 217 -28.39 8.34 -13.09
CA MET C 217 -27.87 9.39 -13.96
C MET C 217 -28.65 9.52 -15.26
N GLY C 218 -29.79 8.84 -15.42
CA GLY C 218 -30.67 9.07 -16.56
C GLY C 218 -30.81 7.94 -17.58
N LEU C 219 -30.11 6.79 -17.39
CA LEU C 219 -30.17 5.76 -18.43
C LEU C 219 -31.39 4.85 -18.24
N PRO C 220 -32.00 4.38 -19.32
CA PRO C 220 -32.99 3.31 -19.20
C PRO C 220 -32.36 2.06 -18.61
N ARG C 221 -33.13 1.35 -17.80
CA ARG C 221 -32.61 0.20 -17.05
C ARG C 221 -31.98 -0.84 -17.98
N ARG C 222 -32.69 -1.17 -19.07
CA ARG C 222 -32.22 -2.23 -19.96
C ARG C 222 -30.89 -1.87 -20.61
N LEU C 223 -30.77 -0.64 -21.12
CA LEU C 223 -29.48 -0.20 -21.65
C LEU C 223 -28.41 -0.20 -20.57
N ALA C 224 -28.78 0.22 -19.36
CA ALA C 224 -27.78 0.28 -18.29
C ALA C 224 -27.27 -1.10 -17.92
N VAL C 225 -28.16 -2.10 -17.88
CA VAL C 225 -27.73 -3.46 -17.57
C VAL C 225 -26.77 -3.97 -18.65
N ARG C 226 -27.15 -3.76 -19.92
CA ARG C 226 -26.35 -4.23 -21.06
C ARG C 226 -24.96 -3.59 -21.07
N LEU C 227 -24.91 -2.27 -20.88
CA LEU C 227 -23.64 -1.53 -20.91
C LEU C 227 -22.73 -1.92 -19.77
N GLY C 228 -23.28 -2.04 -18.56
CA GLY C 228 -22.47 -2.46 -17.44
C GLY C 228 -21.93 -3.87 -17.63
N ALA C 229 -22.77 -4.79 -18.13
CA ALA C 229 -22.31 -6.15 -18.32
C ALA C 229 -21.28 -6.22 -19.43
N GLN C 230 -21.47 -5.45 -20.51
CA GLN C 230 -20.50 -5.42 -21.59
C GLN C 230 -19.16 -4.87 -21.09
N ALA C 231 -19.20 -3.86 -20.23
CA ALA C 231 -17.96 -3.26 -19.73
C ALA C 231 -17.16 -4.28 -18.92
N LEU C 232 -17.86 -5.03 -18.07
CA LEU C 232 -17.21 -6.01 -17.23
C LEU C 232 -16.67 -7.15 -18.07
N LEU C 233 -17.44 -7.60 -19.05
CA LEU C 233 -16.96 -8.63 -19.96
C LEU C 233 -15.72 -8.18 -20.72
N GLY C 234 -15.76 -6.97 -21.29
CA GLY C 234 -14.61 -6.49 -22.05
C GLY C 234 -13.37 -6.31 -21.18
N ALA C 235 -13.54 -5.77 -19.99
CA ALA C 235 -12.41 -5.61 -19.08
C ALA C 235 -11.80 -6.96 -18.72
N ALA C 236 -12.64 -7.92 -18.36
CA ALA C 236 -12.13 -9.23 -17.99
C ALA C 236 -11.32 -9.83 -19.14
N LYS C 237 -11.84 -9.71 -20.36
CA LYS C 237 -11.14 -10.26 -21.50
C LYS C 237 -9.82 -9.53 -21.75
N MET C 238 -9.83 -8.20 -21.62
CA MET C 238 -8.59 -7.45 -21.78
C MET C 238 -7.50 -8.00 -20.87
N LEU C 239 -7.86 -8.19 -19.60
CA LEU C 239 -6.91 -8.69 -18.62
C LEU C 239 -6.43 -10.10 -18.98
N LEU C 240 -7.36 -10.98 -19.34
CA LEU C 240 -6.97 -12.34 -19.71
C LEU C 240 -6.09 -12.36 -20.95
N HIS C 241 -6.30 -11.44 -21.89
CA HIS C 241 -5.55 -11.43 -23.13
C HIS C 241 -4.31 -10.55 -23.07
N SER C 242 -4.10 -9.85 -21.97
CA SER C 242 -2.91 -9.05 -21.74
C SER C 242 -1.92 -9.78 -20.84
N GLU C 243 -0.65 -9.42 -20.96
CA GLU C 243 0.30 -9.87 -19.96
C GLU C 243 0.39 -8.89 -18.81
N GLN C 244 -0.41 -7.83 -18.83
CA GLN C 244 -0.17 -6.67 -17.98
C GLN C 244 -0.88 -6.82 -16.63
N HIS C 245 -0.32 -6.16 -15.64
CA HIS C 245 -0.90 -6.15 -14.32
C HIS C 245 -2.23 -5.40 -14.35
N PRO C 246 -3.26 -5.87 -13.62
CA PRO C 246 -4.54 -5.12 -13.63
C PRO C 246 -4.38 -3.67 -13.21
N GLY C 247 -3.41 -3.35 -12.35
CA GLY C 247 -3.15 -1.95 -12.03
C GLY C 247 -2.64 -1.17 -13.22
N GLN C 248 -1.78 -1.81 -14.03
CA GLN C 248 -1.30 -1.17 -15.25
C GLN C 248 -2.44 -0.85 -16.21
N LEU C 249 -3.37 -1.80 -16.39
CA LEU C 249 -4.51 -1.52 -17.26
C LEU C 249 -5.36 -0.41 -16.69
N LYS C 250 -5.54 -0.41 -15.37
CA LYS C 250 -6.20 0.70 -14.69
C LYS C 250 -5.52 2.03 -15.02
N ASP C 251 -4.18 2.06 -14.94
CA ASP C 251 -3.46 3.26 -15.30
C ASP C 251 -3.75 3.66 -16.75
N ASN C 252 -3.81 2.67 -17.65
CA ASN C 252 -3.97 2.98 -19.06
C ASN C 252 -5.31 3.66 -19.34
N VAL C 253 -6.37 3.28 -18.62
CA VAL C 253 -7.70 3.84 -18.91
C VAL C 253 -7.95 5.19 -18.23
N SER C 254 -7.18 5.55 -17.20
CA SER C 254 -7.50 6.73 -16.38
C SER C 254 -6.79 7.97 -16.91
N SER C 255 -7.49 8.75 -17.72
CA SER C 255 -6.97 10.00 -18.25
C SER C 255 -6.73 11.02 -17.13
N PRO C 256 -5.65 11.80 -17.19
CA PRO C 256 -5.39 12.82 -16.16
C PRO C 256 -6.55 13.80 -16.05
N GLY C 257 -6.99 14.04 -14.81
CA GLY C 257 -8.12 14.94 -14.56
C GLY C 257 -9.48 14.40 -14.97
N GLY C 258 -9.56 13.17 -15.46
CA GLY C 258 -10.72 12.70 -16.20
C GLY C 258 -11.84 12.15 -15.33
N ALA C 259 -12.89 11.70 -16.02
CA ALA C 259 -14.05 11.18 -15.30
C ALA C 259 -13.71 9.88 -14.58
N THR C 260 -12.90 9.03 -15.19
CA THR C 260 -12.62 7.73 -14.59
C THR C 260 -11.83 7.87 -13.28
N ILE C 261 -10.76 8.67 -13.28
CA ILE C 261 -9.95 8.81 -12.07
C ILE C 261 -10.77 9.46 -10.95
N HIS C 262 -11.69 10.36 -11.30
CA HIS C 262 -12.62 10.85 -10.26
C HIS C 262 -13.48 9.71 -9.71
N ALA C 263 -13.97 8.83 -10.58
CA ALA C 263 -14.81 7.76 -10.03
C ALA C 263 -13.98 6.76 -9.23
N LEU C 264 -12.74 6.47 -9.64
CA LEU C 264 -11.91 5.57 -8.85
C LEU C 264 -11.66 6.13 -7.45
N HIS C 265 -11.50 7.44 -7.31
CA HIS C 265 -11.31 8.02 -5.98
C HIS C 265 -12.49 7.71 -5.07
N VAL C 266 -13.72 7.85 -5.56
CA VAL C 266 -14.84 7.58 -4.66
C VAL C 266 -14.91 6.08 -4.30
N LEU C 267 -14.51 5.16 -5.21
CA LEU C 267 -14.41 3.76 -4.82
C LEU C 267 -13.39 3.56 -3.70
N GLU C 268 -12.21 4.16 -3.86
CA GLU C 268 -11.16 4.04 -2.85
C GLU C 268 -11.63 4.59 -1.51
N SER C 269 -12.34 5.73 -1.53
CA SER C 269 -12.82 6.34 -0.29
C SER C 269 -13.78 5.41 0.46
N GLY C 270 -14.46 4.51 -0.26
CA GLY C 270 -15.32 3.55 0.38
C GLY C 270 -14.64 2.25 0.80
N GLY C 271 -13.34 2.11 0.58
CA GLY C 271 -12.69 0.84 0.86
C GLY C 271 -13.17 -0.26 -0.06
N PHE C 272 -13.46 0.10 -1.31
CA PHE C 272 -13.92 -0.86 -2.32
C PHE C 272 -13.05 -2.11 -2.37
N ARG C 273 -11.74 -1.91 -2.47
CA ARG C 273 -10.84 -3.06 -2.58
C ARG C 273 -10.97 -3.98 -1.37
N SER C 274 -11.02 -3.41 -0.17
CA SER C 274 -11.08 -4.21 1.04
C SER C 274 -12.36 -5.03 1.11
N LEU C 275 -13.45 -4.55 0.51
CA LEU C 275 -14.71 -5.28 0.59
C LEU C 275 -14.63 -6.58 -0.21
N LEU C 276 -14.03 -6.50 -1.40
CA LEU C 276 -13.79 -7.70 -2.19
C LEU C 276 -12.82 -8.66 -1.50
N ILE C 277 -11.77 -8.15 -0.87
CA ILE C 277 -10.91 -9.02 -0.06
C ILE C 277 -11.73 -9.68 1.05
N ASN C 278 -12.50 -8.87 1.81
CA ASN C 278 -13.39 -9.42 2.84
C ASN C 278 -14.24 -10.56 2.28
N ALA C 279 -14.78 -10.38 1.08
CA ALA C 279 -15.67 -11.36 0.49
C ALA C 279 -14.96 -12.68 0.24
N VAL C 280 -13.82 -12.66 -0.47
CA VAL C 280 -13.08 -13.88 -0.73
C VAL C 280 -12.76 -14.58 0.59
N GLU C 281 -12.32 -13.80 1.57
CA GLU C 281 -12.00 -14.36 2.87
C GLU C 281 -13.22 -15.01 3.53
N ALA C 282 -14.36 -14.31 3.54
CA ALA C 282 -15.53 -14.85 4.23
C ALA C 282 -15.99 -16.14 3.57
N SER C 283 -16.03 -16.16 2.24
CA SER C 283 -16.47 -17.36 1.51
C SER C 283 -15.50 -18.51 1.73
N CYS C 284 -14.20 -18.23 1.75
CA CYS C 284 -13.22 -19.28 2.02
C CYS C 284 -13.39 -19.82 3.45
N ILE C 285 -13.49 -18.91 4.43
CA ILE C 285 -13.64 -19.33 5.82
C ILE C 285 -14.89 -20.18 6.00
N ARG C 286 -16.02 -19.73 5.45
CA ARG C 286 -17.25 -20.51 5.56
C ARG C 286 -17.09 -21.88 4.92
N THR C 287 -16.40 -21.95 3.77
CA THR C 287 -16.11 -23.24 3.15
C THR C 287 -15.32 -24.14 4.10
N ARG C 288 -14.33 -23.57 4.80
CA ARG C 288 -13.56 -24.34 5.78
C ARG C 288 -14.43 -24.85 6.91
N GLU C 289 -15.36 -24.01 7.41
CA GLU C 289 -16.31 -24.46 8.41
C GLU C 289 -17.13 -25.64 7.92
N LEU C 290 -17.53 -25.62 6.64
CA LEU C 290 -18.27 -26.75 6.09
C LEU C 290 -17.37 -27.98 5.95
N GLN C 291 -16.10 -27.80 5.57
CA GLN C 291 -15.17 -28.93 5.50
C GLN C 291 -15.00 -29.56 6.87
N SER C 292 -15.20 -28.78 7.94
CA SER C 292 -15.07 -29.32 9.30
C SER C 292 -16.20 -30.27 9.64
N MET C 293 -17.44 -29.87 9.34
CA MET C 293 -18.57 -30.76 9.62
C MET C 293 -18.54 -31.99 8.71
N ALA C 294 -17.97 -31.86 7.51
CA ALA C 294 -17.72 -33.03 6.69
C ALA C 294 -16.72 -33.98 7.37
N ASP C 295 -15.65 -33.43 7.95
CA ASP C 295 -14.61 -34.23 8.57
C ASP C 295 -14.96 -34.53 10.04
N GLN C 296 -16.12 -35.14 10.22
CA GLN C 296 -16.52 -35.67 11.53
C GLN C 296 -17.68 -36.67 11.40
N ASN D 17 -19.65 -4.15 -44.81
CA ASN D 17 -19.27 -4.55 -46.17
C ASN D 17 -18.84 -3.35 -47.00
N LEU D 18 -19.73 -2.86 -47.87
CA LEU D 18 -19.40 -1.80 -48.80
C LEU D 18 -19.20 -0.45 -48.13
N TYR D 19 -19.64 -0.30 -46.88
CA TYR D 19 -19.29 0.90 -46.10
C TYR D 19 -17.78 1.07 -46.00
N PHE D 20 -17.03 -0.04 -46.04
CA PHE D 20 -15.63 -0.04 -45.68
C PHE D 20 -14.67 -0.19 -46.85
N GLN D 21 -15.15 -0.65 -48.01
CA GLN D 21 -14.32 -0.65 -49.20
C GLN D 21 -13.92 0.79 -49.55
N SER D 22 -12.61 1.04 -49.54
CA SER D 22 -12.01 2.33 -49.89
C SER D 22 -12.27 3.42 -48.85
N MET D 23 -12.57 3.04 -47.61
CA MET D 23 -12.69 4.00 -46.53
C MET D 23 -11.34 4.23 -45.87
N SER D 24 -11.00 5.50 -45.66
CA SER D 24 -9.84 5.88 -44.89
C SER D 24 -10.28 6.43 -43.54
N VAL D 25 -9.55 6.07 -42.50
CA VAL D 25 -9.83 6.51 -41.15
C VAL D 25 -8.63 7.30 -40.63
N GLY D 26 -8.90 8.40 -39.93
CA GLY D 26 -7.84 9.17 -39.31
C GLY D 26 -8.08 9.38 -37.84
N PHE D 27 -6.98 9.47 -37.09
CA PHE D 27 -6.99 9.78 -35.68
C PHE D 27 -6.14 11.02 -35.44
N ILE D 28 -6.72 12.02 -34.79
CA ILE D 28 -5.95 13.15 -34.27
C ILE D 28 -5.79 12.91 -32.78
N GLY D 29 -4.56 12.60 -32.37
CA GLY D 29 -4.27 12.07 -31.05
C GLY D 29 -3.90 10.61 -31.11
N ALA D 30 -2.78 10.23 -30.49
CA ALA D 30 -2.31 8.85 -30.50
C ALA D 30 -2.22 8.30 -29.08
N GLY D 31 -3.22 8.62 -28.26
CA GLY D 31 -3.28 8.14 -26.90
C GLY D 31 -3.73 6.70 -26.80
N GLN D 32 -4.26 6.35 -25.64
CA GLN D 32 -4.71 4.97 -25.39
C GLN D 32 -5.86 4.59 -26.33
N LEU D 33 -6.81 5.51 -26.54
CA LEU D 33 -8.01 5.15 -27.29
C LEU D 33 -7.74 5.00 -28.77
N ALA D 34 -6.85 5.82 -29.32
CA ALA D 34 -6.54 5.69 -30.74
C ALA D 34 -5.82 4.37 -31.03
N PHE D 35 -4.95 3.91 -30.11
CA PHE D 35 -4.37 2.59 -30.27
C PHE D 35 -5.43 1.50 -30.16
N ALA D 36 -6.29 1.60 -29.14
CA ALA D 36 -7.33 0.58 -28.92
C ALA D 36 -8.25 0.44 -30.14
N LEU D 37 -8.73 1.57 -30.68
CA LEU D 37 -9.60 1.52 -31.85
C LEU D 37 -8.84 1.02 -33.07
N ALA D 38 -7.62 1.52 -33.29
CA ALA D 38 -6.84 1.05 -34.44
C ALA D 38 -6.55 -0.44 -34.35
N LYS D 39 -6.17 -0.92 -33.16
CA LYS D 39 -5.93 -2.35 -32.99
C LYS D 39 -7.22 -3.15 -33.21
N GLY D 40 -8.32 -2.68 -32.62
CA GLY D 40 -9.59 -3.37 -32.76
C GLY D 40 -10.06 -3.40 -34.20
N PHE D 41 -9.98 -2.24 -34.89
CA PHE D 41 -10.45 -2.19 -36.28
C PHE D 41 -9.65 -3.13 -37.17
N THR D 42 -8.32 -3.13 -37.03
CA THR D 42 -7.52 -3.98 -37.91
C THR D 42 -7.71 -5.46 -37.56
N ALA D 43 -7.87 -5.76 -36.26
CA ALA D 43 -8.12 -7.15 -35.89
C ALA D 43 -9.50 -7.60 -36.36
N ALA D 44 -10.46 -6.67 -36.44
CA ALA D 44 -11.79 -7.02 -36.93
C ALA D 44 -11.79 -7.32 -38.42
N GLY D 45 -10.82 -6.77 -39.16
CA GLY D 45 -10.81 -6.89 -40.61
C GLY D 45 -11.56 -5.78 -41.33
N VAL D 46 -12.07 -4.78 -40.62
CA VAL D 46 -12.86 -3.75 -41.29
C VAL D 46 -11.96 -2.76 -42.03
N LEU D 47 -10.73 -2.57 -41.56
CA LEU D 47 -9.82 -1.65 -42.22
C LEU D 47 -8.43 -2.28 -42.23
N ALA D 48 -7.64 -1.90 -43.22
CA ALA D 48 -6.23 -2.29 -43.28
C ALA D 48 -5.39 -1.25 -42.54
N ALA D 49 -4.37 -1.74 -41.83
CA ALA D 49 -3.52 -0.86 -41.01
C ALA D 49 -2.98 0.32 -41.82
N HIS D 50 -2.52 0.07 -43.05
CA HIS D 50 -1.96 1.15 -43.86
C HIS D 50 -2.99 2.23 -44.21
N LYS D 51 -4.28 1.89 -44.19
CA LYS D 51 -5.34 2.83 -44.50
C LYS D 51 -5.77 3.66 -43.28
N ILE D 52 -4.97 3.63 -42.20
CA ILE D 52 -5.25 4.37 -40.98
C ILE D 52 -4.06 5.30 -40.72
N MET D 53 -4.36 6.57 -40.44
CA MET D 53 -3.34 7.58 -40.20
C MET D 53 -3.57 8.22 -38.84
N ALA D 54 -2.49 8.43 -38.09
CA ALA D 54 -2.59 9.03 -36.76
C ALA D 54 -1.59 10.17 -36.62
N SER D 55 -2.01 11.19 -35.86
CA SER D 55 -1.19 12.36 -35.62
C SER D 55 -1.02 12.56 -34.11
N SER D 56 0.25 12.67 -33.68
CA SER D 56 0.60 12.87 -32.29
C SER D 56 1.68 13.94 -32.22
N PRO D 57 1.52 14.97 -31.38
CA PRO D 57 2.57 15.99 -31.26
C PRO D 57 3.82 15.53 -30.51
N ASP D 58 3.86 14.29 -30.01
CA ASP D 58 5.01 13.80 -29.26
C ASP D 58 5.19 12.32 -29.55
N MET D 59 6.20 11.99 -30.36
CA MET D 59 6.56 10.59 -30.65
C MET D 59 7.18 9.87 -29.44
N ASP D 60 7.15 10.45 -28.24
CA ASP D 60 7.67 9.78 -27.04
C ASP D 60 6.63 8.90 -26.36
N LEU D 61 5.36 9.01 -26.74
CA LEU D 61 4.33 8.18 -26.13
C LEU D 61 4.60 6.70 -26.40
N ALA D 62 4.34 5.87 -25.39
CA ALA D 62 4.49 4.43 -25.56
C ALA D 62 3.50 3.88 -26.58
N THR D 63 2.31 4.49 -26.67
CA THR D 63 1.32 4.06 -27.65
C THR D 63 1.79 4.37 -29.08
N VAL D 64 2.48 5.49 -29.26
CA VAL D 64 3.01 5.84 -30.58
C VAL D 64 4.03 4.81 -31.03
N SER D 65 4.73 4.17 -30.09
CA SER D 65 5.66 3.10 -30.44
C SER D 65 4.91 1.89 -31.02
N ALA D 66 3.82 1.50 -30.36
CA ALA D 66 3.07 0.33 -30.82
C ALA D 66 2.37 0.59 -32.15
N LEU D 67 1.75 1.77 -32.31
CA LEU D 67 1.01 2.08 -33.53
C LEU D 67 1.89 1.93 -34.76
N ARG D 68 3.16 2.34 -34.67
CA ARG D 68 4.06 2.21 -35.82
C ARG D 68 4.23 0.74 -36.19
N LYS D 69 4.45 -0.13 -35.20
CA LYS D 69 4.64 -1.55 -35.47
C LYS D 69 3.41 -2.17 -36.14
N MET D 70 2.23 -1.61 -35.90
CA MET D 70 1.01 -2.12 -36.51
C MET D 70 0.96 -1.91 -38.02
N GLY D 71 1.68 -0.91 -38.53
CA GLY D 71 1.52 -0.49 -39.90
C GLY D 71 0.60 0.71 -40.07
N VAL D 72 0.15 1.31 -38.98
CA VAL D 72 -0.63 2.55 -39.06
C VAL D 72 0.31 3.68 -39.46
N LYS D 73 0.03 4.32 -40.59
CA LYS D 73 0.82 5.48 -40.99
C LYS D 73 0.71 6.57 -39.94
N LEU D 74 1.86 7.04 -39.46
CA LEU D 74 1.89 8.09 -38.46
C LEU D 74 2.44 9.38 -39.07
N THR D 75 2.10 10.51 -38.43
CA THR D 75 2.52 11.82 -38.88
C THR D 75 2.38 12.78 -37.71
N PRO D 76 3.15 13.88 -37.67
CA PRO D 76 2.96 14.87 -36.61
C PRO D 76 2.00 15.98 -37.03
N HIS D 77 1.82 16.15 -38.33
CA HIS D 77 0.98 17.23 -38.85
C HIS D 77 -0.47 16.76 -38.89
N ASN D 78 -1.31 17.32 -38.01
CA ASN D 78 -2.74 16.98 -38.00
C ASN D 78 -3.39 17.22 -39.35
N LYS D 79 -2.94 18.24 -40.08
CA LYS D 79 -3.53 18.52 -41.39
C LYS D 79 -3.35 17.35 -42.35
N GLU D 80 -2.25 16.61 -42.20
CA GLU D 80 -2.05 15.43 -43.04
C GLU D 80 -3.07 14.35 -42.71
N THR D 81 -3.35 14.14 -41.42
CA THR D 81 -4.40 13.21 -41.03
C THR D 81 -5.74 13.61 -41.63
N VAL D 82 -6.07 14.90 -41.58
CA VAL D 82 -7.35 15.37 -42.12
C VAL D 82 -7.41 15.14 -43.62
N GLN D 83 -6.34 15.49 -44.33
CA GLN D 83 -6.33 15.30 -45.78
C GLN D 83 -6.52 13.84 -46.16
N HIS D 84 -5.99 12.92 -45.36
CA HIS D 84 -5.93 11.51 -45.71
C HIS D 84 -7.14 10.71 -45.25
N SER D 85 -8.15 11.34 -44.65
CA SER D 85 -9.19 10.61 -43.94
C SER D 85 -10.57 10.98 -44.46
N ASP D 86 -11.49 10.02 -44.35
CA ASP D 86 -12.92 10.24 -44.55
C ASP D 86 -13.66 10.33 -43.24
N VAL D 87 -13.35 9.43 -42.32
CA VAL D 87 -13.86 9.43 -40.96
C VAL D 87 -12.73 9.91 -40.07
N LEU D 88 -12.96 10.99 -39.32
CA LEU D 88 -11.91 11.64 -38.55
C LEU D 88 -12.26 11.54 -37.07
N PHE D 89 -11.53 10.69 -36.35
CA PHE D 89 -11.66 10.56 -34.91
C PHE D 89 -10.80 11.61 -34.22
N LEU D 90 -11.39 12.32 -33.27
CA LEU D 90 -10.65 13.28 -32.45
C LEU D 90 -10.41 12.61 -31.09
N ALA D 91 -9.17 12.18 -30.85
CA ALA D 91 -8.86 11.43 -29.65
C ALA D 91 -7.85 12.18 -28.78
N VAL D 92 -8.16 13.42 -28.45
CA VAL D 92 -7.30 14.24 -27.63
C VAL D 92 -8.07 14.64 -26.38
N LYS D 93 -7.34 15.22 -25.42
CA LYS D 93 -7.97 15.76 -24.24
C LYS D 93 -8.89 16.92 -24.63
N PRO D 94 -9.97 17.16 -23.86
CA PRO D 94 -10.99 18.13 -24.29
C PRO D 94 -10.50 19.57 -24.40
N HIS D 95 -9.41 19.95 -23.74
CA HIS D 95 -9.00 21.35 -23.78
C HIS D 95 -8.15 21.66 -25.01
N ILE D 96 -7.64 20.66 -25.72
CA ILE D 96 -6.96 20.93 -26.99
C ILE D 96 -7.95 21.10 -28.14
N ILE D 97 -9.18 20.59 -27.98
CA ILE D 97 -10.16 20.62 -29.06
C ILE D 97 -10.29 22.01 -29.70
N PRO D 98 -10.52 23.09 -28.94
CA PRO D 98 -10.56 24.42 -29.59
C PRO D 98 -9.31 24.74 -30.38
N PHE D 99 -8.13 24.33 -29.90
CA PHE D 99 -6.90 24.56 -30.65
C PHE D 99 -6.85 23.71 -31.91
N ILE D 100 -7.31 22.46 -31.83
CA ILE D 100 -7.24 21.57 -32.99
C ILE D 100 -8.30 21.92 -34.02
N LEU D 101 -9.49 22.35 -33.57
CA LEU D 101 -10.51 22.78 -34.52
C LEU D 101 -10.12 24.08 -35.22
N ASP D 102 -9.36 24.94 -34.55
CA ASP D 102 -8.82 26.12 -35.24
C ASP D 102 -7.72 25.74 -36.23
N GLU D 103 -6.94 24.71 -35.91
CA GLU D 103 -5.81 24.35 -36.76
C GLU D 103 -6.27 23.79 -38.10
N ILE D 104 -7.24 22.87 -38.10
CA ILE D 104 -7.64 22.16 -39.31
C ILE D 104 -9.10 22.41 -39.67
N GLY D 105 -9.77 23.34 -38.99
CA GLY D 105 -11.15 23.64 -39.33
C GLY D 105 -11.34 24.06 -40.77
N ALA D 106 -10.35 24.75 -41.35
CA ALA D 106 -10.43 25.13 -42.76
C ALA D 106 -10.22 23.94 -43.68
N ASP D 107 -9.67 22.83 -43.17
CA ASP D 107 -9.42 21.64 -43.97
C ASP D 107 -10.53 20.61 -43.87
N ILE D 108 -11.55 20.84 -43.04
CA ILE D 108 -12.72 19.98 -43.04
C ILE D 108 -13.52 20.23 -44.32
N GLU D 109 -13.88 19.16 -45.00
CA GLU D 109 -14.63 19.21 -46.25
C GLU D 109 -15.98 18.53 -46.05
N ASP D 110 -16.86 18.75 -47.02
CA ASP D 110 -18.18 18.12 -47.00
C ASP D 110 -18.08 16.62 -46.80
N ARG D 111 -17.02 16.00 -47.33
CA ARG D 111 -16.89 14.55 -47.27
C ARG D 111 -16.63 14.02 -45.87
N HIS D 112 -16.11 14.87 -44.97
CA HIS D 112 -15.62 14.38 -43.69
C HIS D 112 -16.77 14.05 -42.75
N ILE D 113 -16.62 12.94 -42.03
CA ILE D 113 -17.39 12.66 -40.83
C ILE D 113 -16.43 12.83 -39.66
N VAL D 114 -16.68 13.85 -38.83
CA VAL D 114 -15.83 14.18 -37.68
C VAL D 114 -16.42 13.49 -36.45
N VAL D 115 -15.68 12.58 -35.86
CA VAL D 115 -16.14 11.78 -34.73
C VAL D 115 -15.35 12.18 -33.51
N SER D 116 -16.01 12.82 -32.55
CA SER D 116 -15.34 13.29 -31.35
C SER D 116 -15.35 12.19 -30.28
N CYS D 117 -14.16 11.78 -29.87
CA CYS D 117 -13.97 10.96 -28.68
C CYS D 117 -13.28 11.73 -27.55
N ALA D 118 -13.43 13.04 -27.51
CA ALA D 118 -12.84 13.83 -26.45
C ALA D 118 -13.86 13.98 -25.32
N ALA D 119 -13.43 13.65 -24.10
CA ALA D 119 -14.31 13.63 -22.93
C ALA D 119 -15.06 14.93 -22.77
N GLY D 120 -16.39 14.85 -22.71
CA GLY D 120 -17.19 16.01 -22.46
C GLY D 120 -17.34 17.00 -23.59
N VAL D 121 -16.67 16.80 -24.73
CA VAL D 121 -16.79 17.79 -25.80
C VAL D 121 -18.12 17.59 -26.54
N THR D 122 -18.97 18.60 -26.48
CA THR D 122 -20.34 18.51 -26.99
C THR D 122 -20.42 18.72 -28.51
N ILE D 123 -21.46 18.17 -29.12
CA ILE D 123 -21.67 18.34 -30.55
C ILE D 123 -21.84 19.81 -30.88
N SER D 124 -22.65 20.51 -30.08
CA SER D 124 -22.85 21.94 -30.25
C SER D 124 -21.52 22.69 -30.37
N SER D 125 -20.58 22.40 -29.46
CA SER D 125 -19.33 23.15 -29.48
C SER D 125 -18.51 22.86 -30.73
N ILE D 126 -18.47 21.61 -31.17
CA ILE D 126 -17.73 21.27 -32.38
C ILE D 126 -18.38 21.92 -33.60
N GLU D 127 -19.70 21.79 -33.70
CA GLU D 127 -20.42 22.36 -34.83
C GLU D 127 -20.27 23.88 -34.85
N LYS D 128 -20.32 24.53 -33.68
CA LYS D 128 -20.11 25.97 -33.63
C LYS D 128 -18.76 26.34 -34.23
N LYS D 129 -17.69 25.64 -33.83
CA LYS D 129 -16.36 25.96 -34.34
C LYS D 129 -16.28 25.70 -35.84
N LEU D 130 -16.74 24.53 -36.29
CA LEU D 130 -16.55 24.18 -37.70
C LEU D 130 -17.57 24.85 -38.63
N SER D 131 -18.72 25.29 -38.11
CA SER D 131 -19.69 26.01 -38.93
C SER D 131 -19.16 27.34 -39.44
N ALA D 132 -18.12 27.88 -38.81
CA ALA D 132 -17.50 29.11 -39.28
C ALA D 132 -16.65 28.89 -40.52
N PHE D 133 -16.37 27.64 -40.88
CA PHE D 133 -15.67 27.33 -42.13
C PHE D 133 -16.69 26.82 -43.16
N ARG D 134 -16.88 25.52 -43.25
CA ARG D 134 -17.97 25.15 -44.15
C ARG D 134 -19.28 25.02 -43.35
N PRO D 135 -20.44 25.30 -43.99
CA PRO D 135 -21.67 25.51 -43.20
C PRO D 135 -22.27 24.26 -42.56
N ALA D 136 -22.04 23.06 -43.10
CA ALA D 136 -22.75 21.86 -42.64
C ALA D 136 -21.77 20.77 -42.19
N PRO D 137 -21.01 21.00 -41.13
CA PRO D 137 -20.08 19.95 -40.66
C PRO D 137 -20.85 18.72 -40.20
N ARG D 138 -20.38 17.55 -40.62
CA ARG D 138 -20.97 16.26 -40.24
C ARG D 138 -20.24 15.76 -39.00
N VAL D 139 -20.90 15.82 -37.84
CA VAL D 139 -20.28 15.56 -36.55
C VAL D 139 -21.03 14.44 -35.84
N ILE D 140 -20.27 13.51 -35.29
CA ILE D 140 -20.80 12.45 -34.44
C ILE D 140 -20.03 12.46 -33.13
N ARG D 141 -20.74 12.40 -32.01
CA ARG D 141 -20.09 12.28 -30.72
C ARG D 141 -20.10 10.81 -30.30
N CYS D 142 -18.93 10.32 -29.90
CA CYS D 142 -18.73 8.91 -29.60
C CYS D 142 -18.24 8.76 -28.16
N MET D 143 -18.72 7.71 -27.48
CA MET D 143 -18.27 7.33 -26.14
C MET D 143 -17.98 5.82 -26.17
N THR D 144 -16.72 5.47 -26.30
CA THR D 144 -16.31 4.08 -26.36
C THR D 144 -15.38 3.80 -25.18
N ASN D 145 -14.85 2.59 -25.10
CA ASN D 145 -13.94 2.24 -24.02
C ASN D 145 -12.82 1.36 -24.56
N THR D 146 -11.86 1.06 -23.68
CA THR D 146 -10.62 0.41 -24.12
C THR D 146 -10.79 -1.05 -24.56
N PRO D 147 -11.76 -1.83 -24.06
CA PRO D 147 -11.88 -3.22 -24.55
C PRO D 147 -12.25 -3.34 -26.04
N VAL D 148 -12.39 -2.23 -26.78
CA VAL D 148 -12.42 -2.34 -28.24
C VAL D 148 -11.14 -3.02 -28.73
N VAL D 149 -10.06 -2.94 -27.94
CA VAL D 149 -8.80 -3.56 -28.34
C VAL D 149 -8.90 -5.08 -28.41
N VAL D 150 -9.82 -5.70 -27.68
CA VAL D 150 -10.13 -7.12 -27.81
C VAL D 150 -11.50 -7.33 -28.44
N ARG D 151 -11.99 -6.30 -29.13
CA ARG D 151 -13.26 -6.35 -29.85
C ARG D 151 -14.43 -6.68 -28.93
N GLU D 152 -14.40 -6.18 -27.69
CA GLU D 152 -15.50 -6.33 -26.74
C GLU D 152 -15.79 -5.00 -26.08
N GLY D 153 -15.69 -3.92 -26.86
CA GLY D 153 -16.04 -2.61 -26.36
C GLY D 153 -17.53 -2.45 -26.13
N ALA D 154 -17.85 -1.36 -25.46
CA ALA D 154 -19.21 -0.86 -25.35
C ALA D 154 -19.21 0.57 -25.89
N THR D 155 -19.91 0.80 -26.99
CA THR D 155 -19.87 2.12 -27.61
C THR D 155 -21.28 2.67 -27.77
N VAL D 156 -21.45 3.97 -27.51
CA VAL D 156 -22.63 4.69 -27.93
C VAL D 156 -22.19 5.92 -28.72
N TYR D 157 -23.10 6.39 -29.58
CA TYR D 157 -22.81 7.58 -30.36
C TYR D 157 -24.08 8.40 -30.47
N ALA D 158 -23.90 9.71 -30.64
CA ALA D 158 -24.98 10.65 -30.95
C ALA D 158 -24.67 11.35 -32.28
N THR D 159 -25.68 11.47 -33.13
CA THR D 159 -25.51 12.10 -34.43
C THR D 159 -25.84 13.58 -34.36
N GLY D 160 -25.04 14.41 -35.05
CA GLY D 160 -25.17 15.85 -34.99
C GLY D 160 -26.16 16.40 -35.99
N THR D 161 -26.18 17.74 -36.08
CA THR D 161 -27.20 18.43 -36.88
C THR D 161 -27.17 18.02 -38.35
N HIS D 162 -25.99 17.84 -38.93
CA HIS D 162 -25.85 17.65 -40.36
C HIS D 162 -25.43 16.24 -40.75
N ALA D 163 -25.37 15.29 -39.81
CA ALA D 163 -25.04 13.91 -40.16
C ALA D 163 -26.20 13.26 -40.93
N GLN D 164 -25.90 12.73 -42.12
CA GLN D 164 -26.91 12.05 -42.92
C GLN D 164 -27.35 10.73 -42.28
N VAL D 165 -28.35 10.11 -42.89
CA VAL D 165 -28.83 8.81 -42.41
C VAL D 165 -27.70 7.78 -42.50
N GLU D 166 -27.07 7.69 -43.66
CA GLU D 166 -25.96 6.76 -43.85
C GLU D 166 -24.82 7.01 -42.85
N ASP D 167 -24.71 8.23 -42.31
CA ASP D 167 -23.63 8.53 -41.38
C ASP D 167 -23.78 7.76 -40.09
N GLY D 168 -24.97 7.81 -39.49
CA GLY D 168 -25.22 7.00 -38.31
C GLY D 168 -25.11 5.52 -38.59
N ARG D 169 -25.62 5.07 -39.73
CA ARG D 169 -25.52 3.67 -40.11
C ARG D 169 -24.07 3.24 -40.20
N LEU D 170 -23.24 4.04 -40.89
CA LEU D 170 -21.83 3.71 -41.06
C LEU D 170 -21.09 3.66 -39.72
N MET D 171 -21.36 4.62 -38.85
CA MET D 171 -20.74 4.62 -37.53
C MET D 171 -21.12 3.38 -36.75
N GLU D 172 -22.41 3.05 -36.74
CA GLU D 172 -22.91 1.84 -36.09
C GLU D 172 -22.18 0.60 -36.58
N GLN D 173 -22.03 0.47 -37.90
CA GLN D 173 -21.32 -0.66 -38.48
C GLN D 173 -19.87 -0.69 -38.04
N LEU D 174 -19.20 0.45 -38.13
CA LEU D 174 -17.78 0.51 -37.77
C LEU D 174 -17.55 0.13 -36.31
N LEU D 175 -18.29 0.76 -35.40
CA LEU D 175 -18.07 0.50 -33.99
C LEU D 175 -18.62 -0.85 -33.56
N SER D 176 -19.60 -1.40 -34.29
CA SER D 176 -20.07 -2.74 -33.98
C SER D 176 -19.00 -3.79 -34.24
N SER D 177 -18.01 -3.50 -35.08
CA SER D 177 -16.98 -4.51 -35.34
C SER D 177 -16.08 -4.74 -34.13
N VAL D 178 -16.10 -3.84 -33.15
CA VAL D 178 -15.20 -3.97 -32.01
C VAL D 178 -15.98 -4.05 -30.69
N GLY D 179 -17.25 -4.40 -30.73
CA GLY D 179 -17.99 -4.56 -29.50
C GLY D 179 -19.44 -4.17 -29.67
N PHE D 180 -20.09 -3.88 -28.54
CA PHE D 180 -21.47 -3.44 -28.56
C PHE D 180 -21.53 -1.99 -29.01
N CYS D 181 -22.62 -1.63 -29.67
CA CYS D 181 -22.80 -0.27 -30.17
C CYS D 181 -24.29 0.01 -30.38
N THR D 182 -24.74 1.19 -29.93
CA THR D 182 -26.10 1.63 -30.21
C THR D 182 -26.12 3.15 -30.17
N GLU D 183 -27.12 3.74 -30.80
CA GLU D 183 -27.30 5.18 -30.79
C GLU D 183 -28.06 5.63 -29.55
N VAL D 184 -27.62 6.75 -28.96
CA VAL D 184 -28.32 7.38 -27.84
C VAL D 184 -28.53 8.86 -28.16
N GLU D 185 -29.46 9.48 -27.43
CA GLU D 185 -29.49 10.93 -27.35
C GLU D 185 -28.22 11.42 -26.69
N GLU D 186 -27.72 12.57 -27.15
CA GLU D 186 -26.44 13.07 -26.67
C GLU D 186 -26.45 13.30 -25.16
N ASP D 187 -27.61 13.66 -24.59
CA ASP D 187 -27.63 13.96 -23.16
C ASP D 187 -27.56 12.72 -22.27
N LEU D 188 -27.48 11.52 -22.84
CA LEU D 188 -27.18 10.31 -22.09
C LEU D 188 -25.69 9.98 -22.05
N ILE D 189 -24.85 10.70 -22.79
CA ILE D 189 -23.45 10.29 -22.97
C ILE D 189 -22.66 10.46 -21.68
N ASP D 190 -22.94 11.51 -20.90
CA ASP D 190 -22.27 11.64 -19.61
C ASP D 190 -22.56 10.44 -18.72
N ALA D 191 -23.82 10.00 -18.69
CA ALA D 191 -24.21 8.83 -17.89
C ALA D 191 -23.58 7.55 -18.42
N VAL D 192 -23.47 7.43 -19.75
CA VAL D 192 -22.80 6.25 -20.31
C VAL D 192 -21.32 6.26 -19.94
N THR D 193 -20.68 7.44 -20.03
CA THR D 193 -19.28 7.56 -19.61
C THR D 193 -19.11 7.00 -18.20
N GLY D 194 -20.01 7.37 -17.28
CA GLY D 194 -19.87 6.93 -15.91
C GLY D 194 -20.05 5.44 -15.74
N LEU D 195 -20.74 4.80 -16.68
CA LEU D 195 -21.08 3.39 -16.58
C LEU D 195 -20.11 2.55 -17.40
N SER D 196 -20.20 2.58 -18.72
CA SER D 196 -19.30 1.72 -19.50
C SER D 196 -18.00 2.41 -19.91
N GLY D 197 -17.94 3.74 -19.87
CA GLY D 197 -16.67 4.40 -20.17
C GLY D 197 -15.65 4.21 -19.06
N SER D 198 -16.05 4.53 -17.84
CA SER D 198 -15.19 4.26 -16.69
C SER D 198 -15.25 2.81 -16.23
N GLY D 199 -16.27 2.06 -16.64
CA GLY D 199 -16.49 0.70 -16.18
C GLY D 199 -15.27 -0.21 -16.13
N PRO D 200 -14.50 -0.28 -17.23
CA PRO D 200 -13.34 -1.18 -17.22
C PRO D 200 -12.36 -0.86 -16.10
N ALA D 201 -12.22 0.40 -15.71
CA ALA D 201 -11.34 0.73 -14.59
C ALA D 201 -11.89 0.23 -13.26
N TYR D 202 -13.23 0.26 -13.10
CA TYR D 202 -13.81 -0.35 -11.91
C TYR D 202 -13.50 -1.85 -11.88
N ALA D 203 -13.63 -2.52 -13.03
CA ALA D 203 -13.36 -3.94 -13.10
C ALA D 203 -11.89 -4.25 -12.83
N PHE D 204 -10.96 -3.46 -13.38
CA PHE D 204 -9.55 -3.73 -13.11
C PHE D 204 -9.22 -3.56 -11.62
N THR D 205 -9.79 -2.53 -10.99
CA THR D 205 -9.63 -2.35 -9.54
C THR D 205 -10.17 -3.56 -8.79
N ALA D 206 -11.38 -4.00 -9.15
CA ALA D 206 -12.00 -5.13 -8.49
C ALA D 206 -11.16 -6.40 -8.65
N LEU D 207 -10.62 -6.64 -9.85
CA LEU D 207 -9.82 -7.83 -10.11
C LEU D 207 -8.53 -7.82 -9.29
N ASP D 208 -7.87 -6.67 -9.21
CA ASP D 208 -6.67 -6.55 -8.39
C ASP D 208 -6.98 -6.92 -6.94
N ALA D 209 -8.10 -6.39 -6.41
CA ALA D 209 -8.48 -6.64 -5.03
C ALA D 209 -8.94 -8.08 -4.82
N LEU D 210 -9.71 -8.63 -5.77
CA LEU D 210 -10.09 -10.04 -5.66
C LEU D 210 -8.86 -10.93 -5.68
N ALA D 211 -7.87 -10.58 -6.52
CA ALA D 211 -6.63 -11.37 -6.49
C ALA D 211 -5.91 -11.22 -5.15
N ASP D 212 -5.91 -10.01 -4.57
CA ASP D 212 -5.33 -9.85 -3.23
C ASP D 212 -6.01 -10.77 -2.23
N GLY D 213 -7.33 -10.90 -2.32
CA GLY D 213 -8.04 -11.79 -1.43
C GLY D 213 -7.68 -13.25 -1.65
N GLY D 214 -7.60 -13.66 -2.91
CA GLY D 214 -7.16 -15.03 -3.18
C GLY D 214 -5.78 -15.28 -2.63
N VAL D 215 -4.87 -14.32 -2.82
CA VAL D 215 -3.53 -14.44 -2.26
C VAL D 215 -3.59 -14.52 -0.74
N LYS D 216 -4.40 -13.66 -0.10
CA LYS D 216 -4.48 -13.71 1.36
C LYS D 216 -4.90 -15.10 1.84
N MET D 217 -5.80 -15.75 1.10
CA MET D 217 -6.31 -17.04 1.48
C MET D 217 -5.47 -18.21 0.99
N GLY D 218 -4.29 -17.96 0.40
CA GLY D 218 -3.35 -19.02 0.08
C GLY D 218 -3.09 -19.25 -1.40
N LEU D 219 -3.74 -18.54 -2.33
CA LEU D 219 -3.48 -18.85 -3.72
C LEU D 219 -2.24 -18.12 -4.25
N PRO D 220 -1.52 -18.74 -5.20
CA PRO D 220 -0.51 -17.99 -5.95
C PRO D 220 -1.14 -16.82 -6.70
N ARG D 221 -0.40 -15.72 -6.78
CA ARG D 221 -0.93 -14.52 -7.43
C ARG D 221 -1.39 -14.81 -8.86
N ARG D 222 -0.56 -15.46 -9.68
CA ARG D 222 -0.91 -15.65 -11.09
C ARG D 222 -2.24 -16.40 -11.23
N LEU D 223 -2.43 -17.48 -10.47
CA LEU D 223 -3.68 -18.22 -10.52
C LEU D 223 -4.85 -17.39 -10.02
N ALA D 224 -4.62 -16.59 -8.96
CA ALA D 224 -5.70 -15.76 -8.43
C ALA D 224 -6.14 -14.69 -9.44
N VAL D 225 -5.21 -14.11 -10.18
CA VAL D 225 -5.60 -13.15 -11.23
C VAL D 225 -6.42 -13.83 -12.32
N ARG D 226 -5.91 -14.95 -12.84
CA ARG D 226 -6.61 -15.73 -13.86
C ARG D 226 -8.02 -16.13 -13.41
N LEU D 227 -8.14 -16.68 -12.19
CA LEU D 227 -9.43 -17.17 -11.70
C LEU D 227 -10.43 -16.05 -11.51
N GLY D 228 -10.00 -14.92 -10.93
CA GLY D 228 -10.89 -13.81 -10.74
C GLY D 228 -11.35 -13.21 -12.05
N ALA D 229 -10.42 -13.11 -13.02
CA ALA D 229 -10.78 -12.57 -14.33
C ALA D 229 -11.75 -13.50 -15.05
N GLN D 230 -11.54 -14.81 -14.91
CA GLN D 230 -12.45 -15.78 -15.54
C GLN D 230 -13.84 -15.71 -14.93
N ALA D 231 -13.92 -15.61 -13.61
CA ALA D 231 -15.20 -15.49 -12.92
C ALA D 231 -15.99 -14.27 -13.39
N LEU D 232 -15.33 -13.12 -13.48
CA LEU D 232 -15.98 -11.90 -13.94
C LEU D 232 -16.45 -12.04 -15.38
N LEU D 233 -15.56 -12.49 -16.26
CA LEU D 233 -15.92 -12.70 -17.66
C LEU D 233 -17.13 -13.61 -17.76
N GLY D 234 -17.08 -14.77 -17.09
CA GLY D 234 -18.18 -15.72 -17.20
C GLY D 234 -19.47 -15.17 -16.64
N ALA D 235 -19.40 -14.45 -15.52
CA ALA D 235 -20.59 -13.87 -14.95
C ALA D 235 -21.21 -12.83 -15.90
N ALA D 236 -20.37 -11.98 -16.49
CA ALA D 236 -20.87 -10.98 -17.43
C ALA D 236 -21.52 -11.63 -18.64
N LYS D 237 -20.85 -12.64 -19.23
CA LYS D 237 -21.44 -13.32 -20.36
C LYS D 237 -22.76 -14.00 -19.96
N MET D 238 -22.79 -14.61 -18.78
CA MET D 238 -24.01 -15.24 -18.29
C MET D 238 -25.18 -14.25 -18.29
N LEU D 239 -24.94 -13.06 -17.76
CA LEU D 239 -25.99 -12.05 -17.68
C LEU D 239 -26.42 -11.59 -19.08
N LEU D 240 -25.44 -11.34 -19.96
CA LEU D 240 -25.76 -10.94 -21.32
C LEU D 240 -26.60 -11.99 -22.03
N HIS D 241 -26.40 -13.27 -21.69
CA HIS D 241 -27.08 -14.35 -22.39
C HIS D 241 -28.37 -14.80 -21.71
N SER D 242 -28.69 -14.29 -20.53
CA SER D 242 -29.93 -14.67 -19.86
C SER D 242 -30.93 -13.51 -19.93
N GLU D 243 -32.21 -13.85 -19.91
CA GLU D 243 -33.23 -12.84 -19.80
C GLU D 243 -33.51 -12.46 -18.35
N GLN D 244 -32.76 -13.02 -17.41
CA GLN D 244 -33.08 -12.93 -16.00
C GLN D 244 -32.41 -11.71 -15.37
N HIS D 245 -33.06 -11.20 -14.32
CA HIS D 245 -32.54 -10.09 -13.55
C HIS D 245 -31.23 -10.49 -12.85
N PRO D 246 -30.26 -9.57 -12.72
CA PRO D 246 -29.03 -9.90 -11.98
C PRO D 246 -29.29 -10.39 -10.57
N GLY D 247 -30.34 -9.89 -9.92
CA GLY D 247 -30.69 -10.38 -8.60
C GLY D 247 -31.17 -11.82 -8.63
N GLN D 248 -31.94 -12.19 -9.67
CA GLN D 248 -32.36 -13.59 -9.78
C GLN D 248 -31.17 -14.51 -10.01
N LEU D 249 -30.19 -14.06 -10.80
CA LEU D 249 -28.96 -14.84 -10.98
C LEU D 249 -28.21 -14.97 -9.67
N LYS D 250 -28.11 -13.87 -8.89
CA LYS D 250 -27.55 -13.95 -7.55
C LYS D 250 -28.27 -15.00 -6.70
N ASP D 251 -29.61 -14.94 -6.68
CA ASP D 251 -30.40 -15.91 -5.93
C ASP D 251 -30.09 -17.34 -6.37
N ASN D 252 -30.01 -17.58 -7.69
CA ASN D 252 -29.83 -18.94 -8.20
C ASN D 252 -28.55 -19.58 -7.71
N VAL D 253 -27.50 -18.79 -7.47
CA VAL D 253 -26.20 -19.34 -7.12
C VAL D 253 -25.87 -19.24 -5.63
N SER D 254 -26.73 -18.63 -4.81
CA SER D 254 -26.50 -18.52 -3.37
C SER D 254 -27.26 -19.62 -2.63
N SER D 255 -26.59 -20.74 -2.34
CA SER D 255 -27.24 -21.82 -1.61
C SER D 255 -27.43 -21.44 -0.15
N PRO D 256 -28.51 -21.92 0.47
CA PRO D 256 -28.79 -21.59 1.88
C PRO D 256 -27.63 -21.94 2.80
N GLY D 257 -27.26 -20.97 3.66
CA GLY D 257 -26.18 -21.15 4.61
C GLY D 257 -24.78 -21.24 4.03
N GLY D 258 -24.63 -21.17 2.70
CA GLY D 258 -23.38 -21.48 2.06
C GLY D 258 -22.37 -20.34 2.05
N ALA D 259 -21.26 -20.61 1.36
CA ALA D 259 -20.12 -19.71 1.37
C ALA D 259 -20.44 -18.41 0.64
N THR D 260 -21.16 -18.51 -0.48
CA THR D 260 -21.41 -17.32 -1.28
C THR D 260 -22.30 -16.32 -0.54
N ILE D 261 -23.41 -16.78 0.05
CA ILE D 261 -24.29 -15.84 0.77
C ILE D 261 -23.55 -15.22 1.97
N HIS D 262 -22.61 -15.96 2.59
CA HIS D 262 -21.81 -15.33 3.65
C HIS D 262 -20.94 -14.20 3.10
N ALA D 263 -20.36 -14.40 1.93
CA ALA D 263 -19.54 -13.36 1.31
C ALA D 263 -20.39 -12.18 0.88
N LEU D 264 -21.61 -12.43 0.36
CA LEU D 264 -22.45 -11.31 -0.04
C LEU D 264 -22.78 -10.41 1.14
N HIS D 265 -23.02 -11.00 2.31
CA HIS D 265 -23.32 -10.20 3.49
C HIS D 265 -22.20 -9.20 3.79
N VAL D 266 -20.94 -9.63 3.76
CA VAL D 266 -19.86 -8.70 4.04
C VAL D 266 -19.75 -7.63 2.94
N LEU D 267 -20.08 -7.96 1.68
CA LEU D 267 -20.19 -6.90 0.67
C LEU D 267 -21.26 -5.89 1.05
N GLU D 268 -22.46 -6.39 1.39
CA GLU D 268 -23.54 -5.49 1.79
C GLU D 268 -23.16 -4.64 2.99
N SER D 269 -22.43 -5.23 3.95
CA SER D 269 -22.11 -4.49 5.17
C SER D 269 -21.16 -3.33 4.91
N GLY D 270 -20.38 -3.38 3.82
CA GLY D 270 -19.57 -2.25 3.45
C GLY D 270 -20.22 -1.27 2.49
N GLY D 271 -21.48 -1.46 2.14
CA GLY D 271 -22.12 -0.62 1.14
C GLY D 271 -21.55 -0.77 -0.26
N PHE D 272 -21.08 -1.96 -0.61
CA PHE D 272 -20.53 -2.27 -1.94
C PHE D 272 -21.36 -1.69 -3.07
N ARG D 273 -22.68 -1.93 -3.03
CA ARG D 273 -23.56 -1.43 -4.08
C ARG D 273 -23.49 0.09 -4.17
N SER D 274 -23.52 0.78 -3.02
CA SER D 274 -23.52 2.23 -3.04
C SER D 274 -22.21 2.80 -3.58
N LEU D 275 -21.10 2.10 -3.38
CA LEU D 275 -19.83 2.58 -3.90
C LEU D 275 -19.84 2.63 -5.43
N LEU D 276 -20.35 1.57 -6.05
CA LEU D 276 -20.47 1.53 -7.50
C LEU D 276 -21.49 2.56 -8.02
N ILE D 277 -22.60 2.76 -7.30
CA ILE D 277 -23.50 3.86 -7.65
C ILE D 277 -22.74 5.19 -7.57
N ASN D 278 -22.06 5.40 -6.43
CA ASN D 278 -21.21 6.57 -6.25
C ASN D 278 -20.28 6.76 -7.43
N ALA D 279 -19.69 5.67 -7.91
CA ALA D 279 -18.69 5.75 -8.99
C ALA D 279 -19.32 6.24 -10.28
N VAL D 280 -20.37 5.57 -10.74
CA VAL D 280 -21.08 6.01 -11.94
C VAL D 280 -21.44 7.49 -11.81
N GLU D 281 -21.96 7.89 -10.65
CA GLU D 281 -22.40 9.26 -10.49
C GLU D 281 -21.22 10.22 -10.59
N ALA D 282 -20.11 9.88 -9.91
CA ALA D 282 -18.96 10.78 -9.87
C ALA D 282 -18.37 10.97 -11.25
N SER D 283 -18.28 9.89 -12.03
CA SER D 283 -17.72 9.99 -13.37
C SER D 283 -18.64 10.79 -14.29
N CYS D 284 -19.95 10.52 -14.21
CA CYS D 284 -20.91 11.28 -14.98
C CYS D 284 -20.84 12.76 -14.64
N ILE D 285 -20.79 13.09 -13.35
CA ILE D 285 -20.79 14.50 -12.95
C ILE D 285 -19.51 15.19 -13.41
N ARG D 286 -18.37 14.48 -13.33
CA ARG D 286 -17.12 15.05 -13.85
C ARG D 286 -17.23 15.28 -15.36
N THR D 287 -17.87 14.38 -16.08
CA THR D 287 -18.03 14.57 -17.51
C THR D 287 -18.84 15.83 -17.78
N ARG D 288 -19.91 16.04 -17.00
CA ARG D 288 -20.69 17.29 -17.12
C ARG D 288 -19.84 18.52 -16.83
N GLU D 289 -18.96 18.44 -15.84
CA GLU D 289 -18.04 19.56 -15.57
C GLU D 289 -17.15 19.83 -16.77
N LEU D 290 -16.61 18.77 -17.38
CA LEU D 290 -15.83 18.97 -18.61
C LEU D 290 -16.71 19.51 -19.74
N GLN D 291 -17.93 19.00 -19.90
CA GLN D 291 -18.87 19.54 -20.89
C GLN D 291 -19.11 21.04 -20.70
N SER D 292 -19.10 21.53 -19.44
CA SER D 292 -19.30 22.94 -19.21
C SER D 292 -18.09 23.76 -19.64
N MET D 293 -16.88 23.25 -19.40
CA MET D 293 -15.69 23.94 -19.89
C MET D 293 -15.63 23.95 -21.43
N ALA D 294 -16.30 22.99 -22.09
CA ALA D 294 -16.38 23.00 -23.55
C ALA D 294 -17.34 24.07 -24.08
N ASP D 295 -18.36 24.42 -23.31
CA ASP D 295 -19.35 25.42 -23.72
C ASP D 295 -19.09 26.80 -23.10
N GLN D 296 -18.00 26.97 -22.36
CA GLN D 296 -17.66 28.28 -21.80
C GLN D 296 -16.62 29.00 -22.66
N SER E 22 21.95 12.78 54.07
CA SER E 22 22.42 11.68 54.91
C SER E 22 22.16 10.33 54.26
N MET E 23 21.21 10.33 53.32
CA MET E 23 20.70 9.13 52.68
C MET E 23 21.45 8.82 51.39
N SER E 24 21.57 7.54 51.08
CA SER E 24 22.30 7.05 49.91
C SER E 24 21.35 6.29 48.99
N VAL E 25 21.34 6.66 47.71
CA VAL E 25 20.36 6.17 46.75
C VAL E 25 21.08 5.53 45.58
N GLY E 26 20.56 4.42 45.10
CA GLY E 26 21.13 3.74 43.94
C GLY E 26 20.07 3.42 42.91
N PHE E 27 20.53 3.33 41.65
CA PHE E 27 19.68 2.98 40.53
C PHE E 27 20.29 1.79 39.80
N ILE E 28 19.52 0.72 39.67
CA ILE E 28 19.84 -0.36 38.75
C ILE E 28 19.15 -0.04 37.43
N GLY E 29 19.94 0.28 36.42
CA GLY E 29 19.38 0.78 35.17
C GLY E 29 19.56 2.28 35.07
N ALA E 30 20.43 2.73 34.16
CA ALA E 30 20.70 4.15 34.02
C ALA E 30 20.03 4.71 32.78
N GLY E 31 18.74 4.42 32.62
CA GLY E 31 17.97 4.84 31.47
C GLY E 31 17.22 6.13 31.71
N GLN E 32 16.14 6.32 30.94
CA GLN E 32 15.43 7.59 30.97
C GLN E 32 14.80 7.86 32.33
N LEU E 33 14.36 6.82 33.04
CA LEU E 33 13.66 7.04 34.31
C LEU E 33 14.63 7.33 35.44
N ALA E 34 15.78 6.66 35.45
CA ALA E 34 16.80 6.95 36.45
C ALA E 34 17.34 8.37 36.28
N PHE E 35 17.52 8.80 35.03
CA PHE E 35 17.99 10.17 34.82
C PHE E 35 16.97 11.18 35.28
N ALA E 36 15.69 10.96 34.94
CA ALA E 36 14.65 11.92 35.32
C ALA E 36 14.56 12.03 36.84
N LEU E 37 14.51 10.89 37.54
CA LEU E 37 14.44 10.91 39.00
C LEU E 37 15.68 11.55 39.59
N ALA E 38 16.88 11.17 39.11
CA ALA E 38 18.12 11.72 39.65
C ALA E 38 18.22 13.22 39.41
N LYS E 39 17.93 13.66 38.18
CA LYS E 39 17.95 15.09 37.90
C LYS E 39 16.92 15.83 38.75
N GLY E 40 15.71 15.26 38.86
CA GLY E 40 14.69 15.86 39.72
C GLY E 40 15.12 15.94 41.17
N PHE E 41 15.69 14.84 41.69
CA PHE E 41 16.09 14.80 43.10
C PHE E 41 17.16 15.84 43.40
N THR E 42 18.14 15.96 42.51
CA THR E 42 19.23 16.90 42.74
C THR E 42 18.77 18.33 42.51
N ALA E 43 17.89 18.55 41.53
CA ALA E 43 17.32 19.89 41.37
C ALA E 43 16.52 20.29 42.61
N ALA E 44 15.89 19.31 43.27
CA ALA E 44 15.10 19.60 44.48
C ALA E 44 15.97 19.90 45.68
N GLY E 45 17.24 19.48 45.66
CA GLY E 45 18.09 19.63 46.80
C GLY E 45 17.92 18.58 47.87
N VAL E 46 17.06 17.59 47.64
CA VAL E 46 16.86 16.54 48.65
C VAL E 46 18.02 15.55 48.66
N LEU E 47 18.70 15.37 47.52
CA LEU E 47 19.86 14.52 47.43
C LEU E 47 20.97 15.28 46.72
N ALA E 48 22.19 15.11 47.20
CA ALA E 48 23.37 15.57 46.47
C ALA E 48 23.70 14.52 45.42
N ALA E 49 24.09 14.99 44.23
CA ALA E 49 24.38 14.08 43.13
C ALA E 49 25.36 12.98 43.52
N HIS E 50 26.33 13.30 44.38
CA HIS E 50 27.33 12.33 44.80
C HIS E 50 26.76 11.26 45.73
N LYS E 51 25.55 11.45 46.25
CA LYS E 51 24.90 10.44 47.07
C LYS E 51 24.11 9.44 46.23
N ILE E 52 24.14 9.59 44.90
CA ILE E 52 23.40 8.75 43.99
C ILE E 52 24.40 7.96 43.16
N MET E 53 24.16 6.65 43.02
CA MET E 53 24.98 5.80 42.18
C MET E 53 24.07 5.05 41.22
N ALA E 54 24.51 4.89 39.98
CA ALA E 54 23.74 4.18 38.96
C ALA E 54 24.61 3.14 38.28
N SER E 55 23.97 2.05 37.84
CA SER E 55 24.65 1.00 37.09
C SER E 55 23.83 0.66 35.85
N SER E 56 24.54 0.27 34.78
CA SER E 56 23.91 0.05 33.49
C SER E 56 24.76 -0.94 32.70
N PRO E 57 24.13 -1.73 31.82
CA PRO E 57 24.92 -2.56 30.89
C PRO E 57 25.66 -1.72 29.85
N ASP E 58 24.93 -0.96 29.02
CA ASP E 58 25.53 -0.09 27.99
C ASP E 58 25.99 1.20 28.65
N MET E 59 27.19 1.14 29.24
CA MET E 59 27.78 2.28 29.93
C MET E 59 28.14 3.43 29.01
N ASP E 60 27.92 3.30 27.70
CA ASP E 60 28.18 4.37 26.75
C ASP E 60 26.91 5.08 26.32
N LEU E 61 25.81 4.89 27.04
CA LEU E 61 24.54 5.52 26.72
C LEU E 61 24.63 7.04 26.88
N ALA E 62 23.59 7.73 26.41
CA ALA E 62 23.52 9.17 26.60
C ALA E 62 23.19 9.50 28.05
N THR E 63 22.15 8.85 28.59
CA THR E 63 21.77 9.07 29.99
C THR E 63 22.92 8.80 30.94
N VAL E 64 23.83 7.88 30.59
CA VAL E 64 24.97 7.58 31.46
C VAL E 64 25.96 8.74 31.47
N SER E 65 26.24 9.32 30.31
CA SER E 65 27.14 10.47 30.25
C SER E 65 26.51 11.69 30.93
N ALA E 66 25.20 11.86 30.78
CA ALA E 66 24.52 12.99 31.42
C ALA E 66 24.60 12.91 32.93
N LEU E 67 24.38 11.72 33.51
CA LEU E 67 24.53 11.55 34.95
C LEU E 67 25.97 11.79 35.37
N ARG E 68 26.94 11.46 34.51
CA ARG E 68 28.34 11.72 34.80
C ARG E 68 28.57 13.23 34.97
N LYS E 69 28.10 14.03 34.01
CA LYS E 69 28.24 15.48 34.08
C LYS E 69 27.57 16.06 35.32
N MET E 70 26.53 15.40 35.84
CA MET E 70 25.85 15.88 37.03
C MET E 70 26.57 15.55 38.34
N GLY E 71 27.56 14.65 38.31
CA GLY E 71 28.20 14.24 39.54
C GLY E 71 27.63 12.99 40.16
N VAL E 72 26.73 12.29 39.46
CA VAL E 72 26.25 11.00 39.91
C VAL E 72 27.34 9.97 39.69
N LYS E 73 27.62 9.16 40.72
CA LYS E 73 28.57 8.07 40.58
C LYS E 73 28.03 7.02 39.61
N LEU E 74 28.85 6.62 38.65
CA LEU E 74 28.47 5.60 37.68
C LEU E 74 29.35 4.36 37.87
N THR E 75 28.75 3.18 37.62
CA THR E 75 29.46 1.91 37.69
C THR E 75 28.79 0.94 36.73
N PRO E 76 29.52 -0.05 36.22
CA PRO E 76 28.88 -1.13 35.47
C PRO E 76 28.54 -2.37 36.30
N HIS E 77 28.78 -2.33 37.62
CA HIS E 77 28.51 -3.46 38.49
C HIS E 77 27.27 -3.17 39.33
N ASN E 78 26.20 -3.95 39.10
CA ASN E 78 25.01 -3.82 39.93
C ASN E 78 25.33 -4.03 41.41
N LYS E 79 26.29 -4.91 41.71
CA LYS E 79 26.65 -5.16 43.09
C LYS E 79 27.21 -3.91 43.76
N GLU E 80 27.92 -3.07 43.01
CA GLU E 80 28.45 -1.84 43.58
C GLU E 80 27.33 -0.87 43.94
N THR E 81 26.33 -0.75 43.07
CA THR E 81 25.19 0.10 43.38
C THR E 81 24.47 -0.39 44.65
N VAL E 82 24.33 -1.71 44.80
CA VAL E 82 23.65 -2.25 45.98
C VAL E 82 24.43 -1.93 47.25
N GLN E 83 25.74 -2.19 47.24
CA GLN E 83 26.54 -1.96 48.44
C GLN E 83 26.60 -0.48 48.79
N HIS E 84 26.47 0.42 47.80
CA HIS E 84 26.47 1.85 48.06
C HIS E 84 25.15 2.35 48.63
N SER E 85 24.04 1.67 48.35
CA SER E 85 22.72 2.28 48.49
C SER E 85 22.03 1.89 49.78
N ASP E 86 21.23 2.82 50.29
CA ASP E 86 20.18 2.54 51.28
C ASP E 86 18.87 2.27 50.57
N VAL E 87 18.43 3.23 49.78
CA VAL E 87 17.25 3.12 48.93
C VAL E 87 17.72 2.72 47.54
N LEU E 88 17.19 1.61 47.03
CA LEU E 88 17.63 1.03 45.76
C LEU E 88 16.47 1.01 44.79
N PHE E 89 16.56 1.83 43.74
CA PHE E 89 15.57 1.87 42.67
C PHE E 89 15.89 0.83 41.61
N LEU E 90 14.88 0.04 41.23
CA LEU E 90 14.94 -0.85 40.07
C LEU E 90 14.27 -0.11 38.91
N ALA E 91 15.07 0.39 37.97
CA ALA E 91 14.53 1.12 36.84
C ALA E 91 15.00 0.48 35.54
N VAL E 92 14.69 -0.80 35.37
CA VAL E 92 15.06 -1.56 34.19
C VAL E 92 13.78 -2.09 33.56
N LYS E 93 13.93 -2.65 32.36
CA LYS E 93 12.81 -3.33 31.71
C LYS E 93 12.40 -4.55 32.55
N PRO E 94 11.12 -4.93 32.52
CA PRO E 94 10.64 -5.95 33.45
C PRO E 94 11.20 -7.34 33.19
N HIS E 95 11.53 -7.65 31.93
CA HIS E 95 12.10 -8.96 31.61
C HIS E 95 13.43 -9.17 32.31
N ILE E 96 14.15 -8.09 32.61
CA ILE E 96 15.46 -8.19 33.24
C ILE E 96 15.36 -8.42 34.74
N ILE E 97 14.24 -8.04 35.36
CA ILE E 97 14.12 -8.07 36.82
C ILE E 97 14.50 -9.42 37.44
N PRO E 98 13.97 -10.56 36.96
CA PRO E 98 14.39 -11.84 37.56
C PRO E 98 15.90 -12.09 37.49
N PHE E 99 16.54 -11.77 36.36
CA PHE E 99 17.99 -11.90 36.30
C PHE E 99 18.66 -10.92 37.26
N ILE E 100 18.11 -9.71 37.39
CA ILE E 100 18.69 -8.74 38.32
C ILE E 100 18.53 -9.24 39.76
N LEU E 101 17.32 -9.65 40.13
CA LEU E 101 17.10 -10.13 41.50
C LEU E 101 17.96 -11.34 41.80
N ASP E 102 18.27 -12.16 40.80
CA ASP E 102 19.15 -13.28 41.05
C ASP E 102 20.63 -12.88 41.08
N GLU E 103 20.99 -11.71 40.54
CA GLU E 103 22.38 -11.28 40.59
C GLU E 103 22.74 -10.55 41.86
N ILE E 104 21.80 -9.83 42.48
CA ILE E 104 22.06 -9.02 43.65
C ILE E 104 21.33 -9.49 44.89
N GLY E 105 20.50 -10.55 44.77
CA GLY E 105 19.65 -10.95 45.88
C GLY E 105 20.43 -11.26 47.15
N ALA E 106 21.60 -11.86 47.01
CA ALA E 106 22.44 -12.16 48.17
C ALA E 106 23.07 -10.91 48.76
N ASP E 107 23.07 -9.80 48.03
CA ASP E 107 23.67 -8.55 48.49
C ASP E 107 22.67 -7.62 49.17
N ILE E 108 21.38 -7.93 49.13
CA ILE E 108 20.38 -7.13 49.83
C ILE E 108 20.52 -7.37 51.33
N GLU E 109 20.58 -6.29 52.10
CA GLU E 109 20.71 -6.36 53.55
C GLU E 109 19.44 -5.87 54.21
N ASP E 110 19.40 -6.01 55.55
CA ASP E 110 18.24 -5.54 56.30
C ASP E 110 18.02 -4.04 56.14
N ARG E 111 19.08 -3.29 55.85
CA ARG E 111 18.97 -1.84 55.73
C ARG E 111 18.30 -1.40 54.43
N HIS E 112 18.27 -2.27 53.42
CA HIS E 112 17.89 -1.84 52.08
C HIS E 112 16.39 -1.65 51.96
N ILE E 113 16.00 -0.67 51.14
CA ILE E 113 14.64 -0.52 50.66
C ILE E 113 14.69 -0.68 49.16
N VAL E 114 14.07 -1.73 48.65
CA VAL E 114 14.04 -2.00 47.22
C VAL E 114 12.78 -1.38 46.65
N VAL E 115 12.96 -0.40 45.77
CA VAL E 115 11.86 0.36 45.18
C VAL E 115 11.79 -0.03 43.70
N SER E 116 10.78 -0.80 43.34
CA SER E 116 10.66 -1.27 41.96
C SER E 116 9.84 -0.28 41.13
N CYS E 117 10.40 0.11 39.98
CA CYS E 117 9.70 0.87 38.95
C CYS E 117 9.55 0.09 37.66
N ALA E 118 9.88 -1.20 37.66
CA ALA E 118 9.79 -1.99 36.43
C ALA E 118 8.34 -2.27 36.10
N ALA E 119 7.97 -2.05 34.85
CA ALA E 119 6.57 -2.02 34.45
C ALA E 119 5.89 -3.35 34.73
N GLY E 120 4.83 -3.31 35.54
CA GLY E 120 4.04 -4.48 35.82
C GLY E 120 4.64 -5.49 36.77
N VAL E 121 5.83 -5.24 37.31
CA VAL E 121 6.45 -6.20 38.24
C VAL E 121 5.83 -6.04 39.61
N THR E 122 5.14 -7.09 40.06
CA THR E 122 4.37 -7.07 41.30
C THR E 122 5.28 -7.20 42.52
N ILE E 123 4.78 -6.72 43.66
CA ILE E 123 5.53 -6.85 44.92
C ILE E 123 5.74 -8.32 45.25
N SER E 124 4.70 -9.13 45.05
CA SER E 124 4.80 -10.56 45.30
C SER E 124 5.99 -11.18 44.57
N SER E 125 6.14 -10.85 43.28
CA SER E 125 7.21 -11.48 42.49
C SER E 125 8.58 -11.07 43.01
N ILE E 126 8.74 -9.82 43.44
CA ILE E 126 10.01 -9.35 43.98
C ILE E 126 10.28 -10.00 45.32
N GLU E 127 9.27 -9.99 46.21
CA GLU E 127 9.46 -10.56 47.53
C GLU E 127 9.73 -12.05 47.48
N LYS E 128 9.10 -12.77 46.54
CA LYS E 128 9.34 -14.21 46.44
C LYS E 128 10.78 -14.48 46.03
N LYS E 129 11.30 -13.70 45.07
CA LYS E 129 12.66 -13.86 44.58
C LYS E 129 13.70 -13.45 45.63
N LEU E 130 13.47 -12.31 46.29
CA LEU E 130 14.44 -11.84 47.28
C LEU E 130 14.42 -12.68 48.57
N SER E 131 13.24 -13.18 48.98
CA SER E 131 13.14 -13.94 50.22
C SER E 131 13.96 -15.22 50.20
N ALA E 132 14.27 -15.73 49.01
CA ALA E 132 15.12 -16.90 48.90
C ALA E 132 16.50 -16.66 49.50
N PHE E 133 16.96 -15.41 49.53
CA PHE E 133 18.28 -15.08 50.08
C PHE E 133 18.15 -14.66 51.54
N ARG E 134 17.55 -13.50 51.77
CA ARG E 134 17.34 -13.01 53.12
C ARG E 134 15.86 -12.82 53.38
N PRO E 135 15.34 -13.26 54.53
CA PRO E 135 13.92 -13.05 54.82
C PRO E 135 13.61 -11.57 54.99
N ALA E 136 12.33 -11.25 54.89
CA ALA E 136 11.82 -9.90 55.11
C ALA E 136 12.51 -8.81 54.28
N PRO E 137 12.62 -8.97 52.97
CA PRO E 137 13.07 -7.85 52.14
C PRO E 137 12.03 -6.74 52.18
N ARG E 138 12.50 -5.51 52.33
CA ARG E 138 11.64 -4.33 52.36
C ARG E 138 11.45 -3.83 50.93
N VAL E 139 10.26 -4.03 50.39
CA VAL E 139 9.98 -3.79 48.99
C VAL E 139 8.89 -2.74 48.88
N ILE E 140 9.06 -1.80 47.97
CA ILE E 140 8.03 -0.83 47.64
C ILE E 140 7.91 -0.76 46.13
N ARG E 141 6.67 -0.77 45.64
CA ARG E 141 6.41 -0.67 44.21
C ARG E 141 6.02 0.76 43.88
N CYS E 142 6.68 1.34 42.88
CA CYS E 142 6.51 2.73 42.51
C CYS E 142 5.98 2.85 41.08
N MET E 143 5.06 3.80 40.86
CA MET E 143 4.59 4.14 39.51
C MET E 143 4.74 5.65 39.35
N THR E 144 5.82 6.07 38.69
CA THR E 144 6.14 7.48 38.49
C THR E 144 6.13 7.78 37.00
N ASN E 145 6.41 9.04 36.62
CA ASN E 145 6.42 9.40 35.21
C ASN E 145 7.57 10.39 34.94
N THR E 146 7.83 10.63 33.66
CA THR E 146 8.99 11.42 33.28
C THR E 146 9.00 12.87 33.78
N PRO E 147 7.85 13.58 33.92
CA PRO E 147 7.94 14.97 34.39
C PRO E 147 8.56 15.17 35.77
N VAL E 148 8.93 14.09 36.49
CA VAL E 148 9.77 14.26 37.68
C VAL E 148 11.05 14.99 37.30
N VAL E 149 11.45 14.93 36.02
CA VAL E 149 12.65 15.63 35.59
C VAL E 149 12.50 17.16 35.66
N VAL E 150 11.29 17.70 35.68
CA VAL E 150 11.08 19.12 35.95
C VAL E 150 10.33 19.32 37.26
N ARG E 151 10.39 18.30 38.14
CA ARG E 151 9.83 18.33 39.48
C ARG E 151 8.30 18.49 39.46
N GLU E 152 7.66 17.97 38.42
CA GLU E 152 6.20 18.00 38.34
C GLU E 152 5.67 16.62 37.99
N GLY E 153 6.29 15.59 38.58
CA GLY E 153 5.85 14.25 38.35
C GLY E 153 4.56 13.97 39.08
N ALA E 154 3.97 12.84 38.72
CA ALA E 154 2.88 12.25 39.47
C ALA E 154 3.33 10.86 39.88
N THR E 155 3.35 10.61 41.17
CA THR E 155 3.90 9.34 41.67
C THR E 155 2.92 8.71 42.64
N VAL E 156 2.71 7.40 42.49
CA VAL E 156 2.07 6.63 43.54
C VAL E 156 2.98 5.47 43.90
N TYR E 157 2.80 4.97 45.12
CA TYR E 157 3.59 3.84 45.59
C TYR E 157 2.70 2.93 46.44
N ALA E 158 3.08 1.66 46.51
CA ALA E 158 2.44 0.69 47.39
C ALA E 158 3.51 -0.02 48.20
N THR E 159 3.25 -0.21 49.49
CA THR E 159 4.25 -0.80 50.38
C THR E 159 4.09 -2.32 50.45
N GLY E 160 5.22 -3.02 50.57
CA GLY E 160 5.24 -4.46 50.61
C GLY E 160 5.04 -5.02 52.00
N THR E 161 5.20 -6.34 52.10
CA THR E 161 4.89 -7.08 53.32
C THR E 161 5.78 -6.66 54.49
N HIS E 162 7.05 -6.38 54.21
CA HIS E 162 8.02 -6.07 55.25
C HIS E 162 8.47 -4.61 55.21
N ALA E 163 7.90 -3.79 54.33
CA ALA E 163 8.15 -2.36 54.43
C ALA E 163 7.68 -1.85 55.79
N GLN E 164 8.59 -1.26 56.57
CA GLN E 164 8.17 -0.62 57.80
C GLN E 164 7.35 0.64 57.48
N VAL E 165 6.68 1.19 58.49
CA VAL E 165 5.90 2.40 58.27
C VAL E 165 6.81 3.56 57.90
N GLU E 166 7.95 3.68 58.59
CA GLU E 166 8.93 4.70 58.23
C GLU E 166 9.33 4.62 56.76
N ASP E 167 9.34 3.42 56.17
CA ASP E 167 9.77 3.27 54.78
C ASP E 167 8.83 4.00 53.84
N GLY E 168 7.53 3.84 54.04
CA GLY E 168 6.56 4.56 53.21
C GLY E 168 6.69 6.07 53.38
N ARG E 169 6.80 6.54 54.62
CA ARG E 169 6.95 7.97 54.84
C ARG E 169 8.24 8.50 54.22
N LEU E 170 9.35 7.74 54.33
CA LEU E 170 10.59 8.15 53.68
C LEU E 170 10.41 8.23 52.17
N MET E 171 9.72 7.23 51.59
CA MET E 171 9.49 7.20 50.15
CA MET E 171 9.55 7.24 50.15
C MET E 171 8.63 8.37 49.70
N GLU E 172 7.54 8.63 50.43
CA GLU E 172 6.67 9.72 50.03
C GLU E 172 7.38 11.05 50.18
N GLN E 173 8.25 11.17 51.18
CA GLN E 173 9.02 12.39 51.36
C GLN E 173 9.95 12.61 50.18
N LEU E 174 10.67 11.57 49.76
CA LEU E 174 11.61 11.72 48.65
C LEU E 174 10.89 12.08 47.35
N LEU E 175 9.81 11.37 47.05
CA LEU E 175 9.14 11.53 45.76
C LEU E 175 8.21 12.74 45.73
N SER E 176 7.76 13.21 46.90
CA SER E 176 7.07 14.50 46.97
C SER E 176 7.96 15.64 46.50
N SER E 177 9.28 15.48 46.56
CA SER E 177 10.16 16.58 46.20
C SER E 177 10.17 16.81 44.70
N VAL E 178 9.71 15.84 43.91
CA VAL E 178 9.75 15.93 42.45
C VAL E 178 8.36 15.89 41.83
N GLY E 179 7.31 16.09 42.63
CA GLY E 179 5.96 16.14 42.10
C GLY E 179 4.95 15.68 43.13
N PHE E 180 3.75 15.40 42.63
CA PHE E 180 2.71 14.82 43.47
C PHE E 180 3.05 13.38 43.82
N CYS E 181 2.74 12.98 45.04
CA CYS E 181 3.00 11.62 45.47
C CYS E 181 2.00 11.23 46.56
N THR E 182 1.45 10.02 46.43
CA THR E 182 0.57 9.50 47.46
C THR E 182 0.62 7.98 47.42
N GLU E 183 0.25 7.38 48.55
CA GLU E 183 0.21 5.93 48.67
C GLU E 183 -1.10 5.38 48.11
N VAL E 184 -1.02 4.22 47.43
CA VAL E 184 -2.20 3.50 46.96
C VAL E 184 -2.04 2.01 47.22
N GLU E 185 -3.18 1.30 47.20
CA GLU E 185 -3.17 -0.15 47.12
C GLU E 185 -2.50 -0.59 45.82
N GLU E 186 -1.76 -1.69 45.90
CA GLU E 186 -1.01 -2.15 44.73
C GLU E 186 -1.94 -2.42 43.55
N ASP E 187 -3.17 -2.87 43.82
CA ASP E 187 -4.09 -3.18 42.73
C ASP E 187 -4.67 -1.93 42.05
N LEU E 188 -4.25 -0.72 42.43
CA LEU E 188 -4.58 0.49 41.69
C LEU E 188 -3.46 0.96 40.74
N ILE E 189 -2.29 0.33 40.79
CA ILE E 189 -1.14 0.83 40.02
C ILE E 189 -1.35 0.66 38.52
N ASP E 190 -1.99 -0.44 38.10
CA ASP E 190 -2.30 -0.57 36.68
C ASP E 190 -3.14 0.60 36.19
N ALA E 191 -4.14 1.00 36.97
CA ALA E 191 -5.00 2.10 36.55
C ALA E 191 -4.23 3.42 36.57
N VAL E 192 -3.41 3.64 37.61
CA VAL E 192 -2.59 4.85 37.64
C VAL E 192 -1.64 4.88 36.45
N THR E 193 -1.10 3.71 36.05
CA THR E 193 -0.26 3.66 34.86
C THR E 193 -1.03 4.21 33.65
N GLY E 194 -2.27 3.75 33.46
CA GLY E 194 -3.04 4.24 32.30
C GLY E 194 -3.30 5.73 32.33
N LEU E 195 -3.26 6.34 33.52
CA LEU E 195 -3.68 7.71 33.69
C LEU E 195 -2.47 8.64 33.75
N SER E 196 -1.71 8.59 34.83
CA SER E 196 -0.57 9.50 34.92
C SER E 196 0.74 8.90 34.41
N GLY E 197 0.87 7.57 34.38
CA GLY E 197 2.07 6.97 33.83
C GLY E 197 2.20 7.20 32.33
N SER E 198 1.15 6.84 31.58
CA SER E 198 1.09 7.10 30.15
C SER E 198 0.64 8.51 29.81
N GLY E 199 0.06 9.24 30.76
CA GLY E 199 -0.52 10.53 30.47
C GLY E 199 0.38 11.54 29.76
N PRO E 200 1.65 11.66 30.17
CA PRO E 200 2.51 12.63 29.45
C PRO E 200 2.58 12.36 27.95
N ALA E 201 2.58 11.08 27.53
CA ALA E 201 2.60 10.78 26.10
C ALA E 201 1.31 11.26 25.42
N TYR E 202 0.16 11.10 26.09
CA TYR E 202 -1.08 11.65 25.53
C TYR E 202 -0.95 13.15 25.34
N ALA E 203 -0.36 13.84 26.32
CA ALA E 203 -0.16 15.28 26.21
C ALA E 203 0.82 15.66 25.10
N PHE E 204 1.93 14.93 24.96
CA PHE E 204 2.85 15.25 23.87
C PHE E 204 2.18 15.08 22.50
N THR E 205 1.38 14.01 22.35
CA THR E 205 0.64 13.80 21.10
C THR E 205 -0.34 14.94 20.87
N ALA E 206 -1.06 15.33 21.92
CA ALA E 206 -2.01 16.43 21.84
C ALA E 206 -1.31 17.73 21.49
N LEU E 207 -0.15 18.00 22.09
CA LEU E 207 0.55 19.26 21.80
C LEU E 207 1.04 19.30 20.36
N ASP E 208 1.55 18.18 19.84
CA ASP E 208 1.98 18.15 18.45
C ASP E 208 0.83 18.44 17.49
N ALA E 209 -0.34 17.84 17.72
CA ALA E 209 -1.54 18.05 16.92
C ALA E 209 -2.06 19.48 17.05
N LEU E 210 -2.11 20.00 18.28
CA LEU E 210 -2.54 21.38 18.45
C LEU E 210 -1.62 22.33 17.70
N ALA E 211 -0.32 22.05 17.73
CA ALA E 211 0.61 22.88 16.97
C ALA E 211 0.35 22.75 15.47
N ASP E 212 0.13 21.53 14.98
CA ASP E 212 -0.26 21.36 13.59
C ASP E 212 -1.47 22.22 13.25
N GLY E 213 -2.42 22.29 14.18
CA GLY E 213 -3.61 23.10 13.96
C GLY E 213 -3.31 24.59 13.91
N GLY E 214 -2.44 25.06 14.81
CA GLY E 214 -1.99 26.45 14.77
C GLY E 214 -1.27 26.79 13.48
N VAL E 215 -0.39 25.89 13.02
CA VAL E 215 0.33 26.09 11.76
C VAL E 215 -0.64 26.14 10.58
N LYS E 216 -1.62 25.24 10.57
CA LYS E 216 -2.60 25.26 9.47
C LYS E 216 -3.32 26.59 9.39
N MET E 217 -3.65 27.16 10.54
CA MET E 217 -4.36 28.42 10.59
C MET E 217 -3.43 29.65 10.50
N GLY E 218 -2.13 29.44 10.30
CA GLY E 218 -1.20 30.51 9.91
C GLY E 218 -0.13 30.88 10.92
N LEU E 219 -0.01 30.18 12.08
CA LEU E 219 1.03 30.51 13.06
C LEU E 219 2.35 29.85 12.70
N PRO E 220 3.48 30.51 12.98
CA PRO E 220 4.76 29.81 12.90
C PRO E 220 4.81 28.66 13.89
N ARG E 221 5.58 27.62 13.53
CA ARG E 221 5.55 26.38 14.31
C ARG E 221 6.04 26.60 15.74
N ARG E 222 7.13 27.35 15.92
CA ARG E 222 7.68 27.50 17.26
C ARG E 222 6.70 28.24 18.17
N LEU E 223 6.08 29.30 17.67
CA LEU E 223 5.06 29.99 18.44
C LEU E 223 3.87 29.08 18.75
N ALA E 224 3.44 28.26 17.78
CA ALA E 224 2.31 27.35 18.00
C ALA E 224 2.59 26.32 19.10
N VAL E 225 3.81 25.79 19.15
CA VAL E 225 4.16 24.80 20.19
C VAL E 225 4.17 25.47 21.57
N ARG E 226 4.73 26.68 21.65
CA ARG E 226 4.79 27.44 22.89
C ARG E 226 3.40 27.80 23.40
N LEU E 227 2.54 28.33 22.53
CA LEU E 227 1.18 28.70 22.94
C LEU E 227 0.39 27.48 23.40
N GLY E 228 0.50 26.37 22.68
CA GLY E 228 -0.28 25.21 23.02
C GLY E 228 0.17 24.58 24.34
N ALA E 229 1.50 24.52 24.55
CA ALA E 229 2.04 24.02 25.82
C ALA E 229 1.65 24.93 26.98
N GLN E 230 1.78 26.25 26.79
CA GLN E 230 1.38 27.18 27.82
C GLN E 230 -0.09 27.03 28.16
N ALA E 231 -0.94 26.92 27.13
CA ALA E 231 -2.37 26.70 27.34
C ALA E 231 -2.62 25.47 28.21
N LEU E 232 -1.93 24.36 27.91
CA LEU E 232 -2.20 23.12 28.64
C LEU E 232 -1.68 23.21 30.07
N LEU E 233 -0.46 23.73 30.25
CA LEU E 233 0.05 23.96 31.61
C LEU E 233 -0.90 24.84 32.39
N GLY E 234 -1.28 25.99 31.83
CA GLY E 234 -2.14 26.91 32.56
C GLY E 234 -3.48 26.30 32.93
N ALA E 235 -4.09 25.56 32.02
CA ALA E 235 -5.36 24.91 32.35
C ALA E 235 -5.17 23.88 33.47
N ALA E 236 -4.11 23.08 33.38
CA ALA E 236 -3.89 22.07 34.40
C ALA E 236 -3.70 22.71 35.76
N LYS E 237 -2.95 23.83 35.79
CA LYS E 237 -2.72 24.49 37.06
C LYS E 237 -4.02 25.07 37.61
N MET E 238 -4.87 25.64 36.74
CA MET E 238 -6.17 26.13 37.21
C MET E 238 -6.96 25.03 37.87
N LEU E 239 -6.97 23.84 37.26
CA LEU E 239 -7.73 22.74 37.84
C LEU E 239 -7.13 22.34 39.18
N LEU E 240 -5.80 22.29 39.30
CA LEU E 240 -5.19 21.88 40.57
C LEU E 240 -5.43 22.89 41.67
N HIS E 241 -5.57 24.18 41.34
CA HIS E 241 -5.81 25.20 42.34
C HIS E 241 -7.29 25.45 42.59
N SER E 242 -8.16 24.71 41.93
CA SER E 242 -9.59 24.92 42.05
C SER E 242 -10.26 23.74 42.76
N GLU E 243 -11.29 24.04 43.52
CA GLU E 243 -12.14 22.96 44.01
C GLU E 243 -13.18 22.55 42.97
N GLN E 244 -13.17 23.19 41.81
CA GLN E 244 -14.26 23.06 40.85
C GLN E 244 -14.08 21.85 39.93
N HIS E 245 -15.20 21.30 39.50
CA HIS E 245 -15.22 20.24 38.52
C HIS E 245 -14.64 20.75 37.20
N PRO E 246 -13.90 19.93 36.46
CA PRO E 246 -13.38 20.39 35.16
C PRO E 246 -14.47 20.81 34.20
N GLY E 247 -15.67 20.23 34.33
CA GLY E 247 -16.78 20.67 33.51
C GLY E 247 -17.26 22.06 33.86
N GLN E 248 -17.24 22.41 35.15
CA GLN E 248 -17.55 23.77 35.55
C GLN E 248 -16.52 24.76 35.01
N LEU E 249 -15.23 24.37 34.99
CA LEU E 249 -14.24 25.26 34.40
C LEU E 249 -14.45 25.40 32.91
N LYS E 250 -14.77 24.29 32.24
CA LYS E 250 -15.17 24.31 30.83
C LYS E 250 -16.34 25.26 30.62
N ASP E 251 -17.37 25.20 31.49
CA ASP E 251 -18.50 26.11 31.37
C ASP E 251 -18.04 27.56 31.55
N ASN E 252 -17.18 27.81 32.56
CA ASN E 252 -16.78 29.18 32.87
C ASN E 252 -16.16 29.87 31.66
N VAL E 253 -15.40 29.12 30.86
CA VAL E 253 -14.60 29.73 29.81
C VAL E 253 -15.23 29.63 28.41
N SER E 254 -16.45 29.10 28.30
CA SER E 254 -17.13 28.96 27.00
C SER E 254 -18.26 29.99 26.89
N SER E 255 -17.96 31.15 26.28
CA SER E 255 -18.99 32.17 26.15
C SER E 255 -20.03 31.75 25.11
N PRO E 256 -21.29 32.15 25.29
CA PRO E 256 -22.34 31.78 24.33
C PRO E 256 -22.00 32.20 22.90
N GLY E 257 -22.24 31.27 21.95
CA GLY E 257 -21.99 31.49 20.54
C GLY E 257 -20.53 31.66 20.14
N GLY E 258 -19.58 31.51 21.08
CA GLY E 258 -18.21 31.91 20.84
C GLY E 258 -17.37 30.86 20.13
N ALA E 259 -16.09 31.20 19.98
CA ALA E 259 -15.15 30.34 19.27
C ALA E 259 -14.91 29.05 20.05
N THR E 260 -14.86 29.15 21.37
CA THR E 260 -14.48 27.99 22.16
C THR E 260 -15.58 26.93 22.11
N ILE E 261 -16.84 27.33 22.33
CA ILE E 261 -17.92 26.34 22.28
C ILE E 261 -18.06 25.73 20.88
N HIS E 262 -17.76 26.49 19.82
CA HIS E 262 -17.75 25.85 18.49
C HIS E 262 -16.67 24.78 18.41
N ALA E 263 -15.49 25.05 18.96
CA ALA E 263 -14.41 24.06 18.88
C ALA E 263 -14.73 22.83 19.72
N LEU E 264 -15.34 23.03 20.90
CA LEU E 264 -15.69 21.88 21.73
C LEU E 264 -16.69 20.97 21.01
N HIS E 265 -17.61 21.55 20.22
CA HIS E 265 -18.54 20.72 19.45
C HIS E 265 -17.78 19.77 18.54
N VAL E 266 -16.78 20.27 17.81
CA VAL E 266 -16.11 19.36 16.88
C VAL E 266 -15.29 18.31 17.62
N LEU E 267 -14.80 18.60 18.83
CA LEU E 267 -14.17 17.53 19.64
C LEU E 267 -15.19 16.47 20.01
N GLU E 268 -16.35 16.91 20.54
CA GLU E 268 -17.43 15.99 20.84
C GLU E 268 -17.80 15.14 19.65
N SER E 269 -17.86 15.74 18.46
CA SER E 269 -18.34 14.99 17.29
C SER E 269 -17.40 13.85 16.92
N GLY E 270 -16.12 13.98 17.24
CA GLY E 270 -15.18 12.89 17.05
C GLY E 270 -15.06 11.92 18.23
N GLY E 271 -15.88 12.03 19.26
CA GLY E 271 -15.72 11.20 20.44
C GLY E 271 -14.41 11.40 21.17
N PHE E 272 -13.92 12.64 21.21
CA PHE E 272 -12.65 12.99 21.87
C PHE E 272 -12.56 12.41 23.28
N ARG E 273 -13.61 12.61 24.08
CA ARG E 273 -13.63 12.06 25.43
C ARG E 273 -13.43 10.56 25.43
N SER E 274 -14.15 9.85 24.55
CA SER E 274 -14.05 8.39 24.56
C SER E 274 -12.65 7.91 24.16
N LEU E 275 -11.93 8.68 23.36
CA LEU E 275 -10.58 8.26 22.97
C LEU E 275 -9.66 8.24 24.18
N LEU E 276 -9.75 9.26 25.01
CA LEU E 276 -8.95 9.34 26.23
C LEU E 276 -9.36 8.26 27.24
N ILE E 277 -10.66 7.98 27.37
CA ILE E 277 -11.07 6.82 28.17
C ILE E 277 -10.45 5.53 27.60
N ASN E 278 -10.56 5.36 26.28
CA ASN E 278 -9.95 4.22 25.58
C ASN E 278 -8.48 4.06 25.94
N ALA E 279 -7.76 5.17 25.94
CA ALA E 279 -6.32 5.18 26.19
C ALA E 279 -5.99 4.73 27.61
N VAL E 280 -6.60 5.35 28.61
CA VAL E 280 -6.38 4.91 29.99
C VAL E 280 -6.69 3.41 30.12
N GLU E 281 -7.85 2.98 29.59
CA GLU E 281 -8.20 1.57 29.65
C GLU E 281 -7.12 0.69 29.01
N ALA E 282 -6.65 1.09 27.83
CA ALA E 282 -5.73 0.25 27.07
C ALA E 282 -4.39 0.16 27.77
N SER E 283 -3.91 1.27 28.33
CA SER E 283 -2.64 1.24 29.03
C SER E 283 -2.76 0.43 30.31
N CYS E 284 -3.84 0.60 31.07
CA CYS E 284 -4.08 -0.20 32.26
C CYS E 284 -4.13 -1.70 31.94
N ILE E 285 -4.84 -2.06 30.86
CA ILE E 285 -4.99 -3.47 30.53
C ILE E 285 -3.65 -4.08 30.10
N ARG E 286 -2.88 -3.34 29.30
CA ARG E 286 -1.53 -3.81 28.95
C ARG E 286 -0.69 -4.01 30.21
N THR E 287 -0.81 -3.12 31.17
CA THR E 287 -0.04 -3.26 32.41
C THR E 287 -0.43 -4.54 33.12
N ARG E 288 -1.72 -4.87 33.15
CA ARG E 288 -2.14 -6.14 33.74
C ARG E 288 -1.56 -7.33 32.98
N GLU E 289 -1.52 -7.25 31.65
CA GLU E 289 -0.89 -8.33 30.87
C GLU E 289 0.57 -8.50 31.26
N LEU E 290 1.29 -7.39 31.44
CA LEU E 290 2.66 -7.45 31.91
C LEU E 290 2.74 -8.01 33.34
N GLN E 291 1.83 -7.61 34.23
CA GLN E 291 1.81 -8.20 35.59
C GLN E 291 1.63 -9.71 35.52
N SER E 292 0.82 -10.19 34.57
CA SER E 292 0.61 -11.63 34.43
C SER E 292 1.91 -12.35 34.12
N MET E 293 2.75 -11.76 33.27
CA MET E 293 4.04 -12.36 33.01
C MET E 293 4.94 -12.32 34.23
N ALA E 294 4.86 -11.25 35.04
CA ALA E 294 5.64 -11.20 36.28
C ALA E 294 5.24 -12.32 37.24
N ASP E 295 3.97 -12.73 37.23
CA ASP E 295 3.49 -13.74 38.14
C ASP E 295 3.58 -15.16 37.57
N GLN E 296 4.19 -15.32 36.39
CA GLN E 296 4.37 -16.65 35.82
C GLN E 296 5.50 -17.43 36.49
C14 ZRE F . 7.75 -10.99 4.30
C13 ZRE F . 9.11 -10.76 4.31
C12 ZRE F . 10.37 -14.33 4.19
C11 ZRE F . 11.52 -13.95 5.09
C02 ZRE F . 5.73 -12.57 4.24
C04 ZRE F . 7.21 -12.30 4.26
C05 ZRE F . 8.05 -13.40 4.23
C06 ZRE F . 9.43 -13.15 4.24
C07 ZRE F . 9.96 -11.87 4.27
C09 ZRE F . 12.32 -12.72 4.72
F15 ZRE F . 6.95 -9.89 4.34
N08 ZRE F . 11.42 -11.65 4.28
O01 ZRE F . 5.24 -13.56 4.85
O03 ZRE F . 5.00 -11.77 3.62
O10 ZRE F . 13.50 -12.68 4.81
S SO4 G . 4.35 24.05 1.65
O1 SO4 G . 4.33 25.14 0.67
O2 SO4 G . 2.98 23.67 1.99
O3 SO4 G . 5.03 22.91 1.04
O4 SO4 G . 5.07 24.49 2.85
S SO4 H . -11.74 9.15 -18.92
O1 SO4 H . -12.02 9.96 -20.10
O2 SO4 H . -12.02 9.96 -17.74
O3 SO4 H . -12.58 7.95 -18.91
O4 SO4 H . -10.35 8.71 -18.90
C14 ZRE I . -13.29 7.34 -20.22
C13 ZRE I . -13.83 6.86 -21.39
C12 ZRE I . -13.58 9.92 -23.64
C11 ZRE I . -13.27 9.06 -24.87
C02 ZRE I . -12.23 9.05 -18.75
C04 ZRE I . -12.83 8.65 -20.10
C05 ZRE I . -12.91 9.52 -21.19
C06 ZRE I . -13.46 9.03 -22.39
C07 ZRE I . -13.89 7.73 -22.51
C09 ZRE I . -14.22 7.89 -25.05
F15 ZRE I . -13.19 6.52 -19.13
N08 ZRE I . -14.48 7.23 -23.78
O01 ZRE I . -11.00 9.24 -18.64
O03 ZRE I . -12.96 9.15 -17.73
O10 ZRE I . -14.67 7.56 -26.11
S SO4 J . -22.07 -21.62 -2.51
O1 SO4 J . -21.27 -21.08 -3.62
O2 SO4 J . -23.48 -21.72 -2.88
O3 SO4 J . -21.55 -22.95 -2.17
O4 SO4 J . -22.01 -20.70 -1.38
S SO4 K . -14.39 32.32 23.74
O1 SO4 K . -14.27 33.64 23.14
O2 SO4 K . -15.27 32.31 24.90
O3 SO4 K . -14.92 31.40 22.75
O4 SO4 K . -13.05 31.88 24.17
C1 PEG L . -0.90 32.60 41.46
O1 PEG L . -1.92 33.58 41.34
C2 PEG L . -1.46 31.25 41.84
O2 PEG L . -0.42 30.27 41.82
C3 PEG L . 0.19 30.05 43.09
C4 PEG L . 1.43 29.23 42.93
O4 PEG L . 2.27 29.75 41.90
#